data_5T05
#
_entry.id   5T05
#
_cell.length_a   75.785
_cell.length_b   128.161
_cell.length_c   178.711
_cell.angle_alpha   90.00
_cell.angle_beta   90.00
_cell.angle_gamma   90.00
#
_symmetry.space_group_name_H-M   'P 21 21 21'
#
loop_
_entity.id
_entity.type
_entity.pdbx_description
1 polymer 'maltose binding protein - heparan sulfate 6-O-sulfotransferase isoform 3 fusion protein'
2 branched '2-deoxy-2-(sulfoamino)-alpha-D-glucopyranose-(1-4)-beta-D-glucopyranuronic acid-(1-4)-2-deoxy-2-(sulfoamino)-alpha-D-glucopyranose-(1-4)-2-O-sulfo-alpha-L-idopyranuronic acid-(1-4)-2-deoxy-2-(sulfoamino)-alpha-D-glucopyranose-(1-4)-beta-D-glucopyranuronic acid'
3 branched alpha-D-glucopyranose-(1-4)-alpha-D-glucopyranose-(1-4)-alpha-D-glucopyranose-(1-4)-alpha-D-glucopyranose
4 non-polymer "ADENOSINE-3'-5'-DIPHOSPHATE"
5 non-polymer P-NITROPHENOL
6 non-polymer 1,2-ETHANEDIOL
7 non-polymer 'CHLORIDE ION'
8 non-polymer 'SODIUM ION'
9 non-polymer 'L(+)-TARTARIC ACID'
10 water water
#
_entity_poly.entity_id   1
_entity_poly.type   'polypeptide(L)'
_entity_poly.pdbx_seq_one_letter_code
;MKIEEGKLVIWINGDKGYNGLAEVGKKFEKDTGIKVTVEHPDKLEEKFPQVAATGDGPDIIFWAHDRFGGYAQSGLLAEI
TPAAAFQDKLYPFTWDAVRYNGKLIAYPIAVEALSLIYNKDLLPNPPKTWEEIPALDKELKAKGKSALMFNLQEPYFTWP
LIAADGGYAFKYAAGKYDIKDVGVDNAGAKAGLTFLVDLIKNKHMNADTDYSIAEAAFNKGETAMTINGPWAWSNIDTSA
VNYGVTVLPTFKGQPSKPFVGVLSAGINAASPNKELAKEFLENYLLTDEGLEAVNKDKPLGAVALKSYEEELAKDPRIAA
TMENAQKGEIMPNIPQMSAFWYAVRTAVINAASGRQTVDAALAAAQTNAAAKFNFTERDLTRDVDFNIKGDDVIVFLHIQ
KTGGTTFGRHLVRNIRLEQPCDCKAGQKKCTCHRPGKQESWLFSRFSTGWSCGLHADWTELTNCVPVIMDKRQPPKRKRN
FYYITMLRDPVSRYLSEWKHVQRGATWKTSLHMCDGRSPTQDELPTCYNGDDWSGVTLHDFMDCPSNLANNRQVRMLADL
SLVGCYNLSTMNESERNPILLASAKSNLKNMAFYGLTEFQRKTQYLFERTFHLRFISAFTQINSTRAANVELRDDMRSRI
EQLNMLDMQLYEFAKDLFLQRYQFVRQRERQEERLKRREERRWIRERRVNQS
;
_entity_poly.pdbx_strand_id   A,B
#
loop_
_chem_comp.id
_chem_comp.type
_chem_comp.name
_chem_comp.formula
A3P RNA linking ADENOSINE-3'-5'-DIPHOSPHATE 'C10 H15 N5 O10 P2'
BDP D-saccharide, beta linking 'beta-D-glucopyranuronic acid' 'C6 H10 O7'
CL non-polymer 'CHLORIDE ION' 'Cl -1'
EDO non-polymer 1,2-ETHANEDIOL 'C2 H6 O2'
GLC D-saccharide, alpha linking alpha-D-glucopyranose 'C6 H12 O6'
GNS D-saccharide, alpha linking 2-deoxy-2-(sulfoamino)-alpha-D-glucopyranose 'C6 H13 N O8 S'
IDS L-saccharide, alpha linking '2-O-sulfo-alpha-L-idopyranuronic acid' 'C6 H10 O10 S'
NA non-polymer 'SODIUM ION' 'Na 1'
NPO non-polymer P-NITROPHENOL 'C6 H5 N O3'
TLA non-polymer 'L(+)-TARTARIC ACID' 'C4 H6 O6'
#
# COMPACT_ATOMS: atom_id res chain seq x y z
N ILE A 3 26.38 -28.11 -13.59
CA ILE A 3 25.99 -28.76 -12.35
C ILE A 3 25.74 -30.24 -12.61
N GLU A 4 26.47 -31.11 -11.89
CA GLU A 4 26.34 -32.56 -12.09
C GLU A 4 25.19 -33.14 -11.27
N GLU A 5 24.43 -34.02 -11.92
CA GLU A 5 23.37 -34.76 -11.22
C GLU A 5 24.00 -35.86 -10.35
N GLY A 6 23.42 -36.10 -9.18
CA GLY A 6 23.94 -37.08 -8.25
C GLY A 6 25.02 -36.56 -7.33
N LYS A 7 25.33 -35.26 -7.40
CA LYS A 7 26.31 -34.60 -6.53
C LYS A 7 25.72 -33.27 -6.04
N LEU A 8 26.19 -32.78 -4.89
CA LEU A 8 25.87 -31.42 -4.41
C LEU A 8 27.10 -30.52 -4.34
N VAL A 9 26.94 -29.30 -4.88
CA VAL A 9 27.94 -28.25 -4.74
C VAL A 9 27.32 -27.11 -3.93
N ILE A 10 28.05 -26.66 -2.92
CA ILE A 10 27.57 -25.69 -1.97
C ILE A 10 28.50 -24.50 -1.96
N TRP A 11 27.92 -23.30 -2.02
CA TRP A 11 28.68 -22.06 -1.83
C TRP A 11 28.34 -21.41 -0.52
N ILE A 12 29.38 -21.02 0.21
CA ILE A 12 29.20 -20.29 1.44
C ILE A 12 30.35 -19.32 1.58
N ASN A 13 30.08 -18.21 2.26
CA ASN A 13 31.08 -17.16 2.39
C ASN A 13 32.31 -17.60 3.20
N GLY A 14 33.46 -17.00 2.90
CA GLY A 14 34.73 -17.37 3.52
C GLY A 14 34.89 -17.02 4.99
N ASP A 15 33.95 -16.24 5.56
CA ASP A 15 33.98 -15.95 7.00
C ASP A 15 33.11 -16.89 7.84
N LYS A 16 32.47 -17.86 7.19
CA LYS A 16 31.57 -18.81 7.85
C LYS A 16 32.29 -20.16 8.08
N GLY A 17 31.64 -21.05 8.81
CA GLY A 17 32.26 -22.31 9.19
C GLY A 17 32.23 -23.36 8.10
N TYR A 18 32.96 -23.10 7.03
CA TYR A 18 32.87 -23.96 5.86
C TYR A 18 33.53 -25.34 6.08
N ASN A 19 34.55 -25.41 6.93
CA ASN A 19 35.10 -26.73 7.29
C ASN A 19 34.09 -27.56 8.06
N GLY A 20 33.36 -26.94 8.98
CA GLY A 20 32.28 -27.63 9.66
C GLY A 20 31.17 -28.08 8.75
N LEU A 21 30.81 -27.23 7.80
CA LEU A 21 29.76 -27.60 6.86
C LEU A 21 30.23 -28.79 6.05
N ALA A 22 31.52 -28.79 5.71
CA ALA A 22 32.09 -29.90 4.94
C ALA A 22 31.92 -31.22 5.72
N GLU A 23 32.09 -31.17 7.05
CA GLU A 23 31.90 -32.37 7.88
C GLU A 23 30.48 -32.88 7.75
N VAL A 24 29.50 -31.98 7.81
CA VAL A 24 28.12 -32.35 7.56
C VAL A 24 27.98 -33.01 6.19
N GLY A 25 28.66 -32.46 5.19
CA GLY A 25 28.65 -33.06 3.86
C GLY A 25 29.22 -34.48 3.86
N LYS A 26 30.30 -34.71 4.59
CA LYS A 26 30.89 -36.05 4.68
C LYS A 26 29.95 -37.07 5.36
N LYS A 27 29.21 -36.63 6.38
CA LYS A 27 28.22 -37.55 6.99
C LYS A 27 27.13 -37.93 5.99
N PHE A 28 26.66 -36.94 5.24
CA PHE A 28 25.67 -37.15 4.19
C PHE A 28 26.20 -38.11 3.14
N GLU A 29 27.45 -37.94 2.76
CA GLU A 29 28.06 -38.85 1.80
C GLU A 29 28.16 -40.26 2.37
N LYS A 30 28.58 -40.38 3.63
CA LYS A 30 28.66 -41.68 4.28
C LYS A 30 27.31 -42.37 4.21
N ASP A 31 26.27 -41.66 4.61
CA ASP A 31 24.91 -42.21 4.65
C ASP A 31 24.23 -42.45 3.29
N THR A 32 24.70 -41.78 2.23
CA THR A 32 23.96 -41.79 0.96
C THR A 32 24.80 -42.04 -0.28
N GLY A 33 26.12 -42.00 -0.17
CA GLY A 33 26.97 -42.14 -1.36
C GLY A 33 26.99 -40.89 -2.25
N ILE A 34 26.23 -39.87 -1.88
CA ILE A 34 26.22 -38.60 -2.61
C ILE A 34 27.32 -37.68 -2.10
N LYS A 35 28.23 -37.31 -2.97
CA LYS A 35 29.30 -36.39 -2.60
C LYS A 35 28.76 -34.97 -2.42
N VAL A 36 29.28 -34.28 -1.42
CA VAL A 36 29.00 -32.87 -1.20
C VAL A 36 30.29 -32.09 -1.25
N THR A 37 30.36 -31.13 -2.18
CA THR A 37 31.51 -30.24 -2.29
C THR A 37 31.17 -28.82 -1.77
N VAL A 38 31.87 -28.42 -0.72
CA VAL A 38 31.77 -27.06 -0.20
C VAL A 38 32.84 -26.18 -0.83
N GLU A 39 32.45 -24.96 -1.22
CA GLU A 39 33.36 -23.97 -1.78
C GLU A 39 33.06 -22.57 -1.21
N HIS A 40 34.07 -21.71 -1.15
CA HIS A 40 33.88 -20.33 -0.71
C HIS A 40 34.51 -19.36 -1.67
N PRO A 41 33.96 -19.24 -2.90
CA PRO A 41 34.51 -18.31 -3.89
C PRO A 41 34.39 -16.86 -3.46
N ASP A 42 35.33 -16.03 -3.88
CA ASP A 42 35.24 -14.61 -3.64
C ASP A 42 34.00 -14.07 -4.33
N LYS A 43 33.36 -13.07 -3.73
CA LYS A 43 32.21 -12.40 -4.33
C LYS A 43 31.15 -13.38 -4.80
N LEU A 44 30.91 -14.43 -4.02
CA LEU A 44 29.98 -15.48 -4.48
C LEU A 44 28.58 -14.90 -4.70
N GLU A 45 28.24 -13.88 -3.93
CA GLU A 45 26.91 -13.27 -3.98
C GLU A 45 26.70 -12.44 -5.27
N GLU A 46 27.79 -12.06 -5.91
CA GLU A 46 27.73 -11.39 -7.22
C GLU A 46 27.85 -12.41 -8.35
N LYS A 47 28.61 -13.48 -8.11
CA LYS A 47 28.80 -14.51 -9.10
C LYS A 47 27.52 -15.30 -9.31
N PHE A 48 26.78 -15.52 -8.23
CA PHE A 48 25.63 -16.42 -8.29
C PHE A 48 24.64 -15.99 -9.35
N PRO A 49 24.23 -14.72 -9.37
CA PRO A 49 23.25 -14.34 -10.41
C PRO A 49 23.86 -14.32 -11.81
N GLN A 50 25.17 -14.12 -11.90
CA GLN A 50 25.84 -14.17 -13.19
C GLN A 50 25.86 -15.59 -13.78
N VAL A 51 26.06 -16.62 -12.97
CA VAL A 51 26.19 -18.00 -13.46
C VAL A 51 24.97 -18.92 -13.26
N ALA A 52 24.21 -18.68 -12.20
CA ALA A 52 23.01 -19.49 -11.98
C ALA A 52 22.13 -19.40 -13.21
N ALA A 53 22.08 -18.19 -13.77
CA ALA A 53 21.21 -17.90 -14.90
C ALA A 53 21.54 -18.80 -16.10
N THR A 54 22.83 -19.11 -16.28
CA THR A 54 23.26 -20.20 -17.18
C THR A 54 23.00 -21.55 -16.49
N GLY A 55 23.97 -22.47 -16.56
CA GLY A 55 23.86 -23.76 -15.89
C GLY A 55 25.10 -24.19 -15.11
N ASP A 56 25.93 -23.22 -14.74
CA ASP A 56 26.97 -23.45 -13.77
C ASP A 56 26.37 -23.11 -12.39
N GLY A 57 27.23 -22.80 -11.43
CA GLY A 57 26.77 -22.38 -10.13
C GLY A 57 26.57 -23.55 -9.21
N PRO A 58 26.33 -23.24 -7.93
CA PRO A 58 26.15 -24.30 -6.93
C PRO A 58 24.70 -24.80 -6.87
N ASP A 59 24.52 -25.99 -6.29
CA ASP A 59 23.18 -26.47 -5.98
C ASP A 59 22.52 -25.70 -4.85
N ILE A 60 23.34 -25.26 -3.88
CA ILE A 60 22.89 -24.55 -2.70
C ILE A 60 23.80 -23.33 -2.52
N ILE A 61 23.19 -22.17 -2.28
CA ILE A 61 23.94 -20.94 -2.01
C ILE A 61 23.57 -20.43 -0.62
N PHE A 62 24.58 -20.21 0.20
CA PHE A 62 24.44 -19.57 1.51
C PHE A 62 24.79 -18.09 1.45
N TRP A 63 23.92 -17.24 2.01
CA TRP A 63 24.25 -15.83 2.25
C TRP A 63 23.22 -15.28 3.24
N ALA A 64 23.43 -14.10 3.77
CA ALA A 64 22.37 -13.48 4.57
C ALA A 64 21.17 -13.29 3.64
N HIS A 65 19.98 -13.20 4.23
CA HIS A 65 18.74 -13.25 3.46
C HIS A 65 18.52 -12.00 2.60
N ASP A 66 19.24 -10.91 2.85
CA ASP A 66 19.01 -9.68 2.08
C ASP A 66 19.25 -9.81 0.59
N ARG A 67 20.10 -10.75 0.17
CA ARG A 67 20.39 -10.94 -1.24
C ARG A 67 19.33 -11.77 -2.00
N PHE A 68 18.47 -12.51 -1.28
CA PHE A 68 17.68 -13.57 -1.89
C PHE A 68 16.43 -13.06 -2.61
N GLY A 69 15.85 -11.95 -2.17
CA GLY A 69 14.74 -11.40 -2.95
C GLY A 69 15.16 -11.11 -4.38
N GLY A 70 16.33 -10.49 -4.56
CA GLY A 70 16.84 -10.23 -5.89
C GLY A 70 17.03 -11.51 -6.68
N TYR A 71 17.61 -12.53 -6.06
CA TYR A 71 17.76 -13.81 -6.76
C TYR A 71 16.35 -14.37 -7.11
N ALA A 72 15.40 -14.27 -6.18
CA ALA A 72 14.08 -14.88 -6.43
C ALA A 72 13.34 -14.16 -7.56
N GLN A 73 13.43 -12.84 -7.55
CA GLN A 73 12.78 -12.00 -8.56
C GLN A 73 13.31 -12.34 -9.94
N SER A 74 14.57 -12.77 -10.00
CA SER A 74 15.16 -13.20 -11.26
C SER A 74 14.91 -14.67 -11.58
N GLY A 75 14.12 -15.36 -10.77
CA GLY A 75 13.82 -16.75 -11.05
C GLY A 75 14.97 -17.72 -10.85
N LEU A 76 15.90 -17.37 -9.98
CA LEU A 76 17.09 -18.19 -9.80
C LEU A 76 16.99 -19.21 -8.67
N LEU A 77 15.97 -19.11 -7.84
CA LEU A 77 15.82 -19.97 -6.65
C LEU A 77 14.59 -20.89 -6.79
N ALA A 78 14.74 -22.12 -6.31
CA ALA A 78 13.60 -23.01 -6.17
C ALA A 78 12.74 -22.63 -4.96
N GLU A 79 11.42 -22.66 -5.12
CA GLU A 79 10.57 -22.46 -3.95
C GLU A 79 10.84 -23.64 -3.04
N ILE A 80 10.95 -23.40 -1.74
CA ILE A 80 11.21 -24.52 -0.85
C ILE A 80 9.87 -24.97 -0.25
N THR A 81 9.77 -26.28 -0.01
CA THR A 81 8.51 -26.97 0.28
C THR A 81 8.56 -27.77 1.59
N PRO A 82 8.91 -27.13 2.71
CA PRO A 82 9.03 -27.87 3.97
C PRO A 82 7.66 -28.23 4.56
N ALA A 83 7.48 -29.47 4.99
CA ALA A 83 6.25 -29.89 5.65
C ALA A 83 6.03 -29.03 6.86
N ALA A 84 4.77 -28.89 7.28
CA ALA A 84 4.45 -28.08 8.45
C ALA A 84 5.24 -28.54 9.68
N ALA A 85 5.52 -29.85 9.73
CA ALA A 85 6.21 -30.42 10.86
C ALA A 85 7.61 -29.81 10.92
N PHE A 86 8.31 -29.85 9.79
CA PHE A 86 9.63 -29.22 9.73
C PHE A 86 9.59 -27.71 10.00
N GLN A 87 8.63 -27.00 9.42
CA GLN A 87 8.55 -25.56 9.64
C GLN A 87 8.44 -25.19 11.10
N ASP A 88 7.70 -25.98 11.86
CA ASP A 88 7.61 -25.69 13.29
C ASP A 88 8.91 -25.93 14.05
N LYS A 89 9.89 -26.62 13.44
CA LYS A 89 11.17 -26.82 14.11
C LYS A 89 12.01 -25.53 14.16
N LEU A 90 11.72 -24.59 13.27
CA LEU A 90 12.45 -23.30 13.26
C LEU A 90 11.57 -22.13 13.68
N TYR A 91 12.20 -21.12 14.26
CA TYR A 91 11.47 -19.91 14.63
C TYR A 91 10.82 -19.18 13.43
N PRO A 92 9.58 -18.69 13.66
CA PRO A 92 8.82 -18.05 12.58
C PRO A 92 9.46 -16.72 12.13
N PHE A 93 10.02 -15.97 13.06
CA PHE A 93 10.89 -14.82 12.82
C PHE A 93 11.82 -15.08 11.62
N THR A 94 12.35 -16.30 11.55
CA THR A 94 13.42 -16.58 10.59
C THR A 94 12.88 -16.99 9.26
N TRP A 95 11.74 -17.69 9.25
CA TRP A 95 11.00 -17.97 8.00
C TRP A 95 10.51 -16.66 7.32
N ASP A 96 10.08 -15.70 8.13
CA ASP A 96 9.70 -14.37 7.64
C ASP A 96 10.84 -13.73 6.84
N ALA A 97 12.07 -13.92 7.32
CA ALA A 97 13.24 -13.34 6.66
C ALA A 97 13.39 -13.89 5.25
N VAL A 98 12.94 -15.13 5.03
CA VAL A 98 13.16 -15.80 3.77
C VAL A 98 11.88 -15.95 2.94
N ARG A 99 10.86 -15.16 3.27
CA ARG A 99 9.64 -15.16 2.46
C ARG A 99 9.67 -13.99 1.48
N TYR A 100 9.41 -14.28 0.20
CA TYR A 100 9.43 -13.26 -0.85
C TYR A 100 8.20 -13.43 -1.74
N ASN A 101 7.41 -12.36 -1.83
CA ASN A 101 6.17 -12.39 -2.61
C ASN A 101 5.32 -13.62 -2.24
N GLY A 102 5.15 -13.84 -0.95
CA GLY A 102 4.32 -14.93 -0.44
C GLY A 102 4.94 -16.31 -0.39
N LYS A 103 6.10 -16.50 -1.02
CA LYS A 103 6.72 -17.81 -1.15
C LYS A 103 8.01 -17.91 -0.32
N LEU A 104 8.30 -19.09 0.23
CA LEU A 104 9.55 -19.29 0.95
C LEU A 104 10.60 -19.62 -0.10
N ILE A 105 11.71 -18.87 -0.09
CA ILE A 105 12.75 -19.02 -1.12
C ILE A 105 14.11 -19.49 -0.59
N ALA A 106 14.20 -19.80 0.71
CA ALA A 106 15.42 -20.40 1.25
C ALA A 106 15.10 -21.01 2.60
N TYR A 107 16.08 -21.74 3.15
CA TYR A 107 16.04 -22.19 4.53
C TYR A 107 16.82 -21.28 5.43
N PRO A 108 16.18 -20.75 6.48
CA PRO A 108 16.92 -19.95 7.46
C PRO A 108 17.84 -20.84 8.28
N ILE A 109 19.03 -20.34 8.64
CA ILE A 109 20.00 -21.11 9.39
C ILE A 109 20.28 -20.47 10.72
N ALA A 110 20.60 -19.18 10.70
CA ALA A 110 20.99 -18.49 11.90
C ALA A 110 20.82 -16.99 11.83
N VAL A 111 20.54 -16.39 12.99
CA VAL A 111 20.45 -14.94 13.14
C VAL A 111 21.76 -14.32 13.59
N GLU A 112 22.19 -13.32 12.83
CA GLU A 112 23.45 -12.61 13.07
C GLU A 112 23.15 -11.16 13.33
N ALA A 113 23.83 -10.62 14.34
CA ALA A 113 23.89 -9.19 14.54
C ALA A 113 25.27 -8.86 15.07
N LEU A 114 25.72 -7.67 14.72
CA LEU A 114 26.94 -7.13 15.24
C LEU A 114 26.81 -6.78 16.73
N SER A 115 27.90 -7.01 17.46
CA SER A 115 28.05 -6.56 18.85
C SER A 115 29.37 -5.83 19.07
N LEU A 116 29.44 -5.16 20.21
CA LEU A 116 30.66 -4.55 20.67
C LEU A 116 31.50 -5.61 21.38
N ILE A 117 32.73 -5.80 20.93
CA ILE A 117 33.61 -6.84 21.48
C ILE A 117 34.74 -6.14 22.13
N TYR A 118 35.04 -6.47 23.40
CA TYR A 118 36.07 -5.75 24.13
C TYR A 118 37.03 -6.69 24.88
N ASN A 119 38.23 -6.19 25.03
CA ASN A 119 39.31 -6.90 25.67
C ASN A 119 39.29 -6.59 27.18
N LYS A 120 38.90 -7.56 27.98
CA LYS A 120 38.79 -7.35 29.42
C LYS A 120 40.07 -7.04 30.14
N ASP A 121 41.22 -7.25 29.49
CA ASP A 121 42.51 -6.99 30.09
C ASP A 121 42.95 -5.59 29.86
N LEU A 122 42.26 -4.89 28.96
CA LEU A 122 42.55 -3.49 28.72
C LEU A 122 41.42 -2.61 29.26
N LEU A 123 40.22 -3.17 29.36
CA LEU A 123 39.03 -2.36 29.47
C LEU A 123 37.97 -3.25 30.05
N PRO A 124 37.98 -3.41 31.38
CA PRO A 124 37.04 -4.36 32.02
C PRO A 124 35.57 -3.89 32.02
N ASN A 125 35.33 -2.58 31.91
CA ASN A 125 33.97 -2.08 31.69
C ASN A 125 33.89 -1.31 30.37
N PRO A 126 33.19 -1.86 29.39
CA PRO A 126 33.18 -1.10 28.13
C PRO A 126 32.29 0.16 28.19
N PRO A 127 32.58 1.17 27.37
CA PRO A 127 31.75 2.37 27.28
C PRO A 127 30.31 2.08 26.83
N LYS A 128 29.35 2.80 27.39
CA LYS A 128 27.98 2.64 26.97
C LYS A 128 27.59 3.57 25.81
N THR A 129 28.37 4.62 25.58
CA THR A 129 28.05 5.60 24.57
C THR A 129 29.18 5.77 23.58
N TRP A 130 28.82 6.05 22.33
CA TRP A 130 29.83 6.44 21.34
C TRP A 130 30.54 7.70 21.80
N GLU A 131 29.79 8.58 22.43
CA GLU A 131 30.32 9.88 22.78
C GLU A 131 31.55 9.80 23.70
N GLU A 132 31.63 8.77 24.53
CA GLU A 132 32.77 8.66 25.45
C GLU A 132 34.02 8.02 24.80
N ILE A 133 33.92 7.66 23.53
CA ILE A 133 35.03 6.93 22.90
C ILE A 133 36.26 7.82 22.67
N PRO A 134 36.06 9.08 22.25
CA PRO A 134 37.24 9.93 22.09
C PRO A 134 38.03 10.11 23.37
N ALA A 135 37.39 10.39 24.50
CA ALA A 135 38.14 10.51 25.77
C ALA A 135 38.90 9.22 26.07
N LEU A 136 38.20 8.10 25.94
CA LEU A 136 38.77 6.81 26.22
C LEU A 136 39.99 6.55 25.33
N ASP A 137 39.89 6.92 24.06
CA ASP A 137 40.99 6.69 23.14
C ASP A 137 42.18 7.50 23.61
N LYS A 138 41.95 8.73 24.07
CA LYS A 138 43.06 9.58 24.45
C LYS A 138 43.83 8.94 25.62
N GLU A 139 43.10 8.35 26.55
CA GLU A 139 43.74 7.61 27.63
C GLU A 139 44.56 6.44 27.09
N LEU A 140 43.97 5.67 26.19
CA LEU A 140 44.63 4.46 25.73
C LEU A 140 45.84 4.78 24.89
N LYS A 141 45.81 5.88 24.14
CA LYS A 141 46.93 6.24 23.30
C LYS A 141 48.14 6.58 24.15
N ALA A 142 47.90 7.12 25.35
CA ALA A 142 48.99 7.39 26.27
C ALA A 142 49.68 6.08 26.71
N LYS A 143 49.01 4.95 26.49
CA LYS A 143 49.53 3.64 26.88
C LYS A 143 49.93 2.85 25.66
N GLY A 144 50.00 3.49 24.50
CA GLY A 144 50.42 2.82 23.28
C GLY A 144 49.34 1.95 22.65
N LYS A 145 48.08 2.24 22.97
CA LYS A 145 46.94 1.49 22.45
C LYS A 145 45.82 2.38 21.93
N SER A 146 44.80 1.79 21.33
CA SER A 146 43.69 2.59 20.86
C SER A 146 42.42 2.02 21.42
N ALA A 147 41.37 2.83 21.41
CA ALA A 147 40.08 2.41 21.96
C ALA A 147 39.35 1.44 21.05
N LEU A 148 39.28 1.73 19.75
CA LEU A 148 38.37 1.03 18.85
C LEU A 148 38.88 0.93 17.40
N MET A 149 38.82 -0.29 16.86
CA MET A 149 39.05 -0.48 15.43
C MET A 149 38.05 -1.47 14.91
N PHE A 150 37.42 -1.09 13.80
CA PHE A 150 36.53 -1.99 13.13
C PHE A 150 36.48 -1.66 11.63
N ASN A 151 35.91 -2.55 10.84
CA ASN A 151 35.91 -2.46 9.39
C ASN A 151 35.11 -1.24 8.93
N LEU A 152 35.80 -0.23 8.39
CA LEU A 152 35.14 0.94 7.83
C LEU A 152 34.88 0.83 6.34
N GLN A 153 35.22 -0.29 5.71
CA GLN A 153 35.07 -0.41 4.27
C GLN A 153 33.71 -0.99 3.87
N GLU A 154 33.06 -1.73 4.77
CA GLU A 154 31.80 -2.40 4.44
C GLU A 154 30.71 -1.70 5.25
N PRO A 155 29.66 -1.22 4.56
CA PRO A 155 28.65 -0.38 5.24
C PRO A 155 27.83 -1.13 6.30
N TYR A 156 27.84 -2.45 6.21
CA TYR A 156 27.27 -3.29 7.26
C TYR A 156 27.75 -2.89 8.64
N PHE A 157 29.03 -2.52 8.74
CA PHE A 157 29.68 -2.26 10.02
C PHE A 157 29.46 -0.84 10.53
N THR A 158 29.26 0.11 9.62
CA THR A 158 29.03 1.52 9.98
C THR A 158 27.54 1.86 10.04
N TRP A 159 26.71 1.03 9.41
CA TRP A 159 25.27 1.23 9.44
C TRP A 159 24.62 1.37 10.86
N PRO A 160 25.06 0.60 11.86
CA PRO A 160 24.44 0.69 13.20
C PRO A 160 24.48 2.09 13.76
N LEU A 161 25.60 2.78 13.52
CA LEU A 161 25.76 4.15 13.97
C LEU A 161 24.97 5.12 13.10
N ILE A 162 24.92 4.88 11.81
CA ILE A 162 24.21 5.79 10.91
C ILE A 162 22.71 5.69 11.13
N ALA A 163 22.24 4.52 11.49
CA ALA A 163 20.84 4.31 11.70
C ALA A 163 20.39 4.80 13.07
N ALA A 164 21.32 4.91 14.03
CA ALA A 164 20.97 5.10 15.44
C ALA A 164 20.00 6.29 15.66
N ASP A 165 20.32 7.43 15.07
CA ASP A 165 19.56 8.66 15.28
C ASP A 165 18.54 8.94 14.17
N GLY A 166 18.24 7.95 13.32
CA GLY A 166 17.23 8.10 12.29
C GLY A 166 17.49 7.62 10.87
N GLY A 167 18.75 7.32 10.52
CA GLY A 167 19.00 6.72 9.22
C GLY A 167 18.15 5.46 8.96
N TYR A 168 17.62 5.30 7.75
CA TYR A 168 16.97 4.05 7.34
C TYR A 168 17.27 3.77 5.87
N ALA A 169 17.05 2.54 5.44
CA ALA A 169 17.22 2.18 4.04
C ALA A 169 15.97 2.56 3.24
N PHE A 170 14.90 1.82 3.43
CA PHE A 170 13.65 2.03 2.70
C PHE A 170 12.55 2.12 3.72
N LYS A 171 11.65 3.08 3.55
CA LYS A 171 10.58 3.26 4.52
C LYS A 171 9.59 2.08 4.43
N TYR A 172 9.20 1.51 5.57
CA TYR A 172 8.16 0.47 5.56
C TYR A 172 6.81 1.14 5.74
N ALA A 173 5.96 1.05 4.71
CA ALA A 173 4.71 1.80 4.66
C ALA A 173 3.65 1.02 3.89
N ALA A 174 2.49 0.86 4.52
CA ALA A 174 1.34 0.20 3.88
C ALA A 174 1.69 -1.22 3.44
N GLY A 175 2.26 -2.01 4.35
CA GLY A 175 2.54 -3.42 4.11
C GLY A 175 3.72 -3.76 3.20
N LYS A 176 4.51 -2.76 2.83
CA LYS A 176 5.66 -3.00 1.96
C LYS A 176 6.77 -1.96 2.14
N TYR A 177 7.92 -2.26 1.56
CA TYR A 177 9.03 -1.31 1.54
C TYR A 177 8.84 -0.38 0.33
N ASP A 178 8.83 0.91 0.61
CA ASP A 178 8.63 1.93 -0.41
C ASP A 178 9.99 2.23 -1.04
N ILE A 179 10.23 1.74 -2.24
CA ILE A 179 11.56 1.85 -2.82
C ILE A 179 11.96 3.27 -3.26
N LYS A 180 11.06 4.23 -3.09
CA LYS A 180 11.31 5.60 -3.48
C LYS A 180 11.64 6.42 -2.25
N ASP A 181 11.24 5.91 -1.06
CA ASP A 181 11.47 6.60 0.20
C ASP A 181 12.71 6.02 0.88
N VAL A 182 13.84 6.63 0.58
CA VAL A 182 15.13 6.18 1.06
C VAL A 182 15.60 7.09 2.19
N GLY A 183 16.17 6.53 3.25
CA GLY A 183 16.50 7.30 4.44
C GLY A 183 17.97 7.50 4.73
N VAL A 184 18.78 7.59 3.68
CA VAL A 184 20.22 7.64 3.85
C VAL A 184 20.79 9.03 3.97
N ASP A 185 20.01 10.06 3.61
CA ASP A 185 20.50 11.43 3.79
C ASP A 185 19.64 12.29 4.70
N ASN A 186 18.84 11.69 5.57
CA ASN A 186 18.15 12.48 6.59
C ASN A 186 19.06 12.96 7.70
N ALA A 187 18.49 13.74 8.62
CA ALA A 187 19.28 14.35 9.68
C ALA A 187 19.97 13.30 10.58
N GLY A 188 19.28 12.21 10.87
CA GLY A 188 19.82 11.16 11.74
C GLY A 188 20.99 10.47 11.06
N ALA A 189 20.84 10.15 9.78
CA ALA A 189 21.92 9.52 9.01
C ALA A 189 23.15 10.39 9.00
N LYS A 190 22.96 11.68 8.73
CA LYS A 190 24.07 12.65 8.73
C LYS A 190 24.77 12.83 10.09
N ALA A 191 23.99 12.87 11.16
CA ALA A 191 24.57 12.96 12.50
C ALA A 191 25.42 11.71 12.80
N GLY A 192 24.92 10.52 12.49
CA GLY A 192 25.71 9.31 12.70
C GLY A 192 27.02 9.31 11.91
N LEU A 193 26.92 9.56 10.62
CA LEU A 193 28.11 9.57 9.77
C LEU A 193 29.08 10.68 10.19
N THR A 194 28.54 11.82 10.59
CA THR A 194 29.40 12.94 11.01
C THR A 194 30.20 12.53 12.22
N PHE A 195 29.57 11.82 13.15
CA PHE A 195 30.29 11.32 14.32
C PHE A 195 31.46 10.42 13.93
N LEU A 196 31.24 9.52 12.99
CA LEU A 196 32.29 8.62 12.53
C LEU A 196 33.37 9.40 11.80
N VAL A 197 32.97 10.31 10.92
CA VAL A 197 33.97 11.12 10.21
C VAL A 197 34.78 11.91 11.24
N ASP A 198 34.14 12.37 12.31
CA ASP A 198 34.88 13.19 13.30
C ASP A 198 35.90 12.34 14.06
N LEU A 199 35.51 11.10 14.38
CA LEU A 199 36.44 10.16 15.00
C LEU A 199 37.70 10.06 14.17
N ILE A 200 37.54 9.98 12.85
CA ILE A 200 38.67 9.82 11.97
C ILE A 200 39.48 11.13 11.90
N LYS A 201 38.81 12.28 11.79
CA LYS A 201 39.52 13.56 11.73
C LYS A 201 40.38 13.77 12.97
N ASN A 202 39.86 13.37 14.12
CA ASN A 202 40.55 13.54 15.38
C ASN A 202 41.47 12.38 15.66
N LYS A 203 41.67 11.55 14.64
CA LYS A 203 42.68 10.49 14.69
C LYS A 203 42.43 9.39 15.72
N HIS A 204 41.16 9.19 16.10
CA HIS A 204 40.79 8.04 16.93
C HIS A 204 40.58 6.75 16.10
N MET A 205 40.44 6.90 14.80
CA MET A 205 40.28 5.77 13.89
C MET A 205 40.91 6.20 12.56
N ASN A 206 41.19 5.24 11.70
CA ASN A 206 41.84 5.49 10.41
C ASN A 206 40.89 5.08 9.27
N ALA A 207 40.67 5.97 8.31
CA ALA A 207 39.73 5.68 7.22
C ALA A 207 40.07 4.40 6.44
N ASP A 208 41.32 3.97 6.49
CA ASP A 208 41.73 2.79 5.74
C ASP A 208 41.46 1.46 6.42
N THR A 209 41.09 1.50 7.69
CA THR A 209 40.89 0.26 8.42
C THR A 209 39.81 -0.62 7.77
N ASP A 210 40.15 -1.87 7.50
CA ASP A 210 39.25 -2.84 6.93
C ASP A 210 39.07 -4.05 7.86
N TYR A 211 38.39 -5.09 7.40
CA TYR A 211 38.20 -6.28 8.23
C TYR A 211 39.52 -6.82 8.81
N SER A 212 40.48 -7.12 7.94
CA SER A 212 41.79 -7.69 8.32
C SER A 212 42.56 -6.86 9.31
N ILE A 213 42.65 -5.57 9.05
CA ILE A 213 43.42 -4.68 9.89
C ILE A 213 42.78 -4.58 11.27
N ALA A 214 41.46 -4.47 11.32
CA ALA A 214 40.79 -4.34 12.60
C ALA A 214 40.91 -5.63 13.41
N GLU A 215 40.76 -6.75 12.72
CA GLU A 215 40.84 -8.02 13.38
C GLU A 215 42.23 -8.27 13.92
N ALA A 216 43.25 -7.92 13.13
CA ALA A 216 44.64 -8.20 13.51
C ALA A 216 44.97 -7.41 14.78
N ALA A 217 44.52 -6.15 14.81
CA ALA A 217 44.79 -5.24 15.90
C ALA A 217 44.12 -5.74 17.17
N PHE A 218 42.83 -6.09 17.08
CA PHE A 218 42.15 -6.59 18.25
C PHE A 218 42.78 -7.88 18.77
N ASN A 219 43.05 -8.82 17.88
CA ASN A 219 43.47 -10.13 18.30
C ASN A 219 44.90 -10.10 18.84
N LYS A 220 45.61 -9.02 18.53
CA LYS A 220 46.97 -8.79 19.05
C LYS A 220 47.00 -7.86 20.29
N GLY A 221 45.82 -7.49 20.82
CA GLY A 221 45.78 -6.64 22.01
C GLY A 221 46.18 -5.19 21.80
N GLU A 222 46.11 -4.71 20.57
CA GLU A 222 46.52 -3.35 20.27
C GLU A 222 45.39 -2.34 20.42
N THR A 223 44.17 -2.81 20.29
CA THR A 223 43.00 -1.96 20.44
C THR A 223 42.05 -2.62 21.42
N ALA A 224 41.39 -1.80 22.24
CA ALA A 224 40.54 -2.30 23.31
C ALA A 224 39.19 -2.87 22.85
N MET A 225 38.69 -2.43 21.70
CA MET A 225 37.40 -2.90 21.24
C MET A 225 37.38 -3.05 19.71
N THR A 226 36.44 -3.86 19.24
CA THR A 226 36.12 -3.97 17.83
C THR A 226 34.61 -4.16 17.71
N ILE A 227 34.10 -4.12 16.48
CA ILE A 227 32.70 -4.43 16.24
C ILE A 227 32.68 -5.53 15.24
N ASN A 228 32.02 -6.64 15.59
CA ASN A 228 31.99 -7.81 14.72
C ASN A 228 30.87 -8.76 15.09
N GLY A 229 30.67 -9.75 14.23
CA GLY A 229 29.65 -10.74 14.34
C GLY A 229 30.16 -12.01 14.98
N PRO A 230 29.24 -12.95 15.24
CA PRO A 230 29.55 -14.23 15.88
C PRO A 230 30.68 -14.99 15.19
N TRP A 231 30.74 -14.94 13.86
CA TRP A 231 31.76 -15.69 13.12
C TRP A 231 33.18 -15.32 13.59
N ALA A 232 33.33 -14.09 14.08
CA ALA A 232 34.65 -13.58 14.43
C ALA A 232 35.19 -14.19 15.74
N TRP A 233 34.30 -14.74 16.56
CA TRP A 233 34.70 -15.17 17.92
C TRP A 233 35.76 -16.28 17.84
N SER A 234 35.69 -17.12 16.82
CA SER A 234 36.63 -18.22 16.69
C SER A 234 38.11 -17.74 16.68
N ASN A 235 38.47 -16.79 15.84
CA ASN A 235 39.85 -16.33 15.76
C ASN A 235 40.27 -15.64 17.03
N ILE A 236 39.34 -14.93 17.69
CA ILE A 236 39.68 -14.32 18.97
C ILE A 236 40.06 -15.41 19.99
N ASP A 237 39.28 -16.49 20.03
CA ASP A 237 39.57 -17.60 20.93
C ASP A 237 40.94 -18.21 20.52
N THR A 238 41.17 -18.32 19.22
CA THR A 238 42.47 -18.84 18.74
C THR A 238 43.63 -18.02 19.25
N SER A 239 43.47 -16.71 19.30
CA SER A 239 44.52 -15.83 19.78
C SER A 239 44.58 -15.69 21.31
N ALA A 240 43.67 -16.35 22.01
CA ALA A 240 43.63 -16.39 23.47
C ALA A 240 43.40 -15.01 24.07
N VAL A 241 42.56 -14.19 23.45
CA VAL A 241 42.25 -12.90 24.05
C VAL A 241 41.16 -13.14 25.12
N ASN A 242 41.23 -12.37 26.20
CA ASN A 242 40.20 -12.39 27.23
C ASN A 242 39.17 -11.32 26.89
N TYR A 243 38.09 -11.74 26.23
CA TYR A 243 37.15 -10.80 25.64
C TYR A 243 35.73 -10.99 26.10
N GLY A 244 34.97 -9.91 26.01
CA GLY A 244 33.54 -9.93 26.27
C GLY A 244 32.83 -9.42 25.03
N VAL A 245 31.57 -9.79 24.91
CA VAL A 245 30.70 -9.39 23.83
C VAL A 245 29.49 -8.73 24.48
N THR A 246 29.15 -7.52 24.05
CA THR A 246 28.15 -6.70 24.73
C THR A 246 27.32 -5.85 23.74
N VAL A 247 26.42 -5.07 24.31
CA VAL A 247 25.57 -4.16 23.58
C VAL A 247 26.40 -3.05 22.94
N LEU A 248 26.04 -2.69 21.72
CA LEU A 248 26.74 -1.60 21.03
C LEU A 248 26.51 -0.33 21.79
N PRO A 249 27.43 0.63 21.67
CA PRO A 249 27.23 1.88 22.39
C PRO A 249 26.05 2.64 21.81
N THR A 250 25.48 3.49 22.64
CA THR A 250 24.36 4.33 22.19
C THR A 250 24.92 5.59 21.51
N PHE A 251 24.12 6.18 20.62
CA PHE A 251 24.46 7.47 20.04
C PHE A 251 23.27 8.43 20.24
N LYS A 252 23.58 9.63 20.73
CA LYS A 252 22.56 10.60 21.17
C LYS A 252 21.48 9.94 22.03
N GLY A 253 21.93 9.07 22.92
CA GLY A 253 21.04 8.40 23.85
C GLY A 253 20.20 7.28 23.28
N GLN A 254 20.36 6.99 21.99
CA GLN A 254 19.56 5.98 21.34
C GLN A 254 20.42 4.76 20.96
N PRO A 255 19.82 3.58 20.89
CA PRO A 255 20.70 2.44 20.65
C PRO A 255 21.26 2.43 19.23
N SER A 256 22.44 1.84 19.07
CA SER A 256 22.93 1.51 17.74
C SER A 256 21.98 0.49 17.17
N LYS A 257 21.71 0.58 15.86
CA LYS A 257 20.70 -0.23 15.24
C LYS A 257 21.30 -1.03 14.10
N PRO A 258 21.88 -2.17 14.44
CA PRO A 258 22.45 -2.94 13.35
C PRO A 258 21.38 -3.53 12.48
N PHE A 259 21.72 -3.68 11.20
CA PHE A 259 20.90 -4.44 10.29
C PHE A 259 21.12 -5.92 10.58
N VAL A 260 20.03 -6.61 10.84
CA VAL A 260 20.09 -8.00 11.28
C VAL A 260 19.99 -8.94 10.12
N GLY A 261 20.92 -9.88 10.05
CA GLY A 261 20.95 -10.80 8.94
C GLY A 261 20.58 -12.18 9.43
N VAL A 262 19.94 -12.92 8.55
CA VAL A 262 19.67 -14.33 8.74
C VAL A 262 20.41 -15.10 7.66
N LEU A 263 21.47 -15.80 8.07
CA LEU A 263 22.15 -16.75 7.20
C LEU A 263 21.12 -17.74 6.67
N SER A 264 21.06 -17.89 5.35
CA SER A 264 20.01 -18.60 4.66
C SER A 264 20.62 -19.45 3.57
N ALA A 265 19.97 -20.55 3.27
CA ALA A 265 20.43 -21.49 2.27
C ALA A 265 19.38 -21.63 1.19
N GLY A 266 19.73 -21.16 -0.01
CA GLY A 266 18.85 -21.27 -1.14
C GLY A 266 19.19 -22.42 -2.05
N ILE A 267 18.19 -22.93 -2.77
CA ILE A 267 18.41 -23.98 -3.75
C ILE A 267 18.27 -23.41 -5.15
N ASN A 268 19.31 -23.63 -5.94
CA ASN A 268 19.41 -23.11 -7.29
C ASN A 268 18.27 -23.69 -8.12
N ALA A 269 17.53 -22.82 -8.81
CA ALA A 269 16.40 -23.28 -9.63
C ALA A 269 16.84 -24.18 -10.78
N ALA A 270 18.09 -24.05 -11.20
CA ALA A 270 18.60 -24.86 -12.28
C ALA A 270 19.25 -26.16 -11.77
N SER A 271 19.13 -26.44 -10.49
CA SER A 271 19.74 -27.63 -9.92
C SER A 271 18.92 -28.89 -10.28
N PRO A 272 19.59 -29.93 -10.80
CA PRO A 272 18.94 -31.22 -10.99
C PRO A 272 18.89 -32.06 -9.71
N ASN A 273 19.21 -31.43 -8.57
CA ASN A 273 19.36 -32.15 -7.33
C ASN A 273 18.51 -31.58 -6.22
N LYS A 274 17.37 -31.01 -6.58
CA LYS A 274 16.59 -30.27 -5.59
C LYS A 274 16.12 -31.13 -4.40
N GLU A 275 15.79 -32.40 -4.65
CA GLU A 275 15.34 -33.24 -3.54
C GLU A 275 16.50 -33.60 -2.60
N LEU A 276 17.64 -33.91 -3.19
CA LEU A 276 18.85 -34.19 -2.41
C LEU A 276 19.29 -32.96 -1.60
N ALA A 277 19.16 -31.78 -2.18
CA ALA A 277 19.51 -30.54 -1.49
C ALA A 277 18.59 -30.36 -0.31
N LYS A 278 17.31 -30.65 -0.52
CA LYS A 278 16.30 -30.52 0.52
C LYS A 278 16.58 -31.49 1.68
N GLU A 279 16.93 -32.71 1.32
CA GLU A 279 17.29 -33.75 2.27
C GLU A 279 18.46 -33.29 3.13
N PHE A 280 19.54 -32.86 2.47
CA PHE A 280 20.73 -32.37 3.16
C PHE A 280 20.40 -31.25 4.14
N LEU A 281 19.65 -30.27 3.67
CA LEU A 281 19.37 -29.10 4.48
C LEU A 281 18.46 -29.43 5.65
N GLU A 282 17.36 -30.14 5.38
CA GLU A 282 16.38 -30.40 6.44
C GLU A 282 16.84 -31.52 7.39
N ASN A 283 17.44 -32.57 6.83
CA ASN A 283 17.72 -33.76 7.62
C ASN A 283 19.19 -33.93 8.06
N TYR A 284 20.11 -33.09 7.57
CA TYR A 284 21.50 -33.15 8.01
C TYR A 284 22.00 -31.87 8.63
N LEU A 285 21.78 -30.74 7.95
CA LEU A 285 22.30 -29.48 8.47
C LEU A 285 21.43 -28.94 9.60
N LEU A 286 20.12 -28.83 9.35
CA LEU A 286 19.24 -28.23 10.35
C LEU A 286 18.84 -29.26 11.44
N THR A 287 19.86 -29.83 12.06
CA THR A 287 19.72 -30.73 13.19
C THR A 287 20.72 -30.25 14.24
N ASP A 288 20.55 -30.72 15.48
CA ASP A 288 21.45 -30.29 16.54
C ASP A 288 22.87 -30.62 16.14
N GLU A 289 23.04 -31.76 15.47
CA GLU A 289 24.38 -32.27 15.19
C GLU A 289 24.98 -31.50 14.02
N GLY A 290 24.18 -31.24 13.00
CA GLY A 290 24.65 -30.51 11.85
C GLY A 290 25.07 -29.10 12.21
N LEU A 291 24.21 -28.42 12.96
CA LEU A 291 24.49 -27.05 13.32
C LEU A 291 25.66 -26.97 14.30
N GLU A 292 25.77 -27.94 15.20
CA GLU A 292 26.91 -28.00 16.08
C GLU A 292 28.23 -28.09 15.33
N ALA A 293 28.25 -28.92 14.29
CA ALA A 293 29.46 -29.06 13.47
C ALA A 293 29.86 -27.72 12.83
N VAL A 294 28.87 -26.98 12.31
CA VAL A 294 29.19 -25.68 11.70
C VAL A 294 29.59 -24.68 12.77
N ASN A 295 28.79 -24.61 13.84
CA ASN A 295 29.03 -23.68 14.94
C ASN A 295 30.41 -23.82 15.61
N LYS A 296 30.91 -25.04 15.68
CA LYS A 296 32.19 -25.32 16.35
C LYS A 296 33.36 -24.78 15.52
N ASP A 297 33.12 -24.69 14.22
CA ASP A 297 34.10 -24.14 13.29
C ASP A 297 34.11 -22.60 13.40
N LYS A 298 33.00 -21.96 12.99
CA LYS A 298 32.79 -20.52 13.21
C LYS A 298 31.38 -20.35 13.78
N PRO A 299 31.26 -19.70 14.93
CA PRO A 299 29.92 -19.58 15.53
C PRO A 299 28.88 -18.89 14.62
N LEU A 300 27.69 -19.45 14.61
CA LEU A 300 26.59 -19.01 13.77
C LEU A 300 25.79 -17.83 14.32
N GLY A 301 25.84 -17.62 15.63
CA GLY A 301 25.01 -16.63 16.33
C GLY A 301 23.81 -17.31 16.97
N ALA A 302 22.61 -16.75 16.81
CA ALA A 302 21.39 -17.39 17.33
C ALA A 302 20.72 -18.26 16.28
N VAL A 303 20.82 -19.57 16.43
CA VAL A 303 20.40 -20.44 15.34
C VAL A 303 18.89 -20.53 15.22
N ALA A 304 18.44 -20.86 14.03
CA ALA A 304 17.02 -20.83 13.69
C ALA A 304 16.27 -22.05 14.24
N LEU A 305 16.97 -23.18 14.33
CA LEU A 305 16.42 -24.42 14.89
C LEU A 305 16.24 -24.28 16.40
N LYS A 306 14.98 -24.24 16.83
CA LYS A 306 14.59 -24.07 18.24
C LYS A 306 15.36 -24.99 19.18
N SER A 307 15.44 -26.28 18.83
CA SER A 307 16.08 -27.24 19.71
C SER A 307 17.52 -26.86 20.03
N TYR A 308 18.30 -26.49 19.02
CA TYR A 308 19.72 -26.20 19.26
C TYR A 308 19.88 -24.79 19.79
N GLU A 309 19.01 -23.87 19.36
CA GLU A 309 19.04 -22.53 19.91
C GLU A 309 18.85 -22.53 21.43
N GLU A 310 17.97 -23.40 21.94
CA GLU A 310 17.74 -23.49 23.39
C GLU A 310 19.03 -23.96 24.08
N GLU A 311 19.69 -24.96 23.51
CA GLU A 311 20.94 -25.46 24.06
C GLU A 311 22.03 -24.39 24.25
N LEU A 312 22.13 -23.44 23.32
CA LEU A 312 23.20 -22.47 23.34
C LEU A 312 22.79 -21.15 23.98
N ALA A 313 21.53 -21.03 24.35
CA ALA A 313 20.95 -19.73 24.74
C ALA A 313 21.69 -19.10 25.91
N LYS A 314 22.30 -19.94 26.73
CA LYS A 314 22.96 -19.46 27.94
C LYS A 314 24.29 -18.78 27.64
N ASP A 315 24.85 -19.00 26.45
CA ASP A 315 26.10 -18.32 26.09
C ASP A 315 25.86 -16.79 26.13
N PRO A 316 26.55 -16.08 27.03
CA PRO A 316 26.39 -14.63 27.09
C PRO A 316 26.77 -13.88 25.80
N ARG A 317 27.58 -14.49 24.95
CA ARG A 317 27.95 -13.88 23.68
C ARG A 317 26.71 -13.87 22.81
N ILE A 318 25.97 -14.97 22.84
CA ILE A 318 24.77 -15.08 22.05
C ILE A 318 23.70 -14.15 22.66
N ALA A 319 23.66 -14.06 23.99
CA ALA A 319 22.73 -13.16 24.65
C ALA A 319 22.94 -11.72 24.17
N ALA A 320 24.19 -11.28 24.12
CA ALA A 320 24.50 -9.94 23.63
C ALA A 320 24.10 -9.83 22.14
N THR A 321 24.32 -10.89 21.38
CA THR A 321 23.94 -10.91 19.97
C THR A 321 22.41 -10.68 19.84
N MET A 322 21.64 -11.28 20.73
CA MET A 322 20.18 -11.12 20.71
C MET A 322 19.78 -9.74 21.15
N GLU A 323 20.49 -9.18 22.13
CA GLU A 323 20.21 -7.82 22.58
C GLU A 323 20.42 -6.78 21.45
N ASN A 324 21.55 -6.89 20.76
CA ASN A 324 21.79 -6.01 19.62
C ASN A 324 20.78 -6.25 18.48
N ALA A 325 20.42 -7.51 18.21
CA ALA A 325 19.46 -7.84 17.15
C ALA A 325 18.08 -7.22 17.42
N GLN A 326 17.65 -7.29 18.67
CA GLN A 326 16.37 -6.71 19.09
C GLN A 326 16.38 -5.19 18.91
N LYS A 327 17.53 -4.57 19.12
CA LYS A 327 17.69 -3.13 19.01
C LYS A 327 17.82 -2.67 17.54
N GLY A 328 18.21 -3.58 16.67
CA GLY A 328 18.34 -3.30 15.25
C GLY A 328 17.09 -3.66 14.47
N GLU A 329 17.22 -3.75 13.15
CA GLU A 329 16.12 -4.07 12.27
C GLU A 329 16.53 -5.23 11.41
N ILE A 330 15.59 -6.15 11.19
CA ILE A 330 15.78 -7.20 10.21
C ILE A 330 16.00 -6.56 8.84
N MET A 331 16.91 -7.11 8.05
CA MET A 331 17.12 -6.56 6.73
C MET A 331 15.92 -6.85 5.84
N PRO A 332 15.53 -5.87 5.01
CA PRO A 332 14.61 -6.19 3.93
C PRO A 332 15.27 -7.21 3.06
N ASN A 333 14.51 -8.06 2.36
CA ASN A 333 15.07 -8.95 1.36
C ASN A 333 14.82 -8.51 -0.08
N ILE A 334 14.30 -7.31 -0.26
CA ILE A 334 13.90 -6.87 -1.60
C ILE A 334 15.08 -6.69 -2.56
N PRO A 335 14.83 -6.83 -3.89
CA PRO A 335 15.89 -6.69 -4.88
C PRO A 335 16.71 -5.38 -4.77
N GLN A 336 16.09 -4.28 -4.34
CA GLN A 336 16.78 -3.01 -4.28
C GLN A 336 17.79 -2.91 -3.11
N MET A 337 17.90 -3.95 -2.28
CA MET A 337 18.86 -3.89 -1.19
C MET A 337 20.30 -3.78 -1.67
N SER A 338 20.66 -4.48 -2.74
CA SER A 338 22.05 -4.43 -3.16
C SER A 338 22.41 -3.02 -3.66
N ALA A 339 21.47 -2.35 -4.30
CA ALA A 339 21.69 -0.96 -4.74
C ALA A 339 21.85 -0.02 -3.55
N PHE A 340 21.07 -0.25 -2.51
CA PHE A 340 21.21 0.48 -1.25
C PHE A 340 22.63 0.29 -0.72
N TRP A 341 23.10 -0.96 -0.67
CA TRP A 341 24.37 -1.20 0.00
C TRP A 341 25.50 -0.63 -0.82
N TYR A 342 25.44 -0.80 -2.14
CA TYR A 342 26.49 -0.27 -2.99
C TYR A 342 26.61 1.24 -2.83
N ALA A 343 25.45 1.89 -2.69
CA ALA A 343 25.37 3.34 -2.57
C ALA A 343 26.00 3.81 -1.28
N VAL A 344 25.58 3.23 -0.15
CA VAL A 344 26.13 3.57 1.13
C VAL A 344 27.61 3.21 1.23
N ARG A 345 28.01 2.09 0.63
CA ARG A 345 29.42 1.70 0.69
C ARG A 345 30.29 2.86 0.19
N THR A 346 29.98 3.31 -1.02
CA THR A 346 30.74 4.41 -1.62
C THR A 346 30.67 5.72 -0.81
N ALA A 347 29.50 6.09 -0.33
CA ALA A 347 29.35 7.33 0.43
C ALA A 347 30.21 7.32 1.68
N VAL A 348 30.15 6.22 2.42
CA VAL A 348 30.91 6.18 3.65
C VAL A 348 32.41 6.26 3.37
N ILE A 349 32.91 5.57 2.35
CA ILE A 349 34.35 5.63 2.03
C ILE A 349 34.79 7.05 1.69
N ASN A 350 34.02 7.74 0.87
CA ASN A 350 34.39 9.07 0.45
C ASN A 350 34.25 10.12 1.56
N ALA A 351 33.24 9.99 2.41
CA ALA A 351 33.13 10.89 3.55
C ALA A 351 34.21 10.60 4.58
N ALA A 352 34.46 9.32 4.84
CA ALA A 352 35.47 8.95 5.81
C ALA A 352 36.83 9.45 5.41
N SER A 353 37.13 9.41 4.11
CA SER A 353 38.43 9.84 3.62
C SER A 353 38.61 11.37 3.71
N GLY A 354 37.51 12.09 3.98
CA GLY A 354 37.51 13.54 3.93
C GLY A 354 37.48 14.12 2.52
N ARG A 355 37.37 13.28 1.50
CA ARG A 355 37.39 13.79 0.11
C ARG A 355 36.06 14.37 -0.31
N GLN A 356 35.00 14.02 0.41
CA GLN A 356 33.69 14.59 0.15
C GLN A 356 33.05 14.86 1.49
N THR A 357 32.19 15.87 1.59
CA THR A 357 31.56 16.12 2.89
C THR A 357 30.48 15.07 3.13
N VAL A 358 30.10 14.89 4.39
CA VAL A 358 29.00 14.02 4.73
C VAL A 358 27.74 14.36 3.95
N ASP A 359 27.36 15.63 3.94
CA ASP A 359 26.17 16.06 3.20
C ASP A 359 26.18 15.66 1.71
N ALA A 360 27.29 15.91 1.04
CA ALA A 360 27.36 15.61 -0.40
C ALA A 360 27.37 14.10 -0.63
N ALA A 361 28.17 13.39 0.15
CA ALA A 361 28.29 11.93 0.01
C ALA A 361 26.94 11.24 0.23
N LEU A 362 26.20 11.66 1.26
CA LEU A 362 24.91 11.02 1.54
C LEU A 362 23.85 11.44 0.49
N ALA A 363 23.92 12.67 0.01
CA ALA A 363 23.04 13.10 -1.10
C ALA A 363 23.28 12.19 -2.31
N ALA A 364 24.54 11.89 -2.61
CA ALA A 364 24.84 10.98 -3.71
C ALA A 364 24.31 9.58 -3.43
N ALA A 365 24.43 9.09 -2.19
CA ALA A 365 23.90 7.75 -1.84
C ALA A 365 22.39 7.72 -1.97
N GLN A 366 21.74 8.78 -1.49
CA GLN A 366 20.30 8.92 -1.66
C GLN A 366 19.85 8.72 -3.12
N THR A 367 20.51 9.43 -4.03
CA THR A 367 20.18 9.33 -5.47
C THR A 367 20.40 7.90 -5.97
N ASN A 368 21.51 7.30 -5.58
CA ASN A 368 21.84 5.98 -6.10
C ASN A 368 20.95 4.89 -5.55
N ALA A 369 20.69 4.97 -4.26
CA ALA A 369 19.89 3.94 -3.61
C ALA A 369 18.45 3.97 -4.15
N ALA A 370 17.98 5.16 -4.50
CA ALA A 370 16.64 5.35 -5.04
C ALA A 370 16.63 5.19 -6.55
N ALA A 371 17.78 4.87 -7.11
CA ALA A 371 17.93 4.67 -8.57
C ALA A 371 17.41 5.82 -9.42
N LYS A 372 17.85 7.02 -9.07
CA LYS A 372 17.40 8.23 -9.75
C LYS A 372 18.53 8.76 -10.63
N PHE A 373 18.18 9.55 -11.62
CA PHE A 373 19.14 10.20 -12.49
C PHE A 373 18.87 11.69 -12.45
N ASN A 374 19.90 12.46 -12.18
CA ASN A 374 19.78 13.90 -12.23
C ASN A 374 20.40 14.39 -13.50
N PHE A 375 19.66 15.24 -14.20
CA PHE A 375 20.11 15.80 -15.47
C PHE A 375 20.01 17.34 -15.44
N THR A 376 20.93 18.01 -16.13
CA THR A 376 20.91 19.48 -16.17
C THR A 376 19.91 19.95 -17.23
N GLU A 377 19.58 21.24 -17.24
CA GLU A 377 18.65 21.77 -18.21
C GLU A 377 19.25 21.55 -19.58
N ARG A 378 20.56 21.78 -19.69
CA ARG A 378 21.27 21.59 -20.94
C ARG A 378 21.07 20.16 -21.45
N ASP A 379 21.01 19.19 -20.53
CA ASP A 379 20.81 17.78 -20.93
C ASP A 379 19.42 17.56 -21.50
N LEU A 380 18.45 18.33 -21.00
CA LEU A 380 17.07 18.12 -21.34
C LEU A 380 16.65 18.95 -22.58
N THR A 381 17.45 19.96 -22.90
CA THR A 381 17.15 20.92 -23.94
C THR A 381 17.97 20.56 -25.12
N ARG A 382 17.29 20.25 -26.22
CA ARG A 382 17.93 19.92 -27.48
C ARG A 382 17.16 20.72 -28.51
N ASP A 383 17.74 21.85 -28.90
CA ASP A 383 17.10 22.78 -29.82
C ASP A 383 18.05 23.00 -30.98
N VAL A 384 17.65 22.49 -32.13
CA VAL A 384 18.48 22.57 -33.31
C VAL A 384 17.79 23.39 -34.39
N ASP A 385 18.39 24.53 -34.70
CA ASP A 385 17.97 25.35 -35.82
C ASP A 385 18.41 24.61 -37.08
N PHE A 386 17.59 23.69 -37.56
CA PHE A 386 18.06 22.79 -38.60
C PHE A 386 17.91 23.40 -39.96
N ASN A 387 19.05 23.73 -40.55
CA ASN A 387 19.04 24.43 -41.83
C ASN A 387 19.32 23.48 -42.99
N ILE A 388 18.25 23.00 -43.61
CA ILE A 388 18.40 22.08 -44.73
C ILE A 388 19.02 22.81 -45.92
N LYS A 389 18.79 24.13 -45.99
CA LYS A 389 19.35 24.96 -47.05
C LYS A 389 20.85 25.19 -46.84
N GLY A 390 21.28 25.12 -45.58
CA GLY A 390 22.65 25.37 -45.19
C GLY A 390 23.56 24.15 -45.35
N ASP A 391 24.42 23.93 -44.36
CA ASP A 391 25.37 22.80 -44.43
C ASP A 391 25.08 21.67 -43.44
N ASP A 392 23.96 21.77 -42.73
CA ASP A 392 23.56 20.76 -41.73
C ASP A 392 23.26 19.39 -42.33
N VAL A 393 23.69 18.36 -41.62
CA VAL A 393 23.45 16.98 -42.01
C VAL A 393 23.03 16.17 -40.78
N ILE A 394 21.92 15.45 -40.93
CA ILE A 394 21.48 14.49 -39.93
C ILE A 394 22.10 13.15 -40.25
N VAL A 395 22.70 12.50 -39.25
CA VAL A 395 23.32 11.20 -39.46
C VAL A 395 22.54 10.18 -38.63
N PHE A 396 21.91 9.19 -39.27
CA PHE A 396 21.13 8.20 -38.54
C PHE A 396 21.96 6.95 -38.30
N LEU A 397 22.39 6.81 -37.07
CA LEU A 397 23.12 5.64 -36.62
C LEU A 397 22.12 4.56 -36.30
N HIS A 398 22.04 3.54 -37.15
CA HIS A 398 21.07 2.50 -36.99
C HIS A 398 21.68 1.29 -36.32
N ILE A 399 21.27 1.08 -35.09
CA ILE A 399 21.67 -0.10 -34.33
C ILE A 399 20.65 -1.24 -34.63
N GLN A 400 21.15 -2.44 -34.96
CA GLN A 400 20.29 -3.55 -35.38
C GLN A 400 19.16 -3.83 -34.37
N LYS A 401 17.96 -4.00 -34.90
CA LYS A 401 16.78 -4.45 -34.18
C LYS A 401 16.18 -3.44 -33.21
N THR A 402 16.42 -2.15 -33.46
CA THR A 402 15.86 -1.08 -32.62
C THR A 402 14.70 -0.38 -33.31
N GLY A 403 14.15 -1.00 -34.34
CA GLY A 403 13.11 -0.37 -35.13
C GLY A 403 13.64 0.66 -36.09
N GLY A 404 14.89 0.48 -36.53
CA GLY A 404 15.50 1.45 -37.41
C GLY A 404 14.98 1.46 -38.83
N THR A 405 14.44 0.33 -39.30
CA THR A 405 13.79 0.32 -40.64
C THR A 405 12.59 1.26 -40.60
N THR A 406 11.70 1.08 -39.63
CA THR A 406 10.59 2.03 -39.45
C THR A 406 11.00 3.48 -39.33
N PHE A 407 11.97 3.76 -38.45
CA PHE A 407 12.35 5.13 -38.21
C PHE A 407 13.05 5.71 -39.46
N GLY A 408 13.90 4.91 -40.08
CA GLY A 408 14.61 5.37 -41.25
C GLY A 408 13.62 5.63 -42.40
N ARG A 409 12.55 4.85 -42.48
CA ARG A 409 11.51 5.08 -43.52
C ARG A 409 10.76 6.39 -43.23
N HIS A 410 10.49 6.67 -41.96
CA HIS A 410 9.91 7.95 -41.57
C HIS A 410 10.74 9.15 -42.00
N LEU A 411 12.06 9.04 -41.89
CA LEU A 411 12.93 10.18 -42.21
C LEU A 411 12.93 10.54 -43.71
N VAL A 412 12.83 9.52 -44.55
CA VAL A 412 12.86 9.71 -46.02
C VAL A 412 11.46 9.78 -46.67
N ARG A 413 10.42 9.26 -46.01
CA ARG A 413 9.06 9.25 -46.59
C ARG A 413 8.12 10.23 -45.96
N ASN A 414 8.37 10.61 -44.70
CA ASN A 414 7.27 11.12 -43.86
C ASN A 414 7.48 12.53 -43.31
N ILE A 415 8.54 13.21 -43.74
CA ILE A 415 8.77 14.54 -43.22
C ILE A 415 8.22 15.57 -44.20
N ARG A 416 7.44 16.50 -43.68
CA ARG A 416 6.94 17.63 -44.45
C ARG A 416 8.06 18.63 -44.74
N LEU A 417 8.48 18.63 -46.00
CA LEU A 417 9.53 19.52 -46.49
C LEU A 417 9.02 20.12 -47.79
N GLU A 418 9.59 21.27 -48.15
CA GLU A 418 9.21 21.92 -49.40
C GLU A 418 9.68 21.03 -50.52
N GLN A 419 10.94 20.62 -50.43
CA GLN A 419 11.48 19.56 -51.28
C GLN A 419 11.78 18.32 -50.43
N PRO A 420 10.80 17.39 -50.32
CA PRO A 420 11.10 16.21 -49.53
C PRO A 420 11.97 15.23 -50.32
N CYS A 421 12.38 14.14 -49.67
CA CYS A 421 13.14 13.11 -50.34
C CYS A 421 12.29 12.54 -51.49
N ASP A 422 12.97 12.29 -52.58
CA ASP A 422 12.41 11.68 -53.78
C ASP A 422 12.57 10.16 -53.72
N CYS A 423 11.49 9.44 -53.36
CA CYS A 423 11.53 8.00 -53.23
C CYS A 423 10.79 7.34 -54.40
N LYS A 424 11.51 6.92 -55.41
CA LYS A 424 10.88 6.33 -56.59
C LYS A 424 10.28 4.96 -56.25
N ALA A 425 9.15 4.64 -56.86
CA ALA A 425 8.43 3.40 -56.58
C ALA A 425 9.31 2.21 -56.90
N GLY A 426 9.20 1.15 -56.08
CA GLY A 426 10.02 -0.04 -56.24
C GLY A 426 11.51 0.25 -56.21
N GLN A 427 11.92 1.22 -55.40
CA GLN A 427 13.34 1.48 -55.18
C GLN A 427 13.59 1.63 -53.70
N LYS A 428 14.69 1.04 -53.25
CA LYS A 428 15.02 1.01 -51.83
C LYS A 428 15.36 2.41 -51.30
N LYS A 429 16.31 3.07 -51.95
CA LYS A 429 16.80 4.35 -51.50
C LYS A 429 16.02 5.53 -52.04
N CYS A 430 16.25 6.68 -51.43
CA CYS A 430 15.67 7.96 -51.84
C CYS A 430 16.77 8.96 -52.00
N THR A 431 16.49 9.94 -52.85
CA THR A 431 17.35 11.09 -53.02
C THR A 431 16.89 12.16 -52.04
N CYS A 432 17.71 12.41 -51.02
CA CYS A 432 17.41 13.46 -50.04
C CYS A 432 18.34 14.67 -50.19
N HIS A 433 18.05 15.50 -51.19
CA HIS A 433 18.91 16.63 -51.52
C HIS A 433 18.37 17.96 -51.01
N ARG A 434 19.28 18.87 -50.71
CA ARG A 434 18.92 20.22 -50.36
C ARG A 434 18.26 20.89 -51.56
N PRO A 435 17.47 21.95 -51.33
CA PRO A 435 16.83 22.65 -52.45
C PRO A 435 17.83 23.15 -53.48
N GLY A 436 17.65 22.71 -54.73
CA GLY A 436 18.42 23.23 -55.84
C GLY A 436 19.84 22.67 -55.94
N LYS A 437 20.24 21.85 -54.97
CA LYS A 437 21.60 21.31 -54.93
C LYS A 437 21.62 19.79 -55.12
N GLN A 438 22.79 19.25 -55.42
CA GLN A 438 22.95 17.80 -55.55
C GLN A 438 23.52 17.19 -54.27
N GLU A 439 23.44 17.95 -53.17
CA GLU A 439 24.02 17.60 -51.87
C GLU A 439 22.99 16.97 -50.93
N SER A 440 23.35 15.90 -50.23
CA SER A 440 22.40 15.23 -49.32
C SER A 440 22.38 15.82 -47.90
N TRP A 441 21.19 15.95 -47.30
CA TRP A 441 21.08 16.49 -45.93
C TRP A 441 20.93 15.38 -44.87
N LEU A 442 20.80 14.14 -45.35
CA LEU A 442 20.57 12.98 -44.51
C LEU A 442 21.56 11.86 -44.87
N PHE A 443 22.36 11.45 -43.88
CA PHE A 443 23.21 10.29 -44.06
C PHE A 443 22.53 9.10 -43.38
N SER A 444 22.14 8.11 -44.18
CA SER A 444 21.33 6.99 -43.69
C SER A 444 21.25 5.89 -44.73
N ARG A 445 20.92 4.70 -44.24
CA ARG A 445 20.72 3.52 -45.07
C ARG A 445 19.83 3.81 -46.28
N PHE A 446 18.76 4.60 -46.09
CA PHE A 446 17.79 4.78 -47.17
C PHE A 446 18.01 6.00 -48.03
N SER A 447 19.11 6.72 -47.78
CA SER A 447 19.43 7.90 -48.56
C SER A 447 20.79 7.64 -49.21
N THR A 448 21.85 7.81 -48.45
CA THR A 448 23.21 7.61 -48.94
C THR A 448 23.60 6.14 -49.02
N GLY A 449 22.92 5.30 -48.27
CA GLY A 449 23.25 3.90 -48.24
C GLY A 449 24.23 3.63 -47.11
N TRP A 450 24.79 2.43 -47.08
CA TRP A 450 25.74 2.06 -46.07
C TRP A 450 27.17 2.51 -46.46
N SER A 451 27.34 3.77 -46.79
CA SER A 451 28.64 4.16 -47.36
C SER A 451 29.84 4.16 -46.40
N CYS A 452 29.60 4.03 -45.09
CA CYS A 452 30.70 3.94 -44.11
C CYS A 452 30.73 2.56 -43.49
N GLY A 453 29.98 1.66 -44.10
CA GLY A 453 29.94 0.26 -43.73
C GLY A 453 28.53 -0.13 -43.28
N LEU A 454 28.21 -1.41 -43.43
CA LEU A 454 26.91 -1.95 -43.03
C LEU A 454 26.73 -1.76 -41.52
N HIS A 455 25.64 -1.07 -41.12
CA HIS A 455 25.39 -0.78 -39.70
C HIS A 455 26.62 -0.15 -38.98
N ALA A 456 27.21 0.83 -39.67
CA ALA A 456 28.34 1.57 -39.14
C ALA A 456 27.98 2.12 -37.76
N ASP A 457 28.87 1.93 -36.80
CA ASP A 457 28.61 2.34 -35.43
C ASP A 457 29.18 3.74 -35.17
N TRP A 458 29.15 4.19 -33.92
CA TRP A 458 29.61 5.55 -33.59
C TRP A 458 31.07 5.72 -33.98
N THR A 459 31.89 4.73 -33.69
CA THR A 459 33.33 4.80 -33.98
C THR A 459 33.59 4.94 -35.48
N GLU A 460 32.93 4.09 -36.27
CA GLU A 460 33.01 4.18 -37.73
C GLU A 460 32.47 5.45 -38.31
N LEU A 461 31.24 5.84 -37.91
CA LEU A 461 30.61 7.01 -38.51
C LEU A 461 31.39 8.25 -38.22
N THR A 462 31.80 8.43 -36.96
CA THR A 462 32.41 9.71 -36.61
C THR A 462 33.75 9.86 -37.32
N ASN A 463 34.37 8.74 -37.67
CA ASN A 463 35.65 8.73 -38.38
C ASN A 463 35.51 8.71 -39.93
N CYS A 464 34.34 8.38 -40.45
CA CYS A 464 34.15 8.24 -41.92
C CYS A 464 33.24 9.29 -42.54
N VAL A 465 32.17 9.65 -41.84
CA VAL A 465 31.16 10.53 -42.40
C VAL A 465 31.72 11.90 -42.84
N PRO A 466 32.55 12.54 -42.01
CA PRO A 466 33.03 13.86 -42.44
C PRO A 466 33.88 13.80 -43.73
N VAL A 467 34.61 12.71 -43.92
CA VAL A 467 35.47 12.54 -45.08
C VAL A 467 34.62 12.30 -46.31
N ILE A 468 33.69 11.35 -46.19
CA ILE A 468 32.88 10.93 -47.33
C ILE A 468 31.83 11.97 -47.74
N MET A 469 31.77 13.09 -47.03
CA MET A 469 30.84 14.17 -47.41
C MET A 469 31.52 15.52 -47.75
N ASP A 470 32.85 15.53 -47.80
CA ASP A 470 33.63 16.73 -48.14
C ASP A 470 34.93 16.33 -48.82
N ARG A 479 31.06 21.38 -41.46
CA ARG A 479 29.61 21.17 -41.36
C ARG A 479 29.16 20.85 -39.95
N ASN A 480 27.86 21.05 -39.71
CA ASN A 480 27.22 20.58 -38.49
C ASN A 480 26.56 19.23 -38.72
N PHE A 481 27.08 18.21 -38.03
CA PHE A 481 26.52 16.88 -38.09
C PHE A 481 25.64 16.63 -36.86
N TYR A 482 24.38 16.26 -37.09
CA TYR A 482 23.46 15.95 -36.00
C TYR A 482 23.19 14.47 -35.99
N TYR A 483 23.86 13.77 -35.10
CA TYR A 483 23.71 12.34 -34.96
C TYR A 483 22.41 12.04 -34.24
N ILE A 484 21.69 11.03 -34.74
CA ILE A 484 20.51 10.47 -34.06
C ILE A 484 20.50 8.97 -34.08
N THR A 485 19.74 8.39 -33.15
CA THR A 485 19.60 6.95 -33.12
C THR A 485 18.30 6.54 -32.42
N MET A 486 18.04 5.24 -32.42
CA MET A 486 16.96 4.64 -31.69
C MET A 486 17.54 3.58 -30.79
N LEU A 487 16.92 3.43 -29.63
CA LEU A 487 17.27 2.42 -28.66
C LEU A 487 16.04 1.59 -28.31
N ARG A 488 16.28 0.38 -27.84
CA ARG A 488 15.21 -0.56 -27.50
C ARG A 488 15.58 -1.29 -26.24
N ASP A 489 14.60 -1.69 -25.45
CA ASP A 489 14.93 -2.42 -24.23
C ASP A 489 15.75 -3.68 -24.57
N PRO A 490 16.81 -3.97 -23.81
CA PRO A 490 17.76 -4.94 -24.36
C PRO A 490 17.28 -6.39 -24.47
N VAL A 491 16.44 -6.84 -23.58
CA VAL A 491 15.94 -8.21 -23.67
C VAL A 491 15.16 -8.36 -24.98
N SER A 492 14.26 -7.43 -25.26
CA SER A 492 13.51 -7.44 -26.51
C SER A 492 14.40 -7.31 -27.73
N ARG A 493 15.33 -6.37 -27.69
CA ARG A 493 16.27 -6.19 -28.78
C ARG A 493 17.12 -7.42 -29.03
N TYR A 494 17.59 -8.05 -27.95
CA TYR A 494 18.38 -9.25 -28.07
C TYR A 494 17.57 -10.45 -28.66
N LEU A 495 16.35 -10.62 -28.19
CA LEU A 495 15.47 -11.67 -28.70
C LEU A 495 15.19 -11.44 -30.19
N SER A 496 14.94 -10.19 -30.54
CA SER A 496 14.70 -9.81 -31.93
C SER A 496 15.90 -10.16 -32.82
N GLU A 497 17.10 -9.82 -32.35
CA GLU A 497 18.28 -10.19 -33.09
C GLU A 497 18.45 -11.73 -33.19
N TRP A 498 18.18 -12.46 -32.11
CA TRP A 498 18.28 -13.91 -32.15
C TRP A 498 17.32 -14.42 -33.25
N LYS A 499 16.07 -13.97 -33.24
CA LYS A 499 15.11 -14.45 -34.26
C LYS A 499 15.55 -14.05 -35.68
N HIS A 500 16.13 -12.85 -35.85
CA HIS A 500 16.57 -12.44 -37.18
C HIS A 500 17.77 -13.28 -37.64
N VAL A 501 18.71 -13.57 -36.73
CA VAL A 501 19.86 -14.40 -37.08
C VAL A 501 19.34 -15.83 -37.42
N GLN A 502 18.34 -16.27 -36.69
CA GLN A 502 17.81 -17.62 -36.84
C GLN A 502 17.17 -17.78 -38.23
N ARG A 503 16.74 -16.66 -38.82
CA ARG A 503 16.22 -16.65 -40.17
C ARG A 503 17.19 -16.11 -41.22
N GLY A 504 18.48 -16.15 -40.91
CA GLY A 504 19.51 -15.89 -41.89
C GLY A 504 20.35 -14.62 -41.81
N ALA A 505 20.01 -13.68 -40.93
CA ALA A 505 20.84 -12.47 -40.79
C ALA A 505 22.22 -12.79 -40.21
N THR A 506 23.24 -12.17 -40.78
CA THR A 506 24.59 -12.28 -40.24
C THR A 506 25.28 -10.92 -40.11
N TRP A 507 24.90 -9.95 -40.94
CA TRP A 507 25.67 -8.70 -41.10
C TRP A 507 27.18 -8.98 -41.21
N LYS A 508 27.52 -10.06 -41.93
CA LYS A 508 28.92 -10.50 -41.99
C LYS A 508 29.79 -9.49 -42.77
N THR A 509 29.19 -8.63 -43.57
CA THR A 509 30.00 -7.69 -44.35
C THR A 509 30.27 -6.38 -43.62
N SER A 510 29.79 -6.25 -42.39
CA SER A 510 30.15 -5.09 -41.58
C SER A 510 31.68 -5.02 -41.44
N LEU A 511 32.23 -3.81 -41.47
CA LEU A 511 33.68 -3.60 -41.40
C LEU A 511 34.25 -3.61 -39.98
N HIS A 512 33.46 -3.13 -39.02
CA HIS A 512 33.90 -3.06 -37.62
C HIS A 512 35.26 -2.33 -37.55
N MET A 513 35.37 -1.27 -38.31
CA MET A 513 36.61 -0.49 -38.36
C MET A 513 36.85 0.29 -37.07
N CYS A 514 38.09 0.27 -36.59
CA CYS A 514 38.44 1.00 -35.38
C CYS A 514 39.96 1.18 -35.39
N ASP A 515 40.46 2.35 -35.04
CA ASP A 515 41.91 2.60 -35.16
C ASP A 515 42.43 2.19 -36.54
N GLY A 516 41.61 2.37 -37.56
CA GLY A 516 42.04 2.26 -38.92
C GLY A 516 42.08 0.86 -39.50
N ARG A 517 41.64 -0.15 -38.76
CA ARG A 517 41.52 -1.48 -39.35
C ARG A 517 40.33 -2.25 -38.80
N SER A 518 39.99 -3.32 -39.52
CA SER A 518 38.98 -4.26 -39.09
C SER A 518 39.61 -5.22 -38.12
N PRO A 519 38.78 -5.89 -37.33
CA PRO A 519 39.33 -6.86 -36.39
C PRO A 519 39.92 -8.07 -37.08
N THR A 520 40.83 -8.76 -36.40
CA THR A 520 41.31 -10.04 -36.89
C THR A 520 40.35 -11.13 -36.44
N GLN A 521 40.48 -12.32 -37.02
CA GLN A 521 39.61 -13.42 -36.62
C GLN A 521 39.83 -13.77 -35.18
N ASP A 522 41.08 -13.60 -34.73
CA ASP A 522 41.41 -13.89 -33.33
C ASP A 522 40.68 -12.89 -32.44
N GLU A 523 40.64 -11.64 -32.88
CA GLU A 523 39.98 -10.61 -32.10
C GLU A 523 38.48 -10.81 -32.00
N LEU A 524 37.88 -11.25 -33.12
CA LEU A 524 36.44 -11.33 -33.27
C LEU A 524 36.09 -12.63 -33.96
N PRO A 525 36.04 -13.74 -33.22
CA PRO A 525 35.76 -15.05 -33.83
C PRO A 525 34.31 -15.17 -34.23
N THR A 526 34.05 -15.89 -35.31
CA THR A 526 32.69 -16.07 -35.78
C THR A 526 31.98 -17.11 -34.91
N CYS A 527 30.70 -16.90 -34.66
CA CYS A 527 29.94 -17.83 -33.84
C CYS A 527 29.43 -19.08 -34.56
N TYR A 528 29.48 -19.06 -35.88
CA TYR A 528 28.85 -20.12 -36.71
C TYR A 528 29.84 -20.68 -37.73
N ASN A 529 29.69 -21.97 -38.04
CA ASN A 529 30.29 -22.55 -39.23
C ASN A 529 29.37 -22.34 -40.43
N GLY A 530 29.97 -22.18 -41.59
CA GLY A 530 29.21 -22.13 -42.82
C GLY A 530 28.81 -20.72 -43.15
N ASP A 531 27.75 -20.55 -43.94
CA ASP A 531 27.40 -19.24 -44.46
C ASP A 531 26.61 -18.38 -43.45
N ASP A 532 25.96 -19.00 -42.47
CA ASP A 532 25.13 -18.26 -41.53
C ASP A 532 24.80 -19.08 -40.30
N TRP A 533 23.98 -18.53 -39.43
CA TRP A 533 23.68 -19.19 -38.16
C TRP A 533 22.18 -19.51 -38.13
N SER A 534 21.61 -19.79 -39.31
CA SER A 534 20.17 -20.05 -39.43
C SER A 534 19.73 -21.28 -38.64
N GLY A 535 18.56 -21.22 -38.04
CA GLY A 535 18.08 -22.28 -37.21
C GLY A 535 18.56 -22.29 -35.78
N VAL A 536 19.45 -21.37 -35.38
CA VAL A 536 20.08 -21.44 -34.08
C VAL A 536 19.05 -21.37 -32.97
N THR A 537 19.22 -22.18 -31.94
CA THR A 537 18.36 -22.08 -30.74
C THR A 537 18.83 -20.92 -29.87
N LEU A 538 17.94 -20.44 -29.02
CA LEU A 538 18.30 -19.36 -28.13
C LEU A 538 19.45 -19.81 -27.25
N HIS A 539 19.45 -21.07 -26.80
CA HIS A 539 20.54 -21.54 -25.96
C HIS A 539 21.88 -21.42 -26.69
N ASP A 540 21.93 -21.84 -27.95
CA ASP A 540 23.22 -21.84 -28.64
C ASP A 540 23.62 -20.42 -29.02
N PHE A 541 22.62 -19.56 -29.24
CA PHE A 541 22.86 -18.14 -29.51
C PHE A 541 23.59 -17.54 -28.28
N MET A 542 23.05 -17.82 -27.09
CA MET A 542 23.52 -17.24 -25.85
C MET A 542 24.91 -17.78 -25.49
N ASP A 543 25.26 -18.89 -26.11
CA ASP A 543 26.43 -19.64 -25.70
C ASP A 543 27.72 -19.18 -26.35
N CYS A 544 27.65 -18.44 -27.46
CA CYS A 544 28.85 -18.01 -28.16
C CYS A 544 29.41 -16.76 -27.46
N PRO A 545 30.63 -16.86 -26.93
CA PRO A 545 31.26 -15.71 -26.25
C PRO A 545 31.38 -14.44 -27.11
N SER A 546 31.56 -14.57 -28.41
CA SER A 546 31.89 -13.43 -29.26
C SER A 546 30.65 -12.88 -30.02
N ASN A 547 29.46 -13.30 -29.59
CA ASN A 547 28.22 -12.86 -30.20
C ASN A 547 28.06 -11.35 -30.12
N LEU A 548 28.05 -10.69 -31.26
CA LEU A 548 27.91 -9.25 -31.33
C LEU A 548 26.56 -8.72 -30.87
N ALA A 549 25.60 -9.61 -30.66
CA ALA A 549 24.33 -9.19 -30.09
C ALA A 549 24.55 -8.72 -28.62
N ASN A 550 25.54 -9.29 -27.92
CA ASN A 550 25.73 -8.96 -26.48
C ASN A 550 26.16 -7.51 -26.33
N ASN A 551 25.37 -6.73 -25.60
CA ASN A 551 25.66 -5.32 -25.35
C ASN A 551 25.84 -4.56 -26.62
N ARG A 552 25.04 -4.88 -27.64
CA ARG A 552 25.22 -4.23 -28.91
C ARG A 552 25.03 -2.72 -28.86
N GLN A 553 24.07 -2.24 -28.10
CA GLN A 553 23.81 -0.81 -28.12
C GLN A 553 24.97 0.01 -27.47
N VAL A 554 25.49 -0.46 -26.34
CA VAL A 554 26.68 0.13 -25.76
C VAL A 554 27.87 0.07 -26.72
N ARG A 555 28.17 -1.11 -27.27
CA ARG A 555 29.31 -1.21 -28.17
C ARG A 555 29.18 -0.26 -29.35
N MET A 556 27.99 -0.17 -29.92
CA MET A 556 27.81 0.67 -31.10
C MET A 556 27.69 2.16 -30.84
N LEU A 557 27.49 2.56 -29.58
CA LEU A 557 27.48 3.96 -29.20
C LEU A 557 28.78 4.46 -28.53
N ALA A 558 29.62 3.53 -28.09
CA ALA A 558 30.91 3.89 -27.44
C ALA A 558 32.01 4.19 -28.47
N ASP A 559 33.01 4.95 -28.03
CA ASP A 559 34.25 5.13 -28.78
C ASP A 559 35.12 3.93 -28.50
N LEU A 560 35.19 3.00 -29.44
CA LEU A 560 35.85 1.73 -29.16
C LEU A 560 37.37 1.83 -29.07
N SER A 561 37.92 2.91 -29.60
CA SER A 561 39.34 3.14 -29.46
C SER A 561 39.76 3.21 -27.96
N LEU A 562 38.84 3.62 -27.08
CA LEU A 562 39.16 3.81 -25.67
C LEU A 562 39.49 2.49 -24.98
N VAL A 563 39.12 1.37 -25.59
CA VAL A 563 39.37 0.09 -24.96
C VAL A 563 40.22 -0.82 -25.82
N GLY A 564 40.88 -0.27 -26.81
CA GLY A 564 41.75 -1.07 -27.65
C GLY A 564 40.96 -1.77 -28.76
N CYS A 565 39.89 -1.13 -29.20
CA CYS A 565 39.05 -1.66 -30.30
C CYS A 565 38.47 -3.05 -29.96
N TYR A 566 38.73 -4.08 -30.78
CA TYR A 566 38.12 -5.38 -30.55
C TYR A 566 39.05 -6.36 -29.86
N ASN A 567 40.23 -5.88 -29.52
CA ASN A 567 41.24 -6.71 -28.88
C ASN A 567 41.03 -6.82 -27.39
N LEU A 568 40.38 -7.89 -26.96
CA LEU A 568 40.02 -8.07 -25.54
C LEU A 568 41.21 -8.29 -24.58
N SER A 569 42.42 -8.49 -25.13
CA SER A 569 43.58 -8.77 -24.28
C SER A 569 44.25 -7.47 -23.83
N THR A 570 43.86 -6.36 -24.45
CA THR A 570 44.49 -5.07 -24.17
C THR A 570 44.12 -4.52 -22.78
N MET A 571 43.00 -4.96 -22.22
CA MET A 571 42.68 -4.62 -20.83
C MET A 571 41.70 -5.60 -20.22
N ASN A 572 41.53 -5.52 -18.91
CA ASN A 572 40.62 -6.42 -18.21
C ASN A 572 39.21 -5.91 -18.37
N GLU A 573 38.28 -6.82 -18.17
CA GLU A 573 36.87 -6.52 -18.21
C GLU A 573 36.47 -5.45 -17.17
N SER A 574 37.08 -5.50 -15.98
CA SER A 574 36.77 -4.53 -14.95
C SER A 574 37.14 -3.09 -15.36
N GLU A 575 38.09 -2.95 -16.28
N GLU A 575 38.07 -2.95 -16.28
CA GLU A 575 38.48 -1.66 -16.84
CA GLU A 575 38.47 -1.65 -16.83
C GLU A 575 37.63 -1.31 -18.07
C GLU A 575 37.66 -1.28 -18.10
N ARG A 576 37.53 -2.25 -19.00
CA ARG A 576 36.84 -2.03 -20.26
C ARG A 576 35.36 -1.69 -20.07
N ASN A 577 34.68 -2.39 -19.18
CA ASN A 577 33.24 -2.22 -19.03
C ASN A 577 32.82 -0.83 -18.58
N PRO A 578 33.46 -0.30 -17.52
CA PRO A 578 33.01 1.06 -17.18
C PRO A 578 33.36 2.07 -18.26
N ILE A 579 34.43 1.86 -19.00
CA ILE A 579 34.79 2.79 -20.06
C ILE A 579 33.76 2.79 -21.19
N LEU A 580 33.37 1.60 -21.63
CA LEU A 580 32.32 1.46 -22.63
C LEU A 580 31.00 2.12 -22.22
N LEU A 581 30.55 1.83 -21.02
CA LEU A 581 29.28 2.37 -20.57
C LEU A 581 29.32 3.88 -20.47
N ALA A 582 30.38 4.43 -19.86
CA ALA A 582 30.49 5.87 -19.77
C ALA A 582 30.53 6.54 -21.13
N SER A 583 31.26 5.92 -22.04
CA SER A 583 31.43 6.48 -23.37
C SER A 583 30.09 6.43 -24.12
N ALA A 584 29.38 5.30 -24.01
CA ALA A 584 28.07 5.19 -24.69
C ALA A 584 27.10 6.21 -24.12
N LYS A 585 27.08 6.38 -22.77
CA LYS A 585 26.17 7.34 -22.15
C LYS A 585 26.45 8.72 -22.64
N SER A 586 27.73 9.06 -22.70
CA SER A 586 28.15 10.39 -23.07
C SER A 586 27.81 10.67 -24.53
N ASN A 587 28.18 9.74 -25.42
CA ASN A 587 27.89 9.93 -26.82
C ASN A 587 26.38 10.01 -27.09
N LEU A 588 25.60 9.20 -26.38
CA LEU A 588 24.16 9.22 -26.53
C LEU A 588 23.59 10.56 -26.05
N LYS A 589 23.96 10.94 -24.84
CA LYS A 589 23.46 12.16 -24.22
C LYS A 589 23.77 13.36 -25.10
N ASN A 590 24.94 13.33 -25.76
CA ASN A 590 25.38 14.49 -26.49
C ASN A 590 24.92 14.55 -27.95
N MET A 591 24.27 13.48 -28.45
CA MET A 591 23.54 13.50 -29.73
C MET A 591 22.47 14.54 -29.78
N ALA A 592 22.13 14.94 -31.01
CA ALA A 592 21.04 15.90 -31.23
C ALA A 592 19.72 15.31 -30.70
N PHE A 593 19.53 14.02 -30.91
CA PHE A 593 18.26 13.38 -30.58
C PHE A 593 18.38 11.87 -30.56
N TYR A 594 17.62 11.22 -29.68
CA TYR A 594 17.36 9.79 -29.85
C TYR A 594 15.94 9.47 -29.44
N GLY A 595 15.45 8.36 -29.95
CA GLY A 595 14.15 7.84 -29.57
C GLY A 595 14.24 6.45 -28.97
N LEU A 596 13.10 5.97 -28.47
CA LEU A 596 12.98 4.65 -27.91
C LEU A 596 11.89 3.91 -28.66
N THR A 597 12.16 2.66 -29.03
CA THR A 597 11.24 1.86 -29.86
C THR A 597 9.86 1.77 -29.18
N GLU A 598 9.87 1.63 -27.86
CA GLU A 598 8.63 1.44 -27.07
C GLU A 598 7.77 2.68 -26.94
N PHE A 599 8.31 3.82 -27.35
CA PHE A 599 7.60 5.10 -27.26
C PHE A 599 7.57 5.80 -28.61
N GLN A 600 6.87 5.21 -29.57
CA GLN A 600 6.84 5.75 -30.92
C GLN A 600 6.29 7.17 -31.00
N ARG A 601 5.19 7.44 -30.31
CA ARG A 601 4.62 8.78 -30.38
C ARG A 601 5.49 9.82 -29.68
N LYS A 602 6.06 9.49 -28.52
CA LYS A 602 6.93 10.45 -27.86
C LYS A 602 8.16 10.66 -28.73
N THR A 603 8.58 9.60 -29.40
CA THR A 603 9.75 9.72 -30.26
C THR A 603 9.44 10.71 -31.36
N GLN A 604 8.28 10.57 -31.99
CA GLN A 604 7.89 11.48 -33.05
C GLN A 604 7.90 12.93 -32.54
N TYR A 605 7.22 13.14 -31.40
CA TYR A 605 7.04 14.48 -30.85
C TYR A 605 8.37 15.17 -30.53
N LEU A 606 9.27 14.45 -29.87
CA LEU A 606 10.56 15.02 -29.56
C LEU A 606 11.42 15.28 -30.81
N PHE A 607 11.36 14.39 -31.80
CA PHE A 607 12.13 14.62 -33.04
C PHE A 607 11.64 15.95 -33.63
N GLU A 608 10.31 16.07 -33.71
CA GLU A 608 9.68 17.26 -34.31
C GLU A 608 10.06 18.53 -33.61
N ARG A 609 10.00 18.50 -32.29
CA ARG A 609 10.32 19.68 -31.50
C ARG A 609 11.83 19.97 -31.43
N THR A 610 12.67 18.93 -31.54
CA THR A 610 14.12 19.14 -31.59
C THR A 610 14.53 19.84 -32.89
N PHE A 611 14.04 19.31 -34.00
CA PHE A 611 14.50 19.79 -35.30
C PHE A 611 13.59 20.85 -35.95
N HIS A 612 12.44 21.14 -35.34
CA HIS A 612 11.46 22.09 -35.88
C HIS A 612 10.97 21.61 -37.26
N LEU A 613 10.53 20.35 -37.29
CA LEU A 613 10.03 19.68 -38.49
C LEU A 613 8.73 19.04 -38.07
N ARG A 614 7.88 18.66 -39.04
CA ARG A 614 6.72 17.83 -38.73
C ARG A 614 6.59 16.68 -39.70
N PHE A 615 6.07 15.57 -39.18
CA PHE A 615 5.82 14.42 -39.99
C PHE A 615 4.44 14.53 -40.62
N ILE A 616 4.25 13.86 -41.75
CA ILE A 616 2.96 13.82 -42.45
C ILE A 616 1.98 12.92 -41.72
N SER A 617 2.35 11.66 -41.50
CA SER A 617 1.51 10.71 -40.79
C SER A 617 2.09 10.37 -39.42
N ALA A 618 1.21 10.23 -38.44
CA ALA A 618 1.62 9.92 -37.08
C ALA A 618 2.34 8.58 -37.04
N PHE A 619 3.37 8.50 -36.21
CA PHE A 619 4.00 7.23 -35.89
C PHE A 619 2.99 6.33 -35.21
N THR A 620 3.20 5.03 -35.25
CA THR A 620 2.34 4.11 -34.54
C THR A 620 3.12 3.06 -33.77
N GLN A 621 2.52 2.61 -32.68
CA GLN A 621 3.11 1.64 -31.78
C GLN A 621 2.68 0.23 -32.18
N ILE A 622 3.64 -0.64 -32.45
CA ILE A 622 3.34 -2.05 -32.76
C ILE A 622 3.75 -2.94 -31.61
N ASN A 623 2.78 -3.36 -30.84
CA ASN A 623 3.06 -4.17 -29.67
C ASN A 623 3.38 -5.63 -30.02
N SER A 624 2.79 -6.14 -31.09
CA SER A 624 2.91 -7.57 -31.38
C SER A 624 4.13 -7.88 -32.21
N THR A 625 5.30 -7.71 -31.61
CA THR A 625 6.57 -7.94 -32.26
C THR A 625 6.97 -9.39 -32.16
N ARG A 626 7.98 -9.79 -32.95
CA ARG A 626 8.51 -11.13 -32.82
C ARG A 626 9.10 -11.37 -31.45
N ALA A 627 9.77 -10.37 -30.87
CA ALA A 627 10.30 -10.56 -29.53
C ALA A 627 9.18 -10.82 -28.51
N ALA A 628 8.11 -10.04 -28.59
CA ALA A 628 6.99 -10.12 -27.65
C ALA A 628 6.35 -11.50 -27.64
N ASN A 629 6.48 -12.20 -28.78
CA ASN A 629 5.90 -13.53 -28.96
C ASN A 629 6.75 -14.66 -28.36
N VAL A 630 8.02 -14.39 -28.05
CA VAL A 630 8.83 -15.38 -27.36
C VAL A 630 8.35 -15.56 -25.92
N GLU A 631 8.06 -16.81 -25.55
CA GLU A 631 7.62 -17.11 -24.19
C GLU A 631 8.91 -17.29 -23.42
N LEU A 632 9.11 -16.44 -22.42
CA LEU A 632 10.41 -16.32 -21.79
C LEU A 632 10.29 -16.62 -20.30
N ARG A 633 10.91 -17.74 -19.90
CA ARG A 633 11.13 -18.07 -18.49
C ARG A 633 11.92 -16.95 -17.77
N ASP A 634 11.60 -16.71 -16.51
CA ASP A 634 12.29 -15.67 -15.74
C ASP A 634 13.81 -15.92 -15.66
N ASP A 635 14.20 -17.16 -15.47
CA ASP A 635 15.62 -17.46 -15.38
C ASP A 635 16.33 -17.12 -16.70
N MET A 636 15.68 -17.38 -17.80
CA MET A 636 16.22 -17.09 -19.10
C MET A 636 16.29 -15.61 -19.39
N ARG A 637 15.26 -14.89 -19.00
CA ARG A 637 15.25 -13.45 -19.13
C ARG A 637 16.46 -12.93 -18.33
N SER A 638 16.68 -13.47 -17.13
CA SER A 638 17.76 -13.00 -16.29
C SER A 638 19.11 -13.27 -16.95
N ARG A 639 19.25 -14.42 -17.61
N ARG A 639 19.24 -14.41 -17.62
CA ARG A 639 20.50 -14.69 -18.32
CA ARG A 639 20.48 -14.70 -18.32
C ARG A 639 20.72 -13.71 -19.46
C ARG A 639 20.73 -13.75 -19.49
N ILE A 640 19.65 -13.33 -20.15
CA ILE A 640 19.76 -12.38 -21.27
C ILE A 640 20.17 -11.01 -20.69
N GLU A 641 19.59 -10.61 -19.56
CA GLU A 641 20.02 -9.39 -18.85
C GLU A 641 21.47 -9.40 -18.48
N GLN A 642 21.98 -10.53 -17.99
CA GLN A 642 23.36 -10.65 -17.59
C GLN A 642 24.30 -10.58 -18.79
N LEU A 643 23.93 -11.22 -19.90
CA LEU A 643 24.70 -11.09 -21.10
C LEU A 643 24.66 -9.68 -21.67
N ASN A 644 23.64 -8.91 -21.33
CA ASN A 644 23.50 -7.56 -21.86
C ASN A 644 23.52 -6.50 -20.75
N MET A 645 24.34 -6.75 -19.75
CA MET A 645 24.25 -5.91 -18.54
C MET A 645 24.66 -4.45 -18.82
N LEU A 646 25.62 -4.24 -19.71
CA LEU A 646 25.97 -2.87 -20.09
C LEU A 646 24.78 -2.19 -20.76
N ASP A 647 24.17 -2.89 -21.72
CA ASP A 647 22.98 -2.36 -22.31
C ASP A 647 21.86 -2.14 -21.32
N MET A 648 21.71 -2.99 -20.30
CA MET A 648 20.59 -2.77 -19.38
C MET A 648 20.76 -1.42 -18.63
N GLN A 649 21.99 -1.15 -18.24
CA GLN A 649 22.35 0.12 -17.60
C GLN A 649 22.20 1.31 -18.55
N LEU A 650 22.65 1.16 -19.80
CA LEU A 650 22.50 2.24 -20.76
C LEU A 650 21.03 2.55 -20.95
N TYR A 651 20.23 1.49 -21.10
CA TYR A 651 18.82 1.71 -21.37
C TYR A 651 18.08 2.33 -20.19
N GLU A 652 18.42 1.93 -18.98
CA GLU A 652 17.80 2.56 -17.78
C GLU A 652 18.07 4.08 -17.81
N PHE A 653 19.32 4.43 -18.06
CA PHE A 653 19.77 5.82 -18.22
C PHE A 653 19.01 6.54 -19.36
N ALA A 654 18.98 5.89 -20.52
CA ALA A 654 18.42 6.49 -21.73
C ALA A 654 16.91 6.73 -21.60
N LYS A 655 16.24 5.75 -20.98
CA LYS A 655 14.81 5.82 -20.81
C LYS A 655 14.46 6.99 -19.91
N ASP A 656 15.16 7.11 -18.80
CA ASP A 656 14.91 8.20 -17.86
C ASP A 656 15.17 9.59 -18.46
N LEU A 657 16.30 9.73 -19.13
CA LEU A 657 16.61 10.97 -19.83
C LEU A 657 15.56 11.29 -20.91
N PHE A 658 15.22 10.28 -21.71
CA PHE A 658 14.22 10.47 -22.76
C PHE A 658 12.88 10.93 -22.17
N LEU A 659 12.44 10.30 -21.11
CA LEU A 659 11.15 10.63 -20.53
C LEU A 659 11.22 11.98 -19.85
N GLN A 660 12.36 12.32 -19.24
CA GLN A 660 12.50 13.65 -18.66
C GLN A 660 12.54 14.71 -19.77
N ARG A 661 13.15 14.38 -20.91
CA ARG A 661 13.14 15.30 -22.04
C ARG A 661 11.71 15.53 -22.54
N TYR A 662 10.97 14.45 -22.69
CA TYR A 662 9.57 14.55 -23.11
C TYR A 662 8.79 15.48 -22.18
N GLN A 663 8.89 15.25 -20.89
CA GLN A 663 8.13 16.03 -19.93
C GLN A 663 8.51 17.51 -19.97
N PHE A 664 9.81 17.77 -20.10
CA PHE A 664 10.32 19.11 -20.11
C PHE A 664 9.82 19.87 -21.33
N VAL A 665 9.92 19.24 -22.49
CA VAL A 665 9.50 19.87 -23.74
C VAL A 665 7.98 20.07 -23.79
N ARG A 666 7.22 19.07 -23.39
CA ARG A 666 5.77 19.21 -23.31
C ARG A 666 5.35 20.35 -22.36
N GLN A 667 5.89 20.35 -21.15
CA GLN A 667 5.57 21.40 -20.17
C GLN A 667 5.84 22.80 -20.73
N ARG A 668 7.02 22.98 -21.33
CA ARG A 668 7.40 24.26 -21.89
C ARG A 668 6.38 24.65 -22.97
N GLU A 669 6.00 23.69 -23.81
CA GLU A 669 5.08 23.99 -24.90
C GLU A 669 3.70 24.41 -24.37
N ARG A 670 3.20 23.67 -23.38
CA ARG A 670 1.95 24.02 -22.69
C ARG A 670 2.01 25.42 -22.03
N GLN A 671 3.12 25.77 -21.41
CA GLN A 671 3.25 27.10 -20.81
C GLN A 671 3.19 28.20 -21.89
N GLU A 672 3.90 28.00 -22.99
CA GLU A 672 3.87 28.95 -24.10
C GLU A 672 2.47 29.19 -24.65
N GLU A 673 1.75 28.11 -24.96
CA GLU A 673 0.36 28.21 -25.38
C GLU A 673 -0.40 29.09 -24.40
N ARG A 674 -0.39 28.71 -23.13
CA ARG A 674 -1.06 29.48 -22.08
C ARG A 674 -0.68 30.98 -22.04
N LEU A 675 0.60 31.31 -22.10
CA LEU A 675 1.00 32.72 -22.05
C LEU A 675 0.40 33.47 -23.25
N LYS A 676 0.33 32.79 -24.39
CA LYS A 676 -0.29 33.36 -25.59
C LYS A 676 -1.78 33.65 -25.33
N ARG A 677 -2.50 32.67 -24.78
CA ARG A 677 -3.90 32.85 -24.42
C ARG A 677 -4.08 33.97 -23.39
N ARG A 678 -3.14 34.10 -22.46
CA ARG A 678 -3.19 35.14 -21.43
C ARG A 678 -2.76 36.52 -21.97
N GLU A 679 -2.88 36.70 -23.29
CA GLU A 679 -2.78 38.01 -23.93
C GLU A 679 -4.15 38.29 -24.53
N GLU A 680 -4.59 37.32 -25.33
CA GLU A 680 -5.87 37.38 -26.03
C GLU A 680 -7.03 37.33 -25.01
N ILE B 3 5.33 20.61 18.77
CA ILE B 3 5.50 21.17 17.42
C ILE B 3 6.47 22.34 17.47
N GLU B 4 7.44 22.34 16.56
CA GLU B 4 8.58 23.27 16.64
C GLU B 4 8.31 24.62 15.98
N GLU B 5 8.55 25.69 16.74
CA GLU B 5 8.36 27.05 16.23
C GLU B 5 9.53 27.43 15.33
N GLY B 6 9.26 28.23 14.31
CA GLY B 6 10.30 28.71 13.39
C GLY B 6 10.46 27.85 12.14
N LYS B 7 9.72 26.73 12.07
CA LYS B 7 9.71 25.87 10.89
C LYS B 7 8.27 25.52 10.49
N LEU B 8 8.08 24.99 9.27
CA LEU B 8 6.78 24.45 8.88
C LEU B 8 6.91 22.98 8.52
N VAL B 9 6.01 22.17 9.08
CA VAL B 9 5.88 20.76 8.73
C VAL B 9 4.50 20.52 8.09
N ILE B 10 4.50 19.91 6.91
CA ILE B 10 3.30 19.69 6.12
C ILE B 10 3.07 18.21 5.86
N TRP B 11 1.84 17.76 6.05
CA TRP B 11 1.42 16.43 5.66
C TRP B 11 0.48 16.47 4.47
N ILE B 12 0.74 15.60 3.51
CA ILE B 12 -0.07 15.52 2.31
C ILE B 12 -0.03 14.07 1.85
N ASN B 13 -1.10 13.60 1.24
CA ASN B 13 -1.19 12.20 0.89
C ASN B 13 -0.20 11.80 -0.22
N GLY B 14 0.24 10.55 -0.20
CA GLY B 14 1.30 10.10 -1.08
C GLY B 14 0.91 9.96 -2.56
N ASP B 15 -0.37 10.11 -2.88
CA ASP B 15 -0.79 10.15 -4.28
C ASP B 15 -0.82 11.57 -4.88
N LYS B 16 -0.48 12.57 -4.08
CA LYS B 16 -0.50 13.96 -4.56
C LYS B 16 0.92 14.45 -4.91
N GLY B 17 1.01 15.63 -5.54
CA GLY B 17 2.27 16.17 -6.03
C GLY B 17 3.17 16.70 -4.94
N TYR B 18 3.60 15.83 -4.05
CA TYR B 18 4.31 16.31 -2.89
C TYR B 18 5.71 16.82 -3.21
N ASN B 19 6.28 16.38 -4.33
CA ASN B 19 7.61 16.90 -4.69
C ASN B 19 7.49 18.35 -5.22
N GLY B 20 6.45 18.60 -6.00
CA GLY B 20 6.16 19.95 -6.43
C GLY B 20 5.89 20.87 -5.25
N LEU B 21 5.14 20.36 -4.26
CA LEU B 21 4.87 21.12 -3.05
C LEU B 21 6.16 21.48 -2.33
N ALA B 22 7.04 20.50 -2.18
CA ALA B 22 8.36 20.74 -1.58
C ALA B 22 9.12 21.88 -2.30
N GLU B 23 8.99 21.95 -3.63
CA GLU B 23 9.59 23.03 -4.42
C GLU B 23 9.03 24.39 -4.01
N VAL B 24 7.72 24.43 -3.72
CA VAL B 24 7.12 25.66 -3.21
C VAL B 24 7.71 26.01 -1.82
N GLY B 25 7.94 25.01 -0.99
CA GLY B 25 8.55 25.22 0.32
C GLY B 25 10.01 25.66 0.24
N LYS B 26 10.71 25.18 -0.80
CA LYS B 26 12.07 25.63 -1.10
C LYS B 26 12.11 27.12 -1.41
N LYS B 27 11.22 27.58 -2.28
CA LYS B 27 11.15 28.99 -2.62
C LYS B 27 10.79 29.79 -1.37
N PHE B 28 9.89 29.26 -0.54
CA PHE B 28 9.50 29.96 0.67
C PHE B 28 10.71 30.15 1.59
N GLU B 29 11.54 29.10 1.69
CA GLU B 29 12.73 29.16 2.53
C GLU B 29 13.75 30.13 1.97
N LYS B 30 13.89 30.12 0.65
CA LYS B 30 14.79 31.04 -0.05
C LYS B 30 14.40 32.46 0.29
N ASP B 31 13.13 32.79 0.13
CA ASP B 31 12.64 34.13 0.34
C ASP B 31 12.60 34.53 1.82
N THR B 32 12.32 33.59 2.71
CA THR B 32 12.06 33.92 4.11
C THR B 32 13.03 33.30 5.11
N GLY B 33 13.83 32.34 4.68
CA GLY B 33 14.72 31.64 5.61
C GLY B 33 14.02 30.58 6.45
N ILE B 34 12.70 30.42 6.26
CA ILE B 34 11.93 29.42 7.00
C ILE B 34 11.94 28.07 6.28
N LYS B 35 12.36 27.03 6.98
CA LYS B 35 12.49 25.72 6.38
C LYS B 35 11.10 25.06 6.27
N VAL B 36 10.81 24.45 5.13
CA VAL B 36 9.56 23.71 4.97
C VAL B 36 9.88 22.26 4.71
N THR B 37 9.28 21.38 5.52
CA THR B 37 9.37 19.94 5.32
C THR B 37 8.01 19.37 4.91
N VAL B 38 7.98 18.74 3.74
CA VAL B 38 6.77 18.08 3.26
C VAL B 38 6.89 16.57 3.56
N GLU B 39 5.92 16.01 4.26
CA GLU B 39 5.86 14.55 4.50
C GLU B 39 4.59 13.95 3.95
N HIS B 40 4.65 12.65 3.64
CA HIS B 40 3.44 11.90 3.24
C HIS B 40 3.27 10.59 4.02
N PRO B 41 3.03 10.68 5.35
CA PRO B 41 2.89 9.45 6.11
C PRO B 41 1.68 8.69 5.67
N ASP B 42 1.78 7.37 5.80
CA ASP B 42 0.63 6.51 5.57
C ASP B 42 -0.42 6.84 6.65
N LYS B 43 -1.70 6.80 6.29
CA LYS B 43 -2.79 7.04 7.26
C LYS B 43 -2.75 8.43 7.94
N LEU B 44 -2.18 9.43 7.27
CA LEU B 44 -2.01 10.76 7.83
C LEU B 44 -3.35 11.29 8.34
N GLU B 45 -4.43 10.90 7.68
CA GLU B 45 -5.76 11.42 8.00
C GLU B 45 -6.31 10.81 9.29
N GLU B 46 -5.79 9.64 9.67
CA GLU B 46 -6.11 9.02 10.96
C GLU B 46 -5.12 9.47 12.03
N LYS B 47 -3.86 9.60 11.64
CA LYS B 47 -2.84 10.04 12.58
C LYS B 47 -3.04 11.47 13.08
N PHE B 48 -3.46 12.35 12.17
CA PHE B 48 -3.59 13.75 12.52
C PHE B 48 -4.45 13.93 13.77
N PRO B 49 -5.67 13.37 13.78
CA PRO B 49 -6.51 13.61 14.96
C PRO B 49 -5.94 13.04 16.25
N GLN B 50 -5.18 11.96 16.17
CA GLN B 50 -4.59 11.39 17.37
C GLN B 50 -3.50 12.31 17.90
N VAL B 51 -2.54 12.63 17.05
CA VAL B 51 -1.39 13.42 17.50
C VAL B 51 -1.77 14.87 17.76
N ALA B 52 -2.72 15.40 16.99
CA ALA B 52 -3.07 16.82 17.13
C ALA B 52 -3.82 17.06 18.43
N ALA B 53 -4.51 16.03 18.91
CA ALA B 53 -5.29 16.12 20.16
C ALA B 53 -4.39 16.41 21.35
N THR B 54 -3.15 15.94 21.28
CA THR B 54 -2.15 16.18 22.34
C THR B 54 -1.27 17.39 22.03
N GLY B 55 -1.69 18.23 21.09
CA GLY B 55 -0.92 19.40 20.74
C GLY B 55 0.33 19.04 19.94
N ASP B 56 0.23 17.97 19.17
CA ASP B 56 1.32 17.55 18.29
C ASP B 56 0.91 17.61 16.81
N GLY B 57 1.77 17.09 15.93
CA GLY B 57 1.45 16.92 14.52
C GLY B 57 2.05 17.95 13.59
N PRO B 58 1.61 17.99 12.33
CA PRO B 58 2.13 19.00 11.40
C PRO B 58 1.51 20.37 11.68
N ASP B 59 2.11 21.43 11.13
CA ASP B 59 1.46 22.75 11.12
C ASP B 59 0.29 22.76 10.16
N ILE B 60 0.47 22.05 9.04
CA ILE B 60 -0.50 22.05 7.96
C ILE B 60 -0.84 20.62 7.55
N ILE B 61 -2.12 20.35 7.34
CA ILE B 61 -2.56 19.06 6.84
C ILE B 61 -3.38 19.22 5.57
N PHE B 62 -3.04 18.41 4.56
CA PHE B 62 -3.78 18.36 3.32
C PHE B 62 -4.62 17.10 3.27
N TRP B 63 -5.88 17.23 2.87
CA TRP B 63 -6.73 16.07 2.58
C TRP B 63 -7.95 16.63 1.89
N ALA B 64 -8.75 15.78 1.26
CA ALA B 64 -10.04 16.20 0.77
C ALA B 64 -10.85 16.74 1.97
N HIS B 65 -11.81 17.61 1.69
CA HIS B 65 -12.49 18.38 2.71
C HIS B 65 -13.37 17.53 3.61
N ASP B 66 -13.70 16.31 3.18
CA ASP B 66 -14.69 15.51 3.93
C ASP B 66 -14.20 15.19 5.32
N ARG B 67 -12.88 15.16 5.50
CA ARG B 67 -12.29 14.87 6.80
C ARG B 67 -12.32 16.01 7.79
N PHE B 68 -12.52 17.24 7.31
CA PHE B 68 -12.18 18.40 8.14
C PHE B 68 -13.25 18.77 9.18
N GLY B 69 -14.53 18.51 8.91
CA GLY B 69 -15.55 18.80 9.91
C GLY B 69 -15.30 18.01 11.18
N GLY B 70 -14.90 16.74 11.02
CA GLY B 70 -14.44 15.94 12.15
C GLY B 70 -13.31 16.60 12.92
N TYR B 71 -12.29 17.08 12.22
CA TYR B 71 -11.16 17.68 12.93
C TYR B 71 -11.63 18.97 13.63
N ALA B 72 -12.44 19.77 12.93
CA ALA B 72 -12.92 21.04 13.48
C ALA B 72 -13.79 20.81 14.72
N GLN B 73 -14.70 19.83 14.67
N GLN B 73 -14.71 19.84 14.64
CA GLN B 73 -15.54 19.60 15.82
CA GLN B 73 -15.56 19.48 15.79
C GLN B 73 -14.72 19.20 17.04
C GLN B 73 -14.69 19.24 17.00
N SER B 74 -13.59 18.53 16.80
CA SER B 74 -12.67 18.17 17.88
C SER B 74 -11.72 19.31 18.25
N GLY B 75 -11.90 20.46 17.61
CA GLY B 75 -11.07 21.64 17.93
C GLY B 75 -9.62 21.59 17.48
N LEU B 76 -9.34 20.85 16.41
CA LEU B 76 -7.95 20.64 16.00
C LEU B 76 -7.44 21.61 14.94
N LEU B 77 -8.33 22.50 14.48
CA LEU B 77 -8.04 23.38 13.36
C LEU B 77 -8.14 24.87 13.69
N ALA B 78 -7.14 25.63 13.28
CA ALA B 78 -7.21 27.10 13.32
C ALA B 78 -8.32 27.65 12.40
N GLU B 79 -9.10 28.60 12.90
CA GLU B 79 -10.06 29.30 12.03
C GLU B 79 -9.30 30.09 10.99
N ILE B 80 -9.78 30.02 9.75
CA ILE B 80 -9.16 30.78 8.66
C ILE B 80 -10.01 32.02 8.41
N THR B 81 -9.38 33.20 8.43
CA THR B 81 -10.09 34.46 8.24
C THR B 81 -9.34 35.37 7.26
N PRO B 82 -9.42 35.08 5.96
CA PRO B 82 -8.63 35.90 5.04
C PRO B 82 -9.35 37.21 4.75
N ALA B 83 -8.61 38.18 4.25
CA ALA B 83 -9.22 39.42 3.76
C ALA B 83 -10.11 39.09 2.58
N ALA B 84 -11.15 39.89 2.42
CA ALA B 84 -12.10 39.73 1.33
C ALA B 84 -11.38 39.63 -0.01
N ALA B 85 -10.33 40.43 -0.20
CA ALA B 85 -9.63 40.48 -1.48
C ALA B 85 -8.99 39.11 -1.79
N PHE B 86 -8.48 38.45 -0.76
CA PHE B 86 -7.92 37.12 -0.94
C PHE B 86 -9.03 36.09 -1.15
N GLN B 87 -10.07 36.16 -0.33
CA GLN B 87 -11.20 35.26 -0.49
C GLN B 87 -11.80 35.31 -1.91
N ASP B 88 -11.89 36.51 -2.50
CA ASP B 88 -12.38 36.66 -3.87
C ASP B 88 -11.51 35.96 -4.93
N LYS B 89 -10.27 35.62 -4.58
CA LYS B 89 -9.37 34.97 -5.54
C LYS B 89 -9.70 33.47 -5.80
N LEU B 90 -10.54 32.90 -4.92
CA LEU B 90 -10.90 31.47 -4.98
C LEU B 90 -12.40 31.34 -5.18
N TYR B 91 -12.84 30.28 -5.84
CA TYR B 91 -14.27 30.10 -6.16
C TYR B 91 -15.06 29.95 -4.86
N PRO B 92 -16.23 30.60 -4.76
CA PRO B 92 -17.03 30.48 -3.53
C PRO B 92 -17.41 29.03 -3.20
N PHE B 93 -17.66 28.18 -4.20
CA PHE B 93 -18.06 26.80 -3.93
C PHE B 93 -16.92 26.02 -3.32
N THR B 94 -15.69 26.50 -3.50
CA THR B 94 -14.58 25.81 -2.87
C THR B 94 -14.48 26.25 -1.41
N TRP B 95 -14.69 27.54 -1.15
CA TRP B 95 -14.75 27.96 0.24
C TRP B 95 -15.93 27.25 0.92
N ASP B 96 -17.03 27.04 0.19
CA ASP B 96 -18.20 26.38 0.80
C ASP B 96 -17.82 24.99 1.34
N ALA B 97 -16.91 24.31 0.64
CA ALA B 97 -16.51 22.95 1.01
C ALA B 97 -15.73 22.94 2.31
N VAL B 98 -15.13 24.06 2.67
CA VAL B 98 -14.30 24.12 3.88
C VAL B 98 -14.93 25.03 4.98
N ARG B 99 -16.23 25.27 4.87
CA ARG B 99 -16.96 25.96 5.93
C ARG B 99 -17.66 24.91 6.80
N TYR B 100 -17.44 25.01 8.11
CA TYR B 100 -18.07 24.14 9.11
C TYR B 100 -18.68 25.02 10.22
N ASN B 101 -19.98 24.87 10.47
CA ASN B 101 -20.67 25.70 11.47
C ASN B 101 -20.28 27.20 11.39
N GLY B 102 -20.36 27.73 10.18
CA GLY B 102 -20.19 29.15 9.95
C GLY B 102 -18.77 29.66 9.78
N LYS B 103 -17.78 28.85 10.18
CA LYS B 103 -16.36 29.22 10.13
C LYS B 103 -15.57 28.49 9.00
N LEU B 104 -14.70 29.23 8.32
CA LEU B 104 -13.77 28.63 7.35
C LEU B 104 -12.68 27.96 8.19
N ILE B 105 -12.45 26.66 7.94
CA ILE B 105 -11.53 25.86 8.73
C ILE B 105 -10.36 25.30 7.92
N ALA B 106 -10.28 25.67 6.64
CA ALA B 106 -9.14 25.31 5.80
C ALA B 106 -9.11 26.23 4.60
N TYR B 107 -8.01 26.20 3.85
CA TYR B 107 -7.93 26.81 2.52
C TYR B 107 -8.22 25.77 1.44
N PRO B 108 -9.12 26.08 0.52
CA PRO B 108 -9.35 25.11 -0.55
C PRO B 108 -8.27 25.25 -1.61
N ILE B 109 -7.91 24.15 -2.28
CA ILE B 109 -6.77 24.13 -3.20
C ILE B 109 -7.26 23.71 -4.57
N ALA B 110 -7.99 22.59 -4.64
CA ALA B 110 -8.44 22.09 -5.93
C ALA B 110 -9.61 21.12 -5.83
N VAL B 111 -10.44 21.10 -6.86
CA VAL B 111 -11.58 20.23 -6.95
C VAL B 111 -11.23 18.95 -7.72
N GLU B 112 -11.57 17.81 -7.11
CA GLU B 112 -11.33 16.47 -7.66
C GLU B 112 -12.63 15.68 -7.87
N ALA B 113 -12.69 14.95 -8.97
CA ALA B 113 -13.74 13.99 -9.26
C ALA B 113 -13.11 12.90 -10.13
N LEU B 114 -13.59 11.68 -9.96
CA LEU B 114 -13.18 10.56 -10.78
C LEU B 114 -13.74 10.68 -12.18
N SER B 115 -12.97 10.21 -13.16
CA SER B 115 -13.47 10.13 -14.53
C SER B 115 -13.18 8.75 -15.06
N LEU B 116 -13.79 8.41 -16.20
CA LEU B 116 -13.41 7.20 -16.92
C LEU B 116 -12.19 7.51 -17.75
N ILE B 117 -11.12 6.76 -17.51
CA ILE B 117 -9.91 6.86 -18.30
C ILE B 117 -9.83 5.64 -19.24
N TYR B 118 -9.68 5.89 -20.54
CA TYR B 118 -9.66 4.78 -21.50
C TYR B 118 -8.46 4.83 -22.49
N ASN B 119 -8.02 3.63 -22.90
CA ASN B 119 -6.97 3.45 -23.92
C ASN B 119 -7.56 3.56 -25.34
N LYS B 120 -7.31 4.70 -25.98
CA LYS B 120 -7.87 4.99 -27.30
C LYS B 120 -7.44 4.01 -28.40
N ASP B 121 -6.32 3.31 -28.20
CA ASP B 121 -5.86 2.34 -29.19
C ASP B 121 -6.63 1.04 -29.00
N LEU B 122 -6.83 0.61 -27.76
CA LEU B 122 -7.67 -0.58 -27.51
C LEU B 122 -9.15 -0.32 -27.73
N LEU B 123 -9.57 0.93 -27.53
CA LEU B 123 -10.99 1.24 -27.39
C LEU B 123 -11.33 2.65 -27.87
N PRO B 124 -11.40 2.87 -29.19
CA PRO B 124 -11.59 4.25 -29.64
C PRO B 124 -12.95 4.84 -29.27
N ASN B 125 -13.95 3.98 -29.12
CA ASN B 125 -15.29 4.40 -28.73
C ASN B 125 -15.62 3.85 -27.35
N PRO B 126 -15.35 4.63 -26.29
CA PRO B 126 -15.57 4.06 -24.95
C PRO B 126 -17.06 3.84 -24.66
N PRO B 127 -17.41 2.87 -23.80
CA PRO B 127 -18.82 2.57 -23.53
C PRO B 127 -19.55 3.70 -22.80
N LYS B 128 -20.79 4.00 -23.21
CA LYS B 128 -21.58 5.03 -22.54
C LYS B 128 -22.34 4.47 -21.34
N THR B 129 -22.40 3.14 -21.25
CA THR B 129 -23.14 2.47 -20.17
C THR B 129 -22.28 1.41 -19.53
N TRP B 130 -22.50 1.20 -18.23
CA TRP B 130 -21.94 0.07 -17.52
C TRP B 130 -22.47 -1.25 -18.10
N GLU B 131 -23.71 -1.21 -18.55
CA GLU B 131 -24.39 -2.42 -18.96
C GLU B 131 -23.65 -3.12 -20.13
N GLU B 132 -22.99 -2.33 -20.98
CA GLU B 132 -22.33 -2.92 -22.15
C GLU B 132 -20.89 -3.39 -21.87
N ILE B 133 -20.47 -3.32 -20.60
CA ILE B 133 -19.09 -3.67 -20.25
C ILE B 133 -18.78 -5.18 -20.28
N PRO B 134 -19.65 -6.03 -19.73
CA PRO B 134 -19.44 -7.48 -19.84
C PRO B 134 -19.16 -7.98 -21.27
N ALA B 135 -19.93 -7.52 -22.25
CA ALA B 135 -19.75 -7.92 -23.66
C ALA B 135 -18.45 -7.35 -24.26
N LEU B 136 -18.08 -6.15 -23.83
CA LEU B 136 -16.81 -5.55 -24.23
C LEU B 136 -15.66 -6.38 -23.66
N ASP B 137 -15.82 -6.80 -22.41
CA ASP B 137 -14.79 -7.60 -21.77
C ASP B 137 -14.61 -8.93 -22.48
N LYS B 138 -15.74 -9.50 -22.93
CA LYS B 138 -15.74 -10.73 -23.72
C LYS B 138 -14.87 -10.54 -24.98
N GLU B 139 -15.18 -9.51 -25.77
CA GLU B 139 -14.42 -9.23 -27.00
C GLU B 139 -12.94 -9.05 -26.67
N LEU B 140 -12.65 -8.27 -25.63
CA LEU B 140 -11.27 -7.99 -25.27
C LEU B 140 -10.49 -9.19 -24.70
N LYS B 141 -11.16 -10.12 -24.01
CA LYS B 141 -10.43 -11.24 -23.41
C LYS B 141 -9.91 -12.19 -24.48
N ALA B 142 -10.51 -12.11 -25.67
CA ALA B 142 -10.11 -12.90 -26.82
C ALA B 142 -8.79 -12.36 -27.38
N LYS B 143 -8.54 -11.07 -27.19
CA LYS B 143 -7.30 -10.43 -27.63
C LYS B 143 -6.27 -10.41 -26.50
N GLY B 144 -6.54 -11.16 -25.44
CA GLY B 144 -5.65 -11.22 -24.29
C GLY B 144 -5.67 -9.97 -23.44
N LYS B 145 -6.75 -9.20 -23.52
CA LYS B 145 -6.90 -7.98 -22.73
C LYS B 145 -8.14 -8.05 -21.82
N SER B 146 -8.35 -7.01 -21.01
CA SER B 146 -9.60 -6.85 -20.27
C SER B 146 -10.21 -5.45 -20.48
N ALA B 147 -11.48 -5.31 -20.15
CA ALA B 147 -12.18 -4.07 -20.41
C ALA B 147 -11.87 -3.01 -19.34
N LEU B 148 -11.92 -3.39 -18.08
CA LEU B 148 -11.89 -2.41 -17.02
C LEU B 148 -11.19 -2.94 -15.77
N MET B 149 -10.26 -2.16 -15.25
CA MET B 149 -9.70 -2.43 -13.94
C MET B 149 -9.66 -1.11 -13.16
N PHE B 150 -10.11 -1.16 -11.91
CA PHE B 150 -10.00 0.00 -11.02
C PHE B 150 -10.00 -0.44 -9.58
N ASN B 151 -9.57 0.45 -8.69
CA ASN B 151 -9.33 0.09 -7.31
C ASN B 151 -10.62 -0.31 -6.59
N LEU B 152 -10.69 -1.56 -6.12
CA LEU B 152 -11.91 -2.07 -5.51
C LEU B 152 -11.77 -2.15 -4.00
N GLN B 153 -10.64 -1.69 -3.48
CA GLN B 153 -10.38 -1.73 -2.04
C GLN B 153 -10.84 -0.45 -1.32
N GLU B 154 -11.01 0.64 -2.08
CA GLU B 154 -11.44 1.93 -1.52
C GLU B 154 -12.81 2.32 -2.05
N PRO B 155 -13.78 2.59 -1.14
CA PRO B 155 -15.16 2.83 -1.55
C PRO B 155 -15.35 4.08 -2.43
N TYR B 156 -14.41 5.01 -2.33
CA TYR B 156 -14.39 6.18 -3.21
C TYR B 156 -14.60 5.80 -4.67
N PHE B 157 -13.97 4.71 -5.12
CA PHE B 157 -13.94 4.34 -6.53
C PHE B 157 -15.21 3.62 -6.97
N THR B 158 -15.88 2.94 -6.02
CA THR B 158 -17.13 2.22 -6.32
C THR B 158 -18.40 3.03 -6.03
N TRP B 159 -18.26 4.04 -5.17
CA TRP B 159 -19.42 4.88 -4.85
C TRP B 159 -20.17 5.49 -6.07
N PRO B 160 -19.44 5.89 -7.12
CA PRO B 160 -20.16 6.46 -8.28
C PRO B 160 -21.23 5.52 -8.88
N LEU B 161 -20.94 4.23 -8.86
CA LEU B 161 -21.87 3.23 -9.36
C LEU B 161 -22.97 3.02 -8.32
N ILE B 162 -22.58 2.90 -7.06
CA ILE B 162 -23.55 2.70 -5.97
C ILE B 162 -24.59 3.81 -5.96
N ALA B 163 -24.16 5.06 -6.20
CA ALA B 163 -25.03 6.22 -6.11
C ALA B 163 -25.89 6.48 -7.35
N ALA B 164 -25.52 5.91 -8.49
CA ALA B 164 -26.16 6.22 -9.77
C ALA B 164 -27.70 6.06 -9.74
N ASP B 165 -28.17 4.96 -9.16
CA ASP B 165 -29.60 4.60 -9.19
C ASP B 165 -30.33 4.95 -7.89
N GLY B 166 -29.60 5.45 -6.89
CA GLY B 166 -30.26 5.96 -5.70
C GLY B 166 -29.48 5.95 -4.40
N GLY B 167 -28.33 5.28 -4.37
CA GLY B 167 -27.54 5.29 -3.16
C GLY B 167 -27.18 6.71 -2.76
N TYR B 168 -27.12 6.97 -1.45
CA TYR B 168 -26.64 8.24 -0.97
C TYR B 168 -26.04 8.08 0.41
N ALA B 169 -25.27 9.05 0.85
CA ALA B 169 -24.65 8.96 2.16
C ALA B 169 -25.70 9.47 3.14
N PHE B 170 -25.75 10.79 3.33
CA PHE B 170 -26.74 11.43 4.20
C PHE B 170 -27.69 12.31 3.37
N LYS B 171 -28.99 12.21 3.65
CA LYS B 171 -29.98 13.00 2.92
C LYS B 171 -29.89 14.45 3.40
N TYR B 172 -29.90 15.39 2.46
CA TYR B 172 -29.90 16.80 2.82
C TYR B 172 -31.34 17.25 2.92
N ALA B 173 -31.72 17.71 4.11
CA ALA B 173 -33.09 18.16 4.33
C ALA B 173 -33.08 19.19 5.44
N ALA B 174 -33.88 20.23 5.24
CA ALA B 174 -34.07 21.26 6.26
C ALA B 174 -32.77 21.99 6.60
N GLY B 175 -32.01 22.35 5.56
CA GLY B 175 -30.79 23.11 5.70
C GLY B 175 -29.61 22.36 6.31
N LYS B 176 -29.74 21.05 6.47
CA LYS B 176 -28.69 20.25 7.10
C LYS B 176 -28.60 18.88 6.47
N TYR B 177 -27.46 18.22 6.62
CA TYR B 177 -27.39 16.79 6.32
C TYR B 177 -27.97 16.09 7.54
N ASP B 178 -28.96 15.24 7.30
CA ASP B 178 -29.66 14.50 8.35
C ASP B 178 -28.89 13.18 8.64
N ILE B 179 -28.15 13.16 9.75
CA ILE B 179 -27.29 12.01 10.01
C ILE B 179 -28.08 10.74 10.41
N LYS B 180 -29.39 10.87 10.52
CA LYS B 180 -30.24 9.72 10.82
C LYS B 180 -30.92 9.20 9.56
N ASP B 181 -30.63 9.84 8.43
CA ASP B 181 -31.16 9.40 7.15
C ASP B 181 -30.02 9.00 6.21
N VAL B 182 -29.68 7.72 6.22
CA VAL B 182 -28.55 7.20 5.45
C VAL B 182 -29.06 6.35 4.29
N GLY B 183 -28.44 6.52 3.12
CA GLY B 183 -28.93 5.91 1.89
C GLY B 183 -28.08 4.77 1.38
N VAL B 184 -27.55 3.99 2.30
CA VAL B 184 -26.58 2.94 1.95
C VAL B 184 -27.23 1.61 1.59
N ASP B 185 -28.41 1.34 2.16
CA ASP B 185 -29.08 0.05 1.94
C ASP B 185 -30.42 0.18 1.27
N ASN B 186 -30.53 1.16 0.38
CA ASN B 186 -31.74 1.31 -0.42
C ASN B 186 -31.62 0.58 -1.74
N ALA B 187 -32.69 0.65 -2.52
CA ALA B 187 -32.82 -0.06 -3.81
C ALA B 187 -31.74 0.35 -4.79
N GLY B 188 -31.52 1.65 -4.89
CA GLY B 188 -30.52 2.21 -5.80
C GLY B 188 -29.15 1.68 -5.45
N ALA B 189 -28.79 1.81 -4.17
CA ALA B 189 -27.50 1.33 -3.70
C ALA B 189 -27.34 -0.15 -3.99
N LYS B 190 -28.38 -0.93 -3.70
CA LYS B 190 -28.32 -2.38 -3.93
C LYS B 190 -28.14 -2.73 -5.41
N ALA B 191 -28.82 -2.00 -6.29
CA ALA B 191 -28.71 -2.28 -7.73
C ALA B 191 -27.25 -2.09 -8.19
N GLY B 192 -26.65 -1.00 -7.72
CA GLY B 192 -25.29 -0.64 -8.11
C GLY B 192 -24.30 -1.66 -7.61
N LEU B 193 -24.33 -1.97 -6.32
CA LEU B 193 -23.35 -2.89 -5.79
C LEU B 193 -23.57 -4.29 -6.39
N THR B 194 -24.82 -4.60 -6.74
CA THR B 194 -25.12 -5.88 -7.38
C THR B 194 -24.44 -5.96 -8.76
N PHE B 195 -24.55 -4.90 -9.54
CA PHE B 195 -23.88 -4.88 -10.84
C PHE B 195 -22.39 -5.10 -10.68
N LEU B 196 -21.80 -4.47 -9.67
CA LEU B 196 -20.37 -4.62 -9.38
C LEU B 196 -20.04 -6.08 -9.07
N VAL B 197 -20.75 -6.66 -8.11
CA VAL B 197 -20.43 -8.03 -7.68
C VAL B 197 -20.67 -9.03 -8.82
N ASP B 198 -21.64 -8.73 -9.68
CA ASP B 198 -21.89 -9.55 -10.87
C ASP B 198 -20.73 -9.46 -11.86
N LEU B 199 -20.13 -8.28 -12.01
CA LEU B 199 -18.98 -8.15 -12.90
C LEU B 199 -17.87 -9.08 -12.44
N ILE B 200 -17.68 -9.16 -11.12
CA ILE B 200 -16.65 -10.01 -10.53
C ILE B 200 -17.02 -11.49 -10.65
N LYS B 201 -18.27 -11.80 -10.37
CA LYS B 201 -18.77 -13.17 -10.45
C LYS B 201 -18.55 -13.72 -11.89
N ASN B 202 -18.82 -12.88 -12.88
CA ASN B 202 -18.59 -13.22 -14.26
C ASN B 202 -17.14 -13.01 -14.74
N LYS B 203 -16.22 -12.87 -13.79
CA LYS B 203 -14.79 -12.74 -14.10
C LYS B 203 -14.44 -11.57 -15.05
N HIS B 204 -15.30 -10.55 -15.11
CA HIS B 204 -14.96 -9.32 -15.83
C HIS B 204 -14.08 -8.40 -14.97
N MET B 205 -14.04 -8.66 -13.67
CA MET B 205 -13.10 -8.00 -12.77
C MET B 205 -12.71 -8.97 -11.68
N ASN B 206 -11.66 -8.62 -10.95
CA ASN B 206 -11.16 -9.42 -9.85
C ASN B 206 -11.29 -8.62 -8.55
N ALA B 207 -11.69 -9.29 -7.47
CA ALA B 207 -11.97 -8.58 -6.22
C ALA B 207 -10.70 -8.20 -5.44
N ASP B 208 -9.54 -8.70 -5.87
CA ASP B 208 -8.30 -8.37 -5.18
C ASP B 208 -7.63 -7.14 -5.81
N THR B 209 -8.21 -6.66 -6.91
CA THR B 209 -7.66 -5.52 -7.64
C THR B 209 -7.65 -4.26 -6.75
N ASP B 210 -6.46 -3.70 -6.57
CA ASP B 210 -6.32 -2.47 -5.79
C ASP B 210 -5.77 -1.32 -6.66
N TYR B 211 -5.45 -0.20 -6.04
CA TYR B 211 -4.92 0.95 -6.77
C TYR B 211 -3.67 0.59 -7.67
N SER B 212 -2.62 0.02 -7.07
CA SER B 212 -1.37 -0.24 -7.83
C SER B 212 -1.60 -1.23 -8.97
N ILE B 213 -2.34 -2.30 -8.68
CA ILE B 213 -2.58 -3.31 -9.67
C ILE B 213 -3.35 -2.73 -10.83
N ALA B 214 -4.38 -1.92 -10.56
CA ALA B 214 -5.18 -1.39 -11.66
C ALA B 214 -4.33 -0.39 -12.46
N GLU B 215 -3.49 0.36 -11.75
CA GLU B 215 -2.67 1.40 -12.36
C GLU B 215 -1.64 0.75 -13.29
N ALA B 216 -0.95 -0.28 -12.80
CA ALA B 216 0.02 -1.03 -13.60
C ALA B 216 -0.62 -1.59 -14.87
N ALA B 217 -1.79 -2.22 -14.70
CA ALA B 217 -2.49 -2.84 -15.82
C ALA B 217 -2.87 -1.82 -16.88
N PHE B 218 -3.49 -0.72 -16.48
CA PHE B 218 -3.86 0.29 -17.47
C PHE B 218 -2.62 0.93 -18.12
N ASN B 219 -1.57 1.22 -17.34
CA ASN B 219 -0.43 1.96 -17.86
C ASN B 219 0.49 1.06 -18.71
N LYS B 220 0.28 -0.25 -18.64
CA LYS B 220 1.03 -1.20 -19.45
C LYS B 220 0.25 -1.64 -20.68
N GLY B 221 -0.98 -1.14 -20.84
CA GLY B 221 -1.80 -1.48 -21.98
C GLY B 221 -2.58 -2.79 -21.88
N GLU B 222 -2.63 -3.35 -20.68
CA GLU B 222 -3.32 -4.60 -20.44
C GLU B 222 -4.84 -4.50 -20.36
N THR B 223 -5.33 -3.38 -19.83
CA THR B 223 -6.77 -3.14 -19.68
C THR B 223 -7.20 -1.88 -20.43
N ALA B 224 -8.40 -1.92 -21.01
CA ALA B 224 -8.87 -0.84 -21.88
C ALA B 224 -9.33 0.42 -21.12
N MET B 225 -9.73 0.24 -19.87
CA MET B 225 -10.31 1.35 -19.10
C MET B 225 -9.91 1.25 -17.65
N THR B 226 -9.82 2.42 -16.99
CA THR B 226 -9.68 2.48 -15.54
C THR B 226 -10.54 3.64 -15.01
N ILE B 227 -10.64 3.71 -13.70
CA ILE B 227 -11.37 4.81 -13.05
C ILE B 227 -10.41 5.45 -12.07
N ASN B 228 -10.20 6.75 -12.23
CA ASN B 228 -9.24 7.44 -11.39
C ASN B 228 -9.39 8.97 -11.46
N GLY B 229 -8.61 9.64 -10.63
CA GLY B 229 -8.65 11.09 -10.52
C GLY B 229 -7.48 11.77 -11.21
N PRO B 230 -7.45 13.12 -11.18
CA PRO B 230 -6.44 13.90 -11.88
C PRO B 230 -5.01 13.54 -11.52
N TRP B 231 -4.80 13.22 -10.25
CA TRP B 231 -3.48 12.86 -9.78
C TRP B 231 -2.84 11.69 -10.57
N ALA B 232 -3.68 10.84 -11.16
CA ALA B 232 -3.18 9.65 -11.89
C ALA B 232 -2.62 9.95 -13.27
N TRP B 233 -2.96 11.11 -13.83
CA TRP B 233 -2.63 11.38 -15.23
C TRP B 233 -1.11 11.41 -15.49
N SER B 234 -0.36 11.89 -14.53
CA SER B 234 1.08 12.05 -14.69
C SER B 234 1.77 10.71 -15.02
N ASN B 235 1.41 9.67 -14.29
CA ASN B 235 2.01 8.35 -14.56
C ASN B 235 1.61 7.77 -15.92
N ILE B 236 0.40 8.07 -16.38
CA ILE B 236 -0.04 7.60 -17.68
C ILE B 236 0.73 8.36 -18.78
N ASP B 237 1.00 9.65 -18.54
CA ASP B 237 1.73 10.49 -19.49
C ASP B 237 3.10 9.92 -19.79
N THR B 238 3.72 9.27 -18.81
CA THR B 238 5.04 8.68 -19.00
C THR B 238 4.99 7.23 -19.55
N SER B 239 3.79 6.70 -19.76
CA SER B 239 3.65 5.41 -20.41
C SER B 239 3.45 5.60 -21.91
N ALA B 240 3.34 4.48 -22.64
CA ALA B 240 3.08 4.53 -24.07
C ALA B 240 1.59 4.56 -24.35
N VAL B 241 0.78 4.57 -23.31
CA VAL B 241 -0.66 4.56 -23.54
C VAL B 241 -1.15 5.90 -24.08
N ASN B 242 -1.91 5.82 -25.15
CA ASN B 242 -2.60 6.97 -25.70
C ASN B 242 -3.98 6.98 -25.07
N TYR B 243 -4.21 7.88 -24.12
CA TYR B 243 -5.43 7.79 -23.29
C TYR B 243 -6.34 8.99 -23.46
N GLY B 244 -7.63 8.77 -23.16
CA GLY B 244 -8.62 9.82 -23.03
C GLY B 244 -9.23 9.79 -21.62
N VAL B 245 -9.93 10.85 -21.28
CA VAL B 245 -10.54 11.01 -19.97
C VAL B 245 -11.96 11.47 -20.27
N THR B 246 -12.95 10.72 -19.81
CA THR B 246 -14.32 11.00 -20.22
C THR B 246 -15.37 10.81 -19.12
N VAL B 247 -16.62 11.04 -19.49
CA VAL B 247 -17.75 10.87 -18.59
C VAL B 247 -17.82 9.42 -18.17
N LEU B 248 -18.07 9.19 -16.89
CA LEU B 248 -18.23 7.83 -16.38
C LEU B 248 -19.46 7.14 -17.01
N PRO B 249 -19.46 5.82 -17.05
CA PRO B 249 -20.62 5.18 -17.72
C PRO B 249 -21.95 5.38 -16.95
N THR B 250 -23.07 5.41 -17.66
CA THR B 250 -24.37 5.43 -16.99
C THR B 250 -24.76 4.07 -16.47
N PHE B 251 -25.57 4.08 -15.42
CA PHE B 251 -26.17 2.85 -14.90
C PHE B 251 -27.69 3.00 -14.85
N LYS B 252 -28.39 2.05 -15.46
CA LYS B 252 -29.85 2.12 -15.60
C LYS B 252 -30.26 3.49 -16.13
N GLY B 253 -29.53 3.96 -17.13
CA GLY B 253 -29.88 5.20 -17.78
C GLY B 253 -29.54 6.44 -16.98
N GLN B 254 -28.92 6.25 -15.81
CA GLN B 254 -28.59 7.35 -14.93
C GLN B 254 -27.07 7.53 -14.81
N PRO B 255 -26.61 8.78 -14.68
CA PRO B 255 -25.18 9.04 -14.57
C PRO B 255 -24.56 8.48 -13.31
N SER B 256 -23.32 8.03 -13.41
CA SER B 256 -22.54 7.68 -12.24
C SER B 256 -22.34 8.97 -11.49
N LYS B 257 -22.28 8.89 -10.17
CA LYS B 257 -22.30 10.07 -9.31
C LYS B 257 -21.14 10.03 -8.35
N PRO B 258 -19.97 10.45 -8.83
CA PRO B 258 -18.81 10.45 -7.95
C PRO B 258 -18.95 11.47 -6.86
N PHE B 259 -18.39 11.15 -5.71
CA PHE B 259 -18.30 12.10 -4.62
C PHE B 259 -17.14 13.04 -4.91
N VAL B 260 -17.43 14.34 -4.95
CA VAL B 260 -16.44 15.33 -5.27
C VAL B 260 -15.69 15.76 -4.03
N GLY B 261 -14.37 15.73 -4.12
CA GLY B 261 -13.50 16.22 -3.09
C GLY B 261 -12.83 17.55 -3.47
N VAL B 262 -12.73 18.44 -2.49
CA VAL B 262 -11.81 19.59 -2.57
C VAL B 262 -10.57 19.33 -1.71
N LEU B 263 -9.44 19.13 -2.37
CA LEU B 263 -8.19 19.09 -1.68
C LEU B 263 -8.10 20.41 -0.93
N SER B 264 -7.89 20.29 0.39
CA SER B 264 -7.89 21.43 1.29
C SER B 264 -6.69 21.41 2.21
N ALA B 265 -6.23 22.58 2.61
CA ALA B 265 -5.12 22.70 3.54
C ALA B 265 -5.58 23.31 4.88
N GLY B 266 -5.46 22.52 5.94
CA GLY B 266 -5.87 22.92 7.29
C GLY B 266 -4.65 23.29 8.11
N ILE B 267 -4.83 24.23 9.02
CA ILE B 267 -3.75 24.65 9.91
C ILE B 267 -4.05 24.10 11.30
N ASN B 268 -3.05 23.43 11.87
CA ASN B 268 -3.16 22.81 13.18
C ASN B 268 -3.43 23.87 14.26
N ALA B 269 -4.53 23.72 15.00
CA ALA B 269 -4.82 24.66 16.09
C ALA B 269 -3.65 24.80 17.09
N ALA B 270 -2.82 23.77 17.17
CA ALA B 270 -1.72 23.74 18.13
C ALA B 270 -0.46 24.40 17.56
N SER B 271 -0.49 24.82 16.30
CA SER B 271 0.73 25.36 15.68
C SER B 271 1.14 26.74 16.26
N PRO B 272 2.45 26.91 16.58
CA PRO B 272 2.99 28.24 16.89
C PRO B 272 3.34 29.05 15.64
N ASN B 273 2.97 28.52 14.47
CA ASN B 273 3.44 29.05 13.20
C ASN B 273 2.28 29.45 12.31
N LYS B 274 1.19 29.87 12.92
CA LYS B 274 -0.03 30.13 12.16
C LYS B 274 0.19 31.24 11.13
N GLU B 275 1.01 32.24 11.45
CA GLU B 275 1.18 33.34 10.51
C GLU B 275 2.01 32.89 9.32
N LEU B 276 3.09 32.16 9.58
CA LEU B 276 3.91 31.60 8.52
C LEU B 276 3.10 30.67 7.61
N ALA B 277 2.23 29.87 8.24
CA ALA B 277 1.41 28.93 7.51
C ALA B 277 0.48 29.68 6.56
N LYS B 278 -0.14 30.74 7.06
CA LYS B 278 -1.04 31.53 6.24
C LYS B 278 -0.30 32.22 5.09
N GLU B 279 0.91 32.68 5.39
CA GLU B 279 1.78 33.30 4.38
C GLU B 279 2.13 32.30 3.27
N PHE B 280 2.59 31.14 3.69
CA PHE B 280 2.91 30.07 2.75
C PHE B 280 1.72 29.71 1.87
N LEU B 281 0.59 29.44 2.50
CA LEU B 281 -0.56 29.01 1.79
C LEU B 281 -1.13 30.12 0.90
N GLU B 282 -1.26 31.33 1.44
CA GLU B 282 -1.88 32.42 0.67
C GLU B 282 -0.96 32.97 -0.41
N ASN B 283 0.31 33.15 -0.07
CA ASN B 283 1.22 33.94 -0.92
C ASN B 283 2.22 33.11 -1.69
N TYR B 284 2.36 31.84 -1.33
CA TYR B 284 3.24 30.92 -2.06
C TYR B 284 2.49 29.81 -2.78
N LEU B 285 1.61 29.09 -2.08
CA LEU B 285 0.92 27.96 -2.71
C LEU B 285 -0.22 28.43 -3.60
N LEU B 286 -1.14 29.23 -3.05
CA LEU B 286 -2.29 29.69 -3.82
C LEU B 286 -1.96 30.91 -4.74
N THR B 287 -0.98 30.69 -5.61
CA THR B 287 -0.64 31.59 -6.70
C THR B 287 -0.46 30.76 -7.97
N ASP B 288 -0.44 31.41 -9.13
CA ASP B 288 -0.24 30.70 -10.40
C ASP B 288 1.04 29.85 -10.36
N GLU B 289 2.10 30.44 -9.82
N GLU B 289 2.13 30.42 -9.83
CA GLU B 289 3.41 29.77 -9.76
CA GLU B 289 3.43 29.73 -9.78
C GLU B 289 3.35 28.56 -8.84
C GLU B 289 3.45 28.57 -8.78
N GLY B 290 2.81 28.76 -7.63
CA GLY B 290 2.73 27.72 -6.63
C GLY B 290 1.94 26.51 -7.10
N LEU B 291 0.74 26.76 -7.63
CA LEU B 291 -0.11 25.69 -8.12
C LEU B 291 0.47 25.01 -9.37
N GLU B 292 1.14 25.77 -10.24
CA GLU B 292 1.79 25.20 -11.41
C GLU B 292 2.84 24.18 -10.98
N ALA B 293 3.57 24.45 -9.90
CA ALA B 293 4.66 23.58 -9.49
C ALA B 293 4.13 22.25 -8.92
N VAL B 294 3.02 22.29 -8.20
CA VAL B 294 2.41 21.06 -7.70
C VAL B 294 1.78 20.31 -8.87
N ASN B 295 1.02 21.05 -9.67
CA ASN B 295 0.26 20.49 -10.77
C ASN B 295 1.16 19.77 -11.77
N LYS B 296 2.36 20.29 -11.96
CA LYS B 296 3.35 19.69 -12.87
C LYS B 296 3.86 18.38 -12.35
N ASP B 297 3.84 18.21 -11.04
CA ASP B 297 4.23 16.94 -10.42
C ASP B 297 3.08 15.94 -10.57
N LYS B 298 1.95 16.22 -9.93
CA LYS B 298 0.74 15.39 -10.10
C LYS B 298 -0.45 16.35 -10.30
N PRO B 299 -1.22 16.17 -11.39
CA PRO B 299 -2.27 17.17 -11.61
C PRO B 299 -3.29 17.25 -10.48
N LEU B 300 -3.72 18.48 -10.21
CA LEU B 300 -4.57 18.80 -9.07
C LEU B 300 -6.05 18.65 -9.38
N GLY B 301 -6.39 18.72 -10.66
CA GLY B 301 -7.77 18.87 -11.08
C GLY B 301 -8.12 20.33 -11.43
N ALA B 302 -9.32 20.74 -11.02
CA ALA B 302 -9.79 22.11 -11.24
C ALA B 302 -9.39 22.96 -10.04
N VAL B 303 -8.35 23.76 -10.20
CA VAL B 303 -7.83 24.48 -9.03
C VAL B 303 -8.83 25.55 -8.58
N ALA B 304 -8.77 25.84 -7.29
CA ALA B 304 -9.69 26.74 -6.62
C ALA B 304 -9.35 28.21 -6.94
N LEU B 305 -8.11 28.46 -7.32
CA LEU B 305 -7.63 29.81 -7.61
C LEU B 305 -8.13 30.19 -8.98
N LYS B 306 -9.00 31.19 -9.04
CA LYS B 306 -9.71 31.52 -10.28
C LYS B 306 -8.74 31.80 -11.43
N SER B 307 -7.66 32.50 -11.14
CA SER B 307 -6.75 32.92 -12.20
C SER B 307 -6.05 31.75 -12.90
N TYR B 308 -5.60 30.77 -12.12
CA TYR B 308 -4.90 29.64 -12.70
C TYR B 308 -5.91 28.66 -13.29
N GLU B 309 -7.07 28.55 -12.65
CA GLU B 309 -8.13 27.68 -13.17
C GLU B 309 -8.54 28.04 -14.59
N GLU B 310 -8.70 29.34 -14.85
CA GLU B 310 -9.06 29.80 -16.19
C GLU B 310 -7.98 29.42 -17.20
N GLU B 311 -6.73 29.45 -16.77
CA GLU B 311 -5.64 29.13 -17.68
C GLU B 311 -5.65 27.66 -18.09
N LEU B 312 -6.05 26.80 -17.17
CA LEU B 312 -5.99 25.37 -17.40
C LEU B 312 -7.30 24.81 -17.93
N ALA B 313 -8.33 25.67 -18.03
CA ALA B 313 -9.69 25.20 -18.27
C ALA B 313 -9.90 24.57 -19.64
N LYS B 314 -9.00 24.87 -20.57
CA LYS B 314 -9.13 24.35 -21.93
C LYS B 314 -8.73 22.87 -21.98
N ASP B 315 -8.14 22.34 -20.91
CA ASP B 315 -7.65 20.96 -20.92
C ASP B 315 -8.86 20.01 -20.90
N PRO B 316 -9.04 19.20 -21.95
CA PRO B 316 -10.21 18.31 -22.00
C PRO B 316 -10.29 17.32 -20.85
N ARG B 317 -9.15 17.00 -20.24
CA ARG B 317 -9.16 16.10 -19.08
C ARG B 317 -9.79 16.79 -17.88
N ILE B 318 -9.55 18.10 -17.77
CA ILE B 318 -10.14 18.86 -16.68
C ILE B 318 -11.61 19.09 -16.98
N ALA B 319 -11.95 19.29 -18.25
CA ALA B 319 -13.35 19.48 -18.58
C ALA B 319 -14.18 18.22 -18.31
N ALA B 320 -13.57 17.05 -18.57
CA ALA B 320 -14.18 15.78 -18.23
C ALA B 320 -14.33 15.66 -16.70
N THR B 321 -13.30 16.09 -15.98
CA THR B 321 -13.32 16.04 -14.52
C THR B 321 -14.52 16.81 -13.97
N MET B 322 -14.73 18.01 -14.49
CA MET B 322 -15.83 18.84 -14.01
C MET B 322 -17.19 18.35 -14.52
N GLU B 323 -17.21 17.73 -15.69
CA GLU B 323 -18.45 17.16 -16.19
C GLU B 323 -18.89 16.09 -15.19
N ASN B 324 -17.95 15.24 -14.78
CA ASN B 324 -18.28 14.19 -13.82
C ASN B 324 -18.62 14.79 -12.45
N ALA B 325 -17.91 15.84 -12.06
CA ALA B 325 -18.18 16.52 -10.79
C ALA B 325 -19.62 17.06 -10.78
N GLN B 326 -20.03 17.70 -11.88
CA GLN B 326 -21.41 18.21 -12.01
C GLN B 326 -22.44 17.09 -11.85
N LYS B 327 -22.11 15.91 -12.37
CA LYS B 327 -23.00 14.74 -12.31
C LYS B 327 -23.10 14.18 -10.90
N GLY B 328 -22.01 14.33 -10.15
CA GLY B 328 -21.90 13.80 -8.81
C GLY B 328 -22.33 14.81 -7.76
N GLU B 329 -21.79 14.68 -6.56
CA GLU B 329 -22.17 15.53 -5.45
C GLU B 329 -20.96 15.87 -4.62
N ILE B 330 -20.92 17.10 -4.14
CA ILE B 330 -19.86 17.55 -3.26
C ILE B 330 -20.00 16.73 -2.01
N MET B 331 -18.89 16.34 -1.39
CA MET B 331 -19.00 15.54 -0.19
C MET B 331 -19.42 16.45 0.95
N PRO B 332 -20.24 15.91 1.88
CA PRO B 332 -20.41 16.67 3.12
C PRO B 332 -19.06 16.74 3.84
N ASN B 333 -18.83 17.75 4.67
CA ASN B 333 -17.61 17.79 5.49
C ASN B 333 -17.89 17.40 6.95
N ILE B 334 -19.10 16.93 7.24
CA ILE B 334 -19.51 16.66 8.62
C ILE B 334 -18.73 15.50 9.29
N PRO B 335 -18.55 15.57 10.62
CA PRO B 335 -17.80 14.55 11.38
C PRO B 335 -18.21 13.12 11.04
N GLN B 336 -19.50 12.93 10.76
CA GLN B 336 -20.02 11.60 10.50
C GLN B 336 -19.50 10.97 9.18
N MET B 337 -18.86 11.76 8.29
CA MET B 337 -18.41 11.19 6.98
C MET B 337 -17.44 10.01 7.10
N SER B 338 -16.51 10.08 8.05
CA SER B 338 -15.54 9.01 8.14
C SER B 338 -16.23 7.69 8.56
N ALA B 339 -17.27 7.79 9.40
CA ALA B 339 -18.07 6.61 9.75
C ALA B 339 -18.75 6.01 8.51
N PHE B 340 -19.30 6.89 7.67
CA PHE B 340 -19.91 6.46 6.40
C PHE B 340 -18.89 5.71 5.55
N TRP B 341 -17.70 6.29 5.40
CA TRP B 341 -16.71 5.69 4.52
C TRP B 341 -16.24 4.32 5.07
N TYR B 342 -15.94 4.23 6.36
CA TYR B 342 -15.50 2.93 6.93
C TYR B 342 -16.56 1.86 6.65
N ALA B 343 -17.83 2.28 6.74
CA ALA B 343 -18.95 1.38 6.60
C ALA B 343 -19.05 0.81 5.19
N VAL B 344 -19.00 1.72 4.22
CA VAL B 344 -19.14 1.31 2.82
C VAL B 344 -17.87 0.55 2.41
N ARG B 345 -16.74 0.86 3.04
CA ARG B 345 -15.51 0.13 2.71
C ARG B 345 -15.72 -1.36 2.96
N THR B 346 -16.18 -1.67 4.17
CA THR B 346 -16.34 -3.06 4.61
C THR B 346 -17.35 -3.73 3.70
N ALA B 347 -18.47 -3.05 3.48
CA ALA B 347 -19.55 -3.57 2.64
C ALA B 347 -19.03 -3.99 1.26
N VAL B 348 -18.25 -3.12 0.62
CA VAL B 348 -17.84 -3.39 -0.76
C VAL B 348 -16.87 -4.58 -0.79
N ILE B 349 -15.90 -4.56 0.10
CA ILE B 349 -14.94 -5.64 0.20
C ILE B 349 -15.64 -6.97 0.49
N ASN B 350 -16.49 -6.99 1.51
CA ASN B 350 -17.17 -8.22 1.89
C ASN B 350 -18.09 -8.74 0.78
N ALA B 351 -18.71 -7.82 0.05
CA ALA B 351 -19.59 -8.21 -1.04
C ALA B 351 -18.78 -8.69 -2.26
N ALA B 352 -17.67 -8.01 -2.53
CA ALA B 352 -16.84 -8.33 -3.67
C ALA B 352 -16.23 -9.72 -3.51
N SER B 353 -15.80 -10.02 -2.29
CA SER B 353 -15.12 -11.28 -1.98
C SER B 353 -16.06 -12.48 -1.80
N GLY B 354 -17.32 -12.21 -1.42
CA GLY B 354 -18.28 -13.26 -1.12
C GLY B 354 -18.40 -13.63 0.37
N ARG B 355 -17.78 -12.85 1.25
CA ARG B 355 -17.97 -13.02 2.69
C ARG B 355 -19.45 -12.79 3.09
N GLN B 356 -20.11 -11.84 2.42
CA GLN B 356 -21.56 -11.62 2.59
C GLN B 356 -22.19 -11.45 1.22
N THR B 357 -23.52 -11.50 1.17
CA THR B 357 -24.25 -11.05 0.00
C THR B 357 -24.32 -9.53 -0.01
N VAL B 358 -24.87 -9.00 -1.09
CA VAL B 358 -25.02 -7.56 -1.30
C VAL B 358 -26.02 -6.97 -0.29
N ASP B 359 -27.19 -7.61 -0.14
CA ASP B 359 -28.20 -7.18 0.85
C ASP B 359 -27.62 -7.21 2.27
N ALA B 360 -26.95 -8.30 2.62
CA ALA B 360 -26.35 -8.42 3.95
C ALA B 360 -25.30 -7.33 4.15
N ALA B 361 -24.41 -7.20 3.17
CA ALA B 361 -23.29 -6.26 3.29
C ALA B 361 -23.78 -4.84 3.56
N LEU B 362 -24.78 -4.44 2.78
CA LEU B 362 -25.30 -3.07 2.83
C LEU B 362 -26.18 -2.83 4.05
N ALA B 363 -26.97 -3.84 4.43
CA ALA B 363 -27.73 -3.75 5.67
C ALA B 363 -26.77 -3.46 6.80
N ALA B 364 -25.64 -4.16 6.79
CA ALA B 364 -24.65 -3.98 7.84
C ALA B 364 -24.02 -2.57 7.78
N ALA B 365 -23.76 -2.06 6.57
CA ALA B 365 -23.13 -0.74 6.42
C ALA B 365 -24.05 0.39 6.87
N GLN B 366 -25.33 0.25 6.54
CA GLN B 366 -26.36 1.20 6.96
C GLN B 366 -26.26 1.38 8.48
N THR B 367 -26.15 0.25 9.14
CA THR B 367 -26.07 0.20 10.59
C THR B 367 -24.76 0.77 11.07
N ASN B 368 -23.67 0.36 10.44
CA ASN B 368 -22.35 0.77 10.88
C ASN B 368 -22.11 2.28 10.64
N ALA B 369 -22.91 2.88 9.77
CA ALA B 369 -22.73 4.31 9.47
C ALA B 369 -23.30 5.21 10.59
N ALA B 370 -24.23 4.67 11.40
CA ALA B 370 -24.85 5.47 12.46
C ALA B 370 -23.86 5.99 13.51
N ALA B 371 -24.17 7.15 14.07
CA ALA B 371 -23.37 7.73 15.16
C ALA B 371 -23.29 6.75 16.34
N LYS B 372 -22.14 6.69 17.01
CA LYS B 372 -21.99 5.86 18.21
C LYS B 372 -21.84 6.77 19.39
N PHE B 373 -22.73 6.66 20.38
CA PHE B 373 -22.68 7.49 21.55
C PHE B 373 -21.53 7.06 22.43
N ASN B 374 -20.97 7.99 23.23
CA ASN B 374 -19.86 7.67 24.10
C ASN B 374 -20.28 7.08 25.44
N PHE B 375 -20.65 5.80 25.43
CA PHE B 375 -20.98 5.13 26.68
C PHE B 375 -19.76 4.88 27.55
N THR B 376 -19.95 4.86 28.87
CA THR B 376 -18.90 4.52 29.78
C THR B 376 -18.71 3.01 29.85
N GLU B 377 -17.56 2.59 30.37
CA GLU B 377 -17.28 1.18 30.49
C GLU B 377 -18.32 0.54 31.39
N ARG B 378 -18.71 1.27 32.42
CA ARG B 378 -19.77 0.78 33.30
C ARG B 378 -21.05 0.48 32.52
N ASP B 379 -21.38 1.30 31.52
CA ASP B 379 -22.61 1.09 30.69
C ASP B 379 -22.52 -0.15 29.78
N LEU B 380 -21.31 -0.50 29.41
CA LEU B 380 -21.07 -1.58 28.46
C LEU B 380 -20.87 -2.93 29.14
N THR B 381 -20.63 -2.89 30.45
CA THR B 381 -20.20 -4.04 31.23
C THR B 381 -21.34 -4.51 32.09
N ARG B 382 -21.84 -5.69 31.80
CA ARG B 382 -22.93 -6.27 32.57
C ARG B 382 -22.49 -7.68 32.94
N ASP B 383 -21.69 -7.78 34.00
CA ASP B 383 -21.20 -9.08 34.47
C ASP B 383 -21.99 -9.47 35.72
N VAL B 384 -22.85 -10.47 35.56
CA VAL B 384 -23.69 -10.90 36.66
C VAL B 384 -23.21 -12.26 37.11
N ASP B 385 -22.80 -12.29 38.37
CA ASP B 385 -22.54 -13.55 39.04
C ASP B 385 -23.90 -14.16 39.36
N PHE B 386 -24.52 -14.78 38.36
CA PHE B 386 -25.85 -15.27 38.55
C PHE B 386 -25.83 -16.61 39.24
N ASN B 387 -26.42 -16.65 40.41
CA ASN B 387 -26.42 -17.85 41.20
C ASN B 387 -27.83 -18.43 41.32
N ILE B 388 -28.13 -19.37 40.45
CA ILE B 388 -29.43 -19.97 40.38
C ILE B 388 -29.75 -20.78 41.63
N LYS B 389 -28.72 -21.20 42.33
CA LYS B 389 -28.89 -21.96 43.58
C LYS B 389 -29.07 -21.03 44.76
N GLY B 390 -28.83 -19.73 44.53
CA GLY B 390 -28.87 -18.73 45.58
C GLY B 390 -30.20 -18.01 45.61
N ASP B 391 -30.17 -16.68 45.69
CA ASP B 391 -31.40 -15.88 45.80
C ASP B 391 -31.70 -14.98 44.56
N ASP B 392 -30.94 -15.16 43.48
CA ASP B 392 -31.06 -14.33 42.28
C ASP B 392 -32.27 -14.75 41.45
N VAL B 393 -32.98 -13.76 40.91
CA VAL B 393 -34.15 -14.01 40.06
C VAL B 393 -34.03 -13.17 38.77
N ILE B 394 -34.20 -13.82 37.62
CA ILE B 394 -34.30 -13.12 36.35
C ILE B 394 -35.76 -12.77 36.13
N VAL B 395 -36.02 -11.54 35.74
CA VAL B 395 -37.36 -11.02 35.52
C VAL B 395 -37.46 -10.55 34.07
N PHE B 396 -38.24 -11.29 33.28
CA PHE B 396 -38.37 -10.97 31.87
C PHE B 396 -39.59 -10.11 31.65
N LEU B 397 -39.34 -8.85 31.36
CA LEU B 397 -40.39 -7.91 30.98
C LEU B 397 -40.65 -8.07 29.50
N HIS B 398 -41.82 -8.59 29.17
CA HIS B 398 -42.16 -8.84 27.77
C HIS B 398 -43.01 -7.73 27.21
N ILE B 399 -42.46 -7.00 26.25
CA ILE B 399 -43.21 -5.95 25.57
C ILE B 399 -43.86 -6.58 24.33
N GLN B 400 -45.14 -6.34 24.11
CA GLN B 400 -45.83 -6.95 22.95
C GLN B 400 -45.08 -6.79 21.62
N LYS B 401 -44.96 -7.92 20.92
CA LYS B 401 -44.49 -7.98 19.55
C LYS B 401 -43.01 -7.74 19.35
N THR B 402 -42.24 -8.02 20.39
CA THR B 402 -40.81 -7.84 20.34
C THR B 402 -40.12 -9.18 20.19
N GLY B 403 -40.88 -10.22 19.86
CA GLY B 403 -40.29 -11.55 19.79
C GLY B 403 -40.16 -12.16 21.16
N GLY B 404 -41.07 -11.79 22.07
CA GLY B 404 -40.95 -12.28 23.44
C GLY B 404 -41.38 -13.74 23.63
N THR B 405 -42.23 -14.24 22.74
CA THR B 405 -42.65 -15.66 22.82
C THR B 405 -41.44 -16.53 22.55
N THR B 406 -40.74 -16.24 21.47
CA THR B 406 -39.48 -16.93 21.14
C THR B 406 -38.45 -16.80 22.21
N PHE B 407 -38.19 -15.56 22.62
CA PHE B 407 -37.18 -15.36 23.67
C PHE B 407 -37.58 -16.03 24.97
N GLY B 408 -38.83 -15.85 25.40
CA GLY B 408 -39.32 -16.48 26.61
C GLY B 408 -39.25 -18.02 26.58
N ARG B 409 -39.56 -18.60 25.44
CA ARG B 409 -39.42 -20.06 25.27
C ARG B 409 -37.94 -20.50 25.38
N HIS B 410 -37.01 -19.72 24.81
CA HIS B 410 -35.59 -20.00 25.00
C HIS B 410 -35.24 -20.06 26.47
N LEU B 411 -35.81 -19.15 27.25
CA LEU B 411 -35.44 -19.06 28.65
C LEU B 411 -35.85 -20.32 29.47
N VAL B 412 -36.95 -20.94 29.09
CA VAL B 412 -37.50 -22.09 29.83
C VAL B 412 -37.24 -23.43 29.16
N ARG B 413 -36.95 -23.43 27.85
CA ARG B 413 -36.65 -24.68 27.15
C ARG B 413 -35.20 -24.85 26.71
N ASN B 414 -34.42 -23.78 26.69
CA ASN B 414 -33.17 -23.86 25.92
C ASN B 414 -31.91 -23.46 26.68
N ILE B 415 -31.99 -23.26 27.99
CA ILE B 415 -30.77 -23.07 28.78
C ILE B 415 -30.24 -24.37 29.37
N ARG B 416 -28.94 -24.58 29.24
CA ARG B 416 -28.29 -25.75 29.84
C ARG B 416 -28.26 -25.57 31.35
N LEU B 417 -29.07 -26.39 32.03
CA LEU B 417 -29.22 -26.32 33.48
C LEU B 417 -29.04 -27.67 34.19
N GLU B 418 -28.42 -27.63 35.37
CA GLU B 418 -28.37 -28.79 36.28
C GLU B 418 -29.77 -29.30 36.58
N GLN B 419 -30.72 -28.41 36.82
CA GLN B 419 -32.14 -28.79 36.91
C GLN B 419 -32.99 -27.98 35.93
N PRO B 420 -33.28 -28.56 34.76
CA PRO B 420 -34.11 -27.89 33.77
C PRO B 420 -35.49 -27.52 34.28
N CYS B 421 -36.12 -26.58 33.59
CA CYS B 421 -37.50 -26.26 33.85
C CYS B 421 -38.32 -27.50 33.45
N ASP B 422 -39.36 -27.76 34.23
CA ASP B 422 -40.31 -28.84 33.94
C ASP B 422 -41.47 -28.29 33.12
N CYS B 423 -41.44 -28.60 31.83
CA CYS B 423 -42.45 -28.14 30.87
C CYS B 423 -43.30 -29.35 30.46
N LYS B 424 -44.45 -29.49 31.11
CA LYS B 424 -45.38 -30.58 30.87
C LYS B 424 -46.09 -30.28 29.58
N ALA B 425 -45.99 -31.20 28.62
CA ALA B 425 -46.62 -31.03 27.30
C ALA B 425 -48.08 -30.65 27.48
N GLY B 426 -48.54 -29.73 26.64
CA GLY B 426 -49.86 -29.13 26.81
C GLY B 426 -49.86 -27.82 27.59
N GLN B 427 -49.01 -27.71 28.62
CA GLN B 427 -49.06 -26.58 29.54
C GLN B 427 -48.27 -25.38 29.00
N LYS B 428 -48.85 -24.19 29.14
CA LYS B 428 -48.22 -22.97 28.72
C LYS B 428 -47.09 -22.61 29.68
N LYS B 429 -47.33 -22.81 30.97
CA LYS B 429 -46.40 -22.41 32.02
C LYS B 429 -45.53 -23.58 32.51
N CYS B 430 -44.22 -23.38 32.54
CA CYS B 430 -43.27 -24.33 33.10
C CYS B 430 -42.97 -24.06 34.56
N THR B 431 -42.47 -25.08 35.24
CA THR B 431 -41.95 -24.89 36.58
C THR B 431 -40.43 -24.76 36.48
N CYS B 432 -39.91 -23.59 36.82
CA CYS B 432 -38.49 -23.33 36.72
C CYS B 432 -37.92 -23.15 38.12
N HIS B 433 -37.64 -24.26 38.79
CA HIS B 433 -37.20 -24.21 40.16
C HIS B 433 -35.70 -24.32 40.32
N ARG B 434 -35.22 -23.71 41.39
CA ARG B 434 -33.84 -23.82 41.80
C ARG B 434 -33.59 -25.28 42.15
N PRO B 435 -32.37 -25.78 41.87
CA PRO B 435 -32.16 -27.23 42.05
C PRO B 435 -32.61 -27.72 43.42
N GLY B 436 -33.46 -28.75 43.42
CA GLY B 436 -33.95 -29.34 44.65
C GLY B 436 -34.83 -28.48 45.54
N LYS B 437 -35.27 -27.32 45.07
CA LYS B 437 -36.14 -26.44 45.86
C LYS B 437 -37.46 -26.18 45.13
N GLN B 438 -38.33 -25.47 45.84
CA GLN B 438 -39.64 -25.11 45.32
C GLN B 438 -39.71 -23.61 45.06
N GLU B 439 -38.55 -23.00 44.83
CA GLU B 439 -38.45 -21.55 44.54
C GLU B 439 -38.17 -21.35 43.06
N SER B 440 -38.76 -20.33 42.45
CA SER B 440 -38.49 -20.04 41.03
C SER B 440 -37.31 -19.08 40.85
N TRP B 441 -36.49 -19.36 39.86
CA TRP B 441 -35.36 -18.48 39.54
C TRP B 441 -35.71 -17.51 38.41
N LEU B 442 -36.88 -17.72 37.80
CA LEU B 442 -37.29 -16.96 36.62
C LEU B 442 -38.70 -16.44 36.83
N PHE B 443 -38.87 -15.13 36.77
CA PHE B 443 -40.21 -14.52 36.75
C PHE B 443 -40.54 -14.17 35.30
N SER B 444 -41.53 -14.85 34.71
CA SER B 444 -41.85 -14.67 33.30
C SER B 444 -43.20 -15.27 33.01
N ARG B 445 -43.80 -14.80 31.95
CA ARG B 445 -45.01 -15.44 31.41
C ARG B 445 -44.96 -16.99 31.45
N PHE B 446 -43.86 -17.58 30.99
CA PHE B 446 -43.79 -19.04 30.85
C PHE B 446 -43.29 -19.79 32.08
N SER B 447 -43.10 -19.09 33.19
CA SER B 447 -42.59 -19.72 34.40
C SER B 447 -43.46 -19.40 35.60
N THR B 448 -43.91 -18.16 35.72
CA THR B 448 -44.74 -17.75 36.83
C THR B 448 -46.07 -17.21 36.33
N GLY B 449 -46.29 -17.18 35.00
CA GLY B 449 -47.54 -16.68 34.46
C GLY B 449 -47.57 -15.16 34.44
N TRP B 450 -48.75 -14.58 34.44
CA TRP B 450 -48.90 -13.12 34.49
C TRP B 450 -49.23 -12.65 35.90
N SER B 451 -48.38 -13.03 36.85
CA SER B 451 -48.59 -12.79 38.28
C SER B 451 -48.74 -11.32 38.64
N CYS B 452 -48.11 -10.44 37.86
CA CYS B 452 -48.17 -9.00 38.13
C CYS B 452 -49.01 -8.25 37.10
N GLY B 453 -49.78 -9.01 36.31
CA GLY B 453 -50.61 -8.46 35.26
C GLY B 453 -50.13 -8.92 33.88
N LEU B 454 -51.08 -8.96 32.97
CA LEU B 454 -50.78 -9.29 31.57
C LEU B 454 -49.82 -8.27 30.99
N HIS B 455 -48.70 -8.74 30.43
CA HIS B 455 -47.64 -7.87 29.93
C HIS B 455 -47.30 -6.72 30.88
N ALA B 456 -47.15 -7.04 32.16
CA ALA B 456 -46.75 -6.09 33.18
C ALA B 456 -45.54 -5.29 32.73
N ASP B 457 -45.63 -3.96 32.82
CA ASP B 457 -44.58 -3.11 32.31
C ASP B 457 -43.57 -2.79 33.44
N TRP B 458 -42.61 -1.92 33.16
CA TRP B 458 -41.57 -1.62 34.17
C TRP B 458 -42.17 -1.12 35.47
N THR B 459 -43.14 -0.24 35.37
CA THR B 459 -43.79 0.34 36.55
C THR B 459 -44.49 -0.73 37.36
N GLU B 460 -45.22 -1.60 36.68
CA GLU B 460 -45.94 -2.66 37.35
C GLU B 460 -45.02 -3.68 38.02
N LEU B 461 -44.02 -4.16 37.28
CA LEU B 461 -43.14 -5.19 37.78
C LEU B 461 -42.29 -4.71 38.95
N THR B 462 -41.76 -3.50 38.84
CA THR B 462 -40.85 -3.06 39.89
C THR B 462 -41.66 -2.80 41.17
N ASN B 463 -42.95 -2.59 41.04
CA ASN B 463 -43.80 -2.40 42.18
C ASN B 463 -44.45 -3.67 42.75
N CYS B 464 -44.34 -4.78 42.03
CA CYS B 464 -45.10 -5.99 42.37
C CYS B 464 -44.19 -7.18 42.58
N VAL B 465 -43.14 -7.30 41.78
CA VAL B 465 -42.33 -8.52 41.81
C VAL B 465 -41.71 -8.81 43.20
N PRO B 466 -41.19 -7.79 43.89
CA PRO B 466 -40.56 -8.09 45.19
C PRO B 466 -41.57 -8.59 46.22
N VAL B 467 -42.79 -8.06 46.20
CA VAL B 467 -43.84 -8.55 47.09
C VAL B 467 -44.24 -9.97 46.77
N ILE B 468 -44.49 -10.23 45.49
CA ILE B 468 -44.96 -11.52 45.00
C ILE B 468 -43.97 -12.70 45.25
N MET B 469 -42.67 -12.47 45.15
CA MET B 469 -41.74 -13.58 45.39
C MET B 469 -41.60 -13.84 46.91
N ASP B 470 -41.74 -12.79 47.71
CA ASP B 470 -41.59 -12.88 49.19
C ASP B 470 -42.90 -12.57 49.91
N ARG B 479 -32.48 -10.44 48.26
CA ARG B 479 -32.84 -11.04 46.95
C ARG B 479 -32.56 -10.10 45.78
N ASN B 480 -31.83 -10.60 44.80
CA ASN B 480 -31.42 -9.77 43.67
C ASN B 480 -32.27 -10.08 42.45
N PHE B 481 -32.81 -9.04 41.87
CA PHE B 481 -33.68 -9.17 40.67
C PHE B 481 -32.92 -8.62 39.49
N TYR B 482 -32.79 -9.42 38.45
CA TYR B 482 -32.11 -9.01 37.25
C TYR B 482 -33.15 -8.85 36.13
N TYR B 483 -33.49 -7.60 35.81
CA TYR B 483 -34.55 -7.35 34.81
C TYR B 483 -33.97 -7.47 33.44
N ILE B 484 -34.73 -8.12 32.55
CA ILE B 484 -34.35 -8.23 31.13
C ILE B 484 -35.52 -7.96 30.21
N THR B 485 -35.20 -7.59 28.98
CA THR B 485 -36.23 -7.36 27.97
C THR B 485 -35.70 -7.54 26.56
N MET B 486 -36.61 -7.47 25.59
CA MET B 486 -36.28 -7.47 24.18
C MET B 486 -36.91 -6.22 23.56
N LEU B 487 -36.24 -5.63 22.59
CA LEU B 487 -36.77 -4.49 21.86
C LEU B 487 -36.74 -4.80 20.37
N ARG B 488 -37.57 -4.09 19.59
CA ARG B 488 -37.66 -4.30 18.16
C ARG B 488 -37.80 -2.96 17.49
N ASP B 489 -37.32 -2.85 16.27
CA ASP B 489 -37.39 -1.56 15.55
C ASP B 489 -38.85 -1.11 15.49
N PRO B 490 -39.13 0.18 15.78
CA PRO B 490 -40.52 0.52 16.09
C PRO B 490 -41.50 0.34 14.95
N VAL B 491 -41.05 0.57 13.72
CA VAL B 491 -42.00 0.43 12.62
C VAL B 491 -42.44 -1.05 12.46
N SER B 492 -41.48 -1.97 12.47
CA SER B 492 -41.76 -3.40 12.45
C SER B 492 -42.65 -3.82 13.60
N ARG B 493 -42.29 -3.37 14.80
CA ARG B 493 -43.04 -3.74 16.00
C ARG B 493 -44.47 -3.24 15.90
N TYR B 494 -44.64 -2.01 15.46
CA TYR B 494 -45.95 -1.42 15.34
C TYR B 494 -46.85 -2.18 14.30
N LEU B 495 -46.25 -2.55 13.16
CA LEU B 495 -46.95 -3.28 12.09
C LEU B 495 -47.34 -4.67 12.61
N SER B 496 -46.42 -5.27 13.34
CA SER B 496 -46.66 -6.56 14.01
C SER B 496 -47.83 -6.47 14.96
N GLU B 497 -47.92 -5.36 15.69
CA GLU B 497 -49.01 -5.18 16.64
C GLU B 497 -50.31 -4.96 15.89
N TRP B 498 -50.27 -4.15 14.84
CA TRP B 498 -51.45 -3.94 14.01
C TRP B 498 -52.01 -5.31 13.52
N LYS B 499 -51.15 -6.14 12.95
CA LYS B 499 -51.59 -7.44 12.36
C LYS B 499 -52.10 -8.36 13.45
N HIS B 500 -51.53 -8.30 14.65
CA HIS B 500 -52.04 -9.13 15.74
C HIS B 500 -53.41 -8.67 16.26
N VAL B 501 -53.56 -7.36 16.40
CA VAL B 501 -54.81 -6.78 16.77
C VAL B 501 -55.84 -7.09 15.68
N GLN B 502 -55.41 -7.03 14.43
CA GLN B 502 -56.32 -7.28 13.30
C GLN B 502 -56.90 -8.69 13.34
N ARG B 503 -56.12 -9.63 13.87
CA ARG B 503 -56.60 -11.00 13.99
C ARG B 503 -57.12 -11.34 15.38
N GLY B 504 -57.34 -10.33 16.22
CA GLY B 504 -58.10 -10.48 17.45
C GLY B 504 -57.45 -10.13 18.78
N ALA B 505 -56.17 -9.78 18.80
CA ALA B 505 -55.52 -9.43 20.09
C ALA B 505 -56.07 -8.12 20.62
N THR B 506 -56.31 -8.07 21.94
CA THR B 506 -56.63 -6.81 22.62
C THR B 506 -55.79 -6.53 23.89
N TRP B 507 -55.25 -7.59 24.52
CA TRP B 507 -54.64 -7.50 25.83
C TRP B 507 -55.51 -6.69 26.79
N LYS B 508 -56.82 -6.85 26.70
CA LYS B 508 -57.71 -5.98 27.43
C LYS B 508 -57.71 -6.23 28.94
N THR B 509 -57.21 -7.36 29.38
CA THR B 509 -57.16 -7.63 30.82
C THR B 509 -55.88 -7.08 31.50
N SER B 510 -55.03 -6.40 30.76
CA SER B 510 -53.87 -5.73 31.37
C SER B 510 -54.33 -4.80 32.50
N LEU B 511 -53.58 -4.71 33.58
CA LEU B 511 -53.97 -3.89 34.74
C LEU B 511 -53.54 -2.44 34.63
N HIS B 512 -52.43 -2.21 33.94
CA HIS B 512 -51.87 -0.87 33.78
C HIS B 512 -51.74 -0.17 35.15
N MET B 513 -51.29 -0.93 36.15
CA MET B 513 -51.22 -0.40 37.52
C MET B 513 -50.13 0.68 37.63
N CYS B 514 -50.45 1.78 38.29
CA CYS B 514 -49.49 2.88 38.48
C CYS B 514 -49.98 3.68 39.68
N ASP B 515 -49.08 3.99 40.59
CA ASP B 515 -49.44 4.70 41.82
C ASP B 515 -50.56 3.97 42.57
N GLY B 516 -50.45 2.65 42.59
CA GLY B 516 -51.39 1.81 43.30
C GLY B 516 -52.78 1.63 42.73
N ARG B 517 -53.07 2.09 41.51
CA ARG B 517 -54.38 1.83 40.94
C ARG B 517 -54.36 1.63 39.42
N SER B 518 -55.42 1.01 38.92
CA SER B 518 -55.61 0.84 37.48
C SER B 518 -56.39 2.00 36.95
N PRO B 519 -56.11 2.41 35.71
CA PRO B 519 -56.85 3.55 35.17
C PRO B 519 -58.20 3.08 34.74
N THR B 520 -59.18 3.96 34.71
CA THR B 520 -60.48 3.65 34.09
C THR B 520 -60.52 4.06 32.61
N GLN B 521 -61.67 3.80 31.98
CA GLN B 521 -61.89 4.10 30.57
C GLN B 521 -61.87 5.61 30.37
N ASP B 522 -62.08 6.33 31.46
CA ASP B 522 -61.91 7.78 31.48
C ASP B 522 -60.46 8.22 31.25
N GLU B 523 -59.52 7.45 31.76
CA GLU B 523 -58.12 7.80 31.64
C GLU B 523 -57.55 7.09 30.42
N LEU B 524 -58.13 5.93 30.10
CA LEU B 524 -57.70 5.08 28.96
C LEU B 524 -58.88 4.64 28.07
N PRO B 525 -59.30 5.51 27.14
CA PRO B 525 -60.37 5.16 26.19
C PRO B 525 -59.97 4.00 25.27
N THR B 526 -60.94 3.18 24.91
CA THR B 526 -60.67 2.04 24.01
C THR B 526 -60.82 2.50 22.59
N CYS B 527 -60.06 1.87 21.70
CA CYS B 527 -60.07 2.23 20.30
C CYS B 527 -61.21 1.59 19.50
N TYR B 528 -61.86 0.59 20.09
CA TYR B 528 -62.79 -0.24 19.34
C TYR B 528 -64.10 -0.37 20.08
N ASN B 529 -65.16 -0.68 19.33
CA ASN B 529 -66.43 -1.14 19.89
C ASN B 529 -66.53 -2.68 19.93
N GLY B 530 -67.29 -3.18 20.89
CA GLY B 530 -67.49 -4.60 21.00
C GLY B 530 -66.32 -5.25 21.72
N ASP B 531 -66.10 -6.54 21.42
CA ASP B 531 -65.15 -7.35 22.16
C ASP B 531 -63.72 -7.14 21.73
N ASP B 532 -63.51 -6.63 20.53
CA ASP B 532 -62.15 -6.58 19.96
C ASP B 532 -62.09 -5.66 18.81
N TRP B 533 -60.90 -5.53 18.23
CA TRP B 533 -60.67 -4.63 17.10
C TRP B 533 -60.37 -5.41 15.84
N SER B 534 -60.93 -6.62 15.74
N SER B 534 -60.87 -6.65 15.77
CA SER B 534 -60.72 -7.50 14.60
CA SER B 534 -60.57 -7.53 14.64
C SER B 534 -61.01 -6.86 13.27
C SER B 534 -61.00 -6.95 13.31
N GLY B 535 -60.17 -7.19 12.30
CA GLY B 535 -60.36 -6.72 10.95
C GLY B 535 -59.89 -5.32 10.70
N VAL B 536 -59.39 -4.62 11.73
CA VAL B 536 -59.03 -3.20 11.55
C VAL B 536 -57.98 -3.04 10.47
N THR B 537 -58.12 -1.99 9.67
CA THR B 537 -57.12 -1.69 8.67
C THR B 537 -56.01 -0.86 9.27
N LEU B 538 -54.86 -0.84 8.60
CA LEU B 538 -53.73 -0.08 9.12
C LEU B 538 -54.11 1.38 9.26
N HIS B 539 -54.80 1.93 8.26
CA HIS B 539 -55.24 3.32 8.33
C HIS B 539 -56.10 3.59 9.56
N ASP B 540 -57.06 2.72 9.83
CA ASP B 540 -57.90 2.92 11.01
C ASP B 540 -57.11 2.67 12.32
N PHE B 541 -56.14 1.77 12.28
CA PHE B 541 -55.34 1.49 13.47
C PHE B 541 -54.54 2.77 13.84
N MET B 542 -53.93 3.39 12.83
CA MET B 542 -53.16 4.60 12.95
C MET B 542 -53.98 5.83 13.33
N ASP B 543 -55.28 5.77 13.07
CA ASP B 543 -56.14 6.92 13.25
C ASP B 543 -56.63 7.06 14.67
N CYS B 544 -56.53 6.00 15.48
CA CYS B 544 -57.02 6.09 16.86
C CYS B 544 -55.96 6.78 17.77
N PRO B 545 -56.28 7.96 18.30
CA PRO B 545 -55.30 8.68 19.15
C PRO B 545 -54.94 7.96 20.46
N SER B 546 -55.83 7.11 20.99
CA SER B 546 -55.52 6.46 22.26
C SER B 546 -54.89 5.06 22.11
N ASN B 547 -54.50 4.70 20.89
CA ASN B 547 -53.89 3.41 20.59
C ASN B 547 -52.63 3.21 21.44
N LEU B 548 -52.64 2.19 22.29
CA LEU B 548 -51.52 1.85 23.15
C LEU B 548 -50.32 1.30 22.37
N ALA B 549 -50.49 1.02 21.09
CA ALA B 549 -49.35 0.62 20.26
C ALA B 549 -48.33 1.77 20.13
N ASN B 550 -48.81 3.01 20.18
CA ASN B 550 -47.96 4.19 19.90
C ASN B 550 -46.96 4.35 21.02
N ASN B 551 -45.68 4.33 20.69
CA ASN B 551 -44.62 4.47 21.68
C ASN B 551 -44.73 3.46 22.80
N ARG B 552 -45.10 2.24 22.44
CA ARG B 552 -45.29 1.23 23.46
C ARG B 552 -44.01 0.89 24.23
N GLN B 553 -42.87 0.82 23.55
CA GLN B 553 -41.65 0.44 24.23
C GLN B 553 -41.24 1.48 25.29
N VAL B 554 -41.32 2.75 24.93
CA VAL B 554 -41.02 3.83 25.88
C VAL B 554 -42.01 3.80 27.06
N ARG B 555 -43.30 3.73 26.80
CA ARG B 555 -44.28 3.66 27.87
C ARG B 555 -44.05 2.48 28.81
N MET B 556 -43.69 1.31 28.27
CA MET B 556 -43.54 0.13 29.08
C MET B 556 -42.20 0.04 29.76
N LEU B 557 -41.23 0.88 29.37
CA LEU B 557 -39.94 0.90 30.04
C LEU B 557 -39.78 2.10 30.99
N ALA B 558 -40.65 3.08 30.89
CA ALA B 558 -40.56 4.27 31.70
C ALA B 558 -41.20 4.04 33.05
N ASP B 559 -40.78 4.84 34.03
CA ASP B 559 -41.49 4.94 35.32
C ASP B 559 -42.63 5.92 35.17
N LEU B 560 -43.85 5.39 35.00
CA LEU B 560 -44.96 6.23 34.59
C LEU B 560 -45.41 7.18 35.72
N SER B 561 -45.03 6.87 36.95
N SER B 561 -45.03 6.88 36.95
CA SER B 561 -45.30 7.74 38.08
CA SER B 561 -45.33 7.76 38.08
C SER B 561 -44.73 9.15 37.85
C SER B 561 -44.72 9.16 37.86
N LEU B 562 -43.62 9.22 37.13
CA LEU B 562 -42.97 10.47 36.84
C LEU B 562 -43.80 11.43 36.00
N VAL B 563 -44.78 10.94 35.24
CA VAL B 563 -45.60 11.82 34.42
C VAL B 563 -47.05 11.85 34.91
N GLY B 564 -47.31 11.34 36.12
CA GLY B 564 -48.66 11.28 36.63
C GLY B 564 -49.48 10.08 36.11
N CYS B 565 -48.76 8.98 35.85
CA CYS B 565 -49.37 7.75 35.39
C CYS B 565 -50.08 7.98 34.07
N TYR B 566 -51.37 7.67 33.99
CA TYR B 566 -52.10 7.75 32.72
C TYR B 566 -52.91 9.07 32.59
N ASN B 567 -52.78 9.94 33.58
CA ASN B 567 -53.47 11.23 33.54
C ASN B 567 -52.68 12.23 32.67
N LEU B 568 -53.04 12.28 31.39
CA LEU B 568 -52.36 13.13 30.42
C LEU B 568 -52.46 14.62 30.76
N SER B 569 -53.51 15.02 31.47
CA SER B 569 -53.70 16.45 31.78
C SER B 569 -52.93 16.98 32.98
N THR B 570 -52.06 16.16 33.57
CA THR B 570 -51.23 16.64 34.69
C THR B 570 -50.18 17.62 34.24
N MET B 571 -49.75 17.52 32.99
CA MET B 571 -48.68 18.36 32.46
C MET B 571 -48.75 18.44 30.93
N ASN B 572 -48.00 19.35 30.34
CA ASN B 572 -47.94 19.49 28.89
C ASN B 572 -47.22 18.30 28.25
N GLU B 573 -47.58 17.97 27.03
CA GLU B 573 -46.91 16.93 26.31
C GLU B 573 -45.41 17.27 26.12
N SER B 574 -45.08 18.56 26.04
CA SER B 574 -43.68 18.96 25.84
C SER B 574 -42.84 18.74 27.12
N GLU B 575 -43.49 18.54 28.24
CA GLU B 575 -42.84 18.11 29.47
C GLU B 575 -42.86 16.59 29.65
N ARG B 576 -44.04 16.00 29.44
CA ARG B 576 -44.17 14.56 29.52
C ARG B 576 -43.21 13.78 28.60
N ASN B 577 -43.05 14.19 27.36
CA ASN B 577 -42.26 13.40 26.43
C ASN B 577 -40.77 13.23 26.78
N PRO B 578 -40.06 14.34 27.12
CA PRO B 578 -38.66 14.15 27.54
C PRO B 578 -38.53 13.36 28.84
N ILE B 579 -39.50 13.47 29.75
CA ILE B 579 -39.49 12.64 30.95
C ILE B 579 -39.57 11.15 30.61
N LEU B 580 -40.56 10.77 29.79
CA LEU B 580 -40.73 9.38 29.38
C LEU B 580 -39.51 8.84 28.71
N LEU B 581 -38.95 9.59 27.75
CA LEU B 581 -37.82 9.10 27.02
C LEU B 581 -36.61 8.92 27.88
N ALA B 582 -36.36 9.88 28.75
CA ALA B 582 -35.19 9.79 29.60
C ALA B 582 -35.34 8.63 30.58
N SER B 583 -36.54 8.44 31.11
CA SER B 583 -36.79 7.37 32.04
C SER B 583 -36.61 6.01 31.36
N ALA B 584 -37.19 5.83 30.17
CA ALA B 584 -37.05 4.55 29.47
C ALA B 584 -35.60 4.25 29.19
N LYS B 585 -34.87 5.25 28.69
CA LYS B 585 -33.46 5.05 28.37
C LYS B 585 -32.69 4.61 29.59
N SER B 586 -32.91 5.30 30.71
CA SER B 586 -32.23 5.01 31.96
C SER B 586 -32.60 3.63 32.53
N ASN B 587 -33.90 3.34 32.61
CA ASN B 587 -34.33 2.00 33.08
C ASN B 587 -33.78 0.89 32.20
N LEU B 588 -33.79 1.12 30.90
CA LEU B 588 -33.28 0.11 29.98
C LEU B 588 -31.78 -0.12 30.19
N LYS B 589 -31.04 0.97 30.25
CA LYS B 589 -29.59 0.84 30.31
C LYS B 589 -29.18 0.21 31.64
N ASN B 590 -29.98 0.44 32.65
CA ASN B 590 -29.68 -0.06 33.98
C ASN B 590 -30.14 -1.50 34.23
N MET B 591 -30.89 -2.08 33.28
CA MET B 591 -31.27 -3.47 33.39
C MET B 591 -30.03 -4.35 33.28
N ALA B 592 -30.15 -5.60 33.75
CA ALA B 592 -29.05 -6.54 33.62
C ALA B 592 -28.72 -6.82 32.17
N PHE B 593 -29.75 -6.89 31.34
CA PHE B 593 -29.54 -7.24 29.94
C PHE B 593 -30.76 -6.92 29.12
N TYR B 594 -30.56 -6.59 27.85
CA TYR B 594 -31.64 -6.64 26.87
C TYR B 594 -31.13 -7.07 25.51
N GLY B 595 -32.04 -7.63 24.72
CA GLY B 595 -31.75 -8.11 23.39
C GLY B 595 -32.54 -7.32 22.37
N LEU B 596 -32.19 -7.55 21.11
CA LEU B 596 -32.87 -6.94 20.00
C LEU B 596 -33.33 -8.03 19.04
N THR B 597 -34.57 -7.91 18.61
CA THR B 597 -35.22 -8.94 17.77
C THR B 597 -34.44 -9.20 16.48
N GLU B 598 -34.00 -8.12 15.82
CA GLU B 598 -33.20 -8.25 14.59
C GLU B 598 -31.78 -8.83 14.77
N PHE B 599 -31.30 -9.01 15.99
CA PHE B 599 -29.97 -9.60 16.23
C PHE B 599 -30.06 -10.81 17.13
N GLN B 600 -30.62 -11.91 16.63
CA GLN B 600 -30.84 -13.08 17.49
C GLN B 600 -29.56 -13.68 18.05
N ARG B 601 -28.55 -13.89 17.21
CA ARG B 601 -27.30 -14.50 17.67
C ARG B 601 -26.51 -13.59 18.61
N LYS B 602 -26.47 -12.31 18.30
CA LYS B 602 -25.80 -11.39 19.23
C LYS B 602 -26.55 -11.32 20.57
N THR B 603 -27.88 -11.34 20.51
CA THR B 603 -28.70 -11.43 21.71
C THR B 603 -28.36 -12.66 22.52
N GLN B 604 -28.31 -13.81 21.84
CA GLN B 604 -27.93 -15.04 22.51
C GLN B 604 -26.59 -14.83 23.20
N TYR B 605 -25.61 -14.36 22.44
CA TYR B 605 -24.22 -14.19 22.91
C TYR B 605 -24.14 -13.31 24.14
N LEU B 606 -24.83 -12.17 24.09
CA LEU B 606 -24.74 -11.25 25.22
C LEU B 606 -25.44 -11.78 26.47
N PHE B 607 -26.58 -12.43 26.30
CA PHE B 607 -27.25 -13.06 27.42
C PHE B 607 -26.29 -14.05 28.11
N GLU B 608 -25.68 -14.92 27.30
CA GLU B 608 -24.84 -15.99 27.82
C GLU B 608 -23.69 -15.41 28.62
N ARG B 609 -23.07 -14.38 28.07
CA ARG B 609 -21.90 -13.83 28.73
C ARG B 609 -22.32 -12.97 29.93
N THR B 610 -23.52 -12.40 29.90
CA THR B 610 -23.98 -11.57 31.01
C THR B 610 -24.21 -12.43 32.24
N PHE B 611 -24.86 -13.56 32.06
CA PHE B 611 -25.27 -14.40 33.17
C PHE B 611 -24.38 -15.64 33.40
N HIS B 612 -23.40 -15.85 32.53
CA HIS B 612 -22.57 -17.04 32.52
C HIS B 612 -23.44 -18.29 32.41
N LEU B 613 -24.26 -18.29 31.36
CA LEU B 613 -25.10 -19.42 31.00
C LEU B 613 -24.85 -19.73 29.52
N ARG B 614 -25.25 -20.93 29.08
CA ARG B 614 -25.17 -21.26 27.67
C ARG B 614 -26.50 -21.91 27.23
N PHE B 615 -26.97 -21.54 26.06
CA PHE B 615 -28.13 -22.17 25.48
C PHE B 615 -27.71 -23.51 24.80
N ILE B 616 -28.66 -24.43 24.70
CA ILE B 616 -28.45 -25.74 24.06
C ILE B 616 -28.48 -25.67 22.54
N SER B 617 -29.51 -25.08 21.97
CA SER B 617 -29.58 -24.87 20.53
C SER B 617 -29.39 -23.40 20.18
N ALA B 618 -28.76 -23.15 19.04
CA ALA B 618 -28.45 -21.79 18.62
C ALA B 618 -29.76 -21.04 18.37
N PHE B 619 -29.80 -19.76 18.76
CA PHE B 619 -30.87 -18.87 18.32
C PHE B 619 -30.82 -18.79 16.78
N THR B 620 -31.95 -18.52 16.14
CA THR B 620 -32.01 -18.36 14.71
C THR B 620 -32.72 -17.10 14.36
N GLN B 621 -32.27 -16.47 13.29
CA GLN B 621 -32.89 -15.29 12.74
C GLN B 621 -33.97 -15.66 11.74
N ILE B 622 -35.18 -15.16 11.97
CA ILE B 622 -36.30 -15.47 11.10
C ILE B 622 -36.89 -14.21 10.56
N ASN B 623 -36.35 -13.85 9.40
N ASN B 623 -36.33 -13.64 9.51
CA ASN B 623 -36.54 -12.59 8.67
CA ASN B 623 -36.82 -12.34 9.08
C ASN B 623 -37.94 -12.38 8.13
C ASN B 623 -37.93 -12.32 8.01
N SER B 624 -38.53 -13.47 7.71
CA SER B 624 -39.76 -13.46 6.95
C SER B 624 -40.92 -13.34 7.94
N THR B 625 -40.99 -12.21 8.62
CA THR B 625 -42.02 -11.95 9.61
C THR B 625 -43.25 -11.39 8.94
N ARG B 626 -44.35 -11.32 9.67
CA ARG B 626 -45.54 -10.65 9.16
C ARG B 626 -45.30 -9.18 8.86
N ALA B 627 -44.61 -8.50 9.76
CA ALA B 627 -44.27 -7.10 9.52
C ALA B 627 -43.45 -6.93 8.21
N ALA B 628 -42.43 -7.75 8.03
CA ALA B 628 -41.58 -7.62 6.85
C ALA B 628 -42.40 -7.85 5.56
N ASN B 629 -43.51 -8.57 5.68
CA ASN B 629 -44.37 -8.89 4.54
C ASN B 629 -45.31 -7.74 4.19
N VAL B 630 -45.44 -6.76 5.08
CA VAL B 630 -46.25 -5.61 4.77
C VAL B 630 -45.57 -4.74 3.70
N GLU B 631 -46.32 -4.36 2.67
CA GLU B 631 -45.78 -3.52 1.61
C GLU B 631 -46.03 -2.11 2.04
N LEU B 632 -44.94 -1.46 2.46
CA LEU B 632 -45.02 -0.17 3.11
C LEU B 632 -44.45 0.91 2.23
N ARG B 633 -45.28 1.88 1.81
CA ARG B 633 -44.78 3.02 1.09
C ARG B 633 -43.93 3.90 2.05
N ASP B 634 -43.01 4.69 1.52
CA ASP B 634 -42.18 5.53 2.36
C ASP B 634 -42.99 6.59 3.11
N ASP B 635 -44.06 7.09 2.50
CA ASP B 635 -44.92 8.08 3.15
C ASP B 635 -45.59 7.47 4.38
N MET B 636 -45.90 6.19 4.29
CA MET B 636 -46.59 5.50 5.35
C MET B 636 -45.59 5.19 6.47
N ARG B 637 -44.36 4.81 6.08
CA ARG B 637 -43.31 4.54 7.05
C ARG B 637 -43.07 5.79 7.90
N SER B 638 -42.97 6.93 7.24
CA SER B 638 -42.84 8.22 7.96
C SER B 638 -43.95 8.51 8.93
N ARG B 639 -45.19 8.22 8.56
CA ARG B 639 -46.29 8.47 9.47
C ARG B 639 -46.20 7.53 10.69
N ILE B 640 -45.81 6.29 10.47
CA ILE B 640 -45.68 5.35 11.57
C ILE B 640 -44.53 5.81 12.48
N GLU B 641 -43.43 6.26 11.90
CA GLU B 641 -42.31 6.75 12.71
C GLU B 641 -42.70 7.94 13.59
N GLN B 642 -43.56 8.81 13.06
CA GLN B 642 -43.97 9.99 13.78
C GLN B 642 -44.94 9.63 14.91
N LEU B 643 -45.81 8.66 14.69
CA LEU B 643 -46.65 8.15 15.75
C LEU B 643 -45.82 7.48 16.83
N ASN B 644 -44.63 7.03 16.50
CA ASN B 644 -43.78 6.33 17.44
C ASN B 644 -42.43 7.07 17.67
N MET B 645 -42.47 8.39 17.68
N MET B 645 -42.53 8.39 17.71
CA MET B 645 -41.22 9.17 17.67
CA MET B 645 -41.36 9.27 17.72
C MET B 645 -40.41 8.96 18.94
C MET B 645 -40.45 9.01 18.92
N LEU B 646 -41.07 8.74 20.07
CA LEU B 646 -40.32 8.41 21.28
C LEU B 646 -39.63 7.05 21.17
N ASP B 647 -40.35 6.06 20.68
CA ASP B 647 -39.74 4.75 20.46
C ASP B 647 -38.63 4.83 19.46
N MET B 648 -38.76 5.69 18.44
CA MET B 648 -37.73 5.74 17.42
C MET B 648 -36.41 6.17 18.10
N GLN B 649 -36.50 7.17 18.98
CA GLN B 649 -35.32 7.65 19.69
C GLN B 649 -34.81 6.61 20.68
N LEU B 650 -35.72 5.93 21.38
CA LEU B 650 -35.30 4.86 22.31
C LEU B 650 -34.56 3.76 21.59
N TYR B 651 -35.11 3.33 20.44
CA TYR B 651 -34.47 2.25 19.67
C TYR B 651 -33.13 2.65 19.08
N GLU B 652 -33.01 3.90 18.61
CA GLU B 652 -31.72 4.37 18.13
C GLU B 652 -30.66 4.25 19.25
N PHE B 653 -31.04 4.70 20.44
CA PHE B 653 -30.18 4.59 21.62
C PHE B 653 -29.87 3.11 21.97
N ALA B 654 -30.91 2.29 21.99
CA ALA B 654 -30.77 0.89 22.43
C ALA B 654 -29.91 0.09 21.46
N LYS B 655 -30.08 0.36 20.17
CA LYS B 655 -29.35 -0.36 19.14
C LYS B 655 -27.86 -0.03 19.22
N ASP B 656 -27.58 1.24 19.36
CA ASP B 656 -26.18 1.70 19.56
C ASP B 656 -25.56 1.05 20.78
N LEU B 657 -26.21 1.19 21.93
CA LEU B 657 -25.73 0.60 23.17
C LEU B 657 -25.56 -0.92 23.04
N PHE B 658 -26.52 -1.57 22.40
CA PHE B 658 -26.49 -3.04 22.30
C PHE B 658 -25.30 -3.51 21.47
N LEU B 659 -25.09 -2.88 20.33
CA LEU B 659 -23.95 -3.20 19.47
C LEU B 659 -22.60 -2.85 20.10
N GLN B 660 -22.53 -1.77 20.86
CA GLN B 660 -21.31 -1.47 21.55
C GLN B 660 -21.02 -2.50 22.64
N ARG B 661 -22.06 -2.93 23.36
CA ARG B 661 -21.88 -3.96 24.36
C ARG B 661 -21.36 -5.22 23.69
N TYR B 662 -21.93 -5.57 22.55
CA TYR B 662 -21.56 -6.79 21.86
C TYR B 662 -20.06 -6.72 21.49
N GLN B 663 -19.67 -5.63 20.84
CA GLN B 663 -18.25 -5.43 20.48
C GLN B 663 -17.31 -5.42 21.69
N PHE B 664 -17.74 -4.81 22.77
CA PHE B 664 -16.95 -4.76 23.99
C PHE B 664 -16.68 -6.13 24.56
N VAL B 665 -17.75 -6.92 24.75
CA VAL B 665 -17.63 -8.23 25.35
C VAL B 665 -16.88 -9.17 24.41
N ARG B 666 -17.18 -9.08 23.13
CA ARG B 666 -16.54 -9.92 22.12
C ARG B 666 -15.02 -9.69 22.04
N GLN B 667 -14.63 -8.42 22.08
CA GLN B 667 -13.21 -8.08 22.02
C GLN B 667 -12.51 -8.44 23.32
N ARG B 668 -13.16 -8.26 24.45
CA ARG B 668 -12.61 -8.71 25.71
C ARG B 668 -12.41 -10.25 25.76
N GLU B 669 -13.28 -10.98 25.08
CA GLU B 669 -13.17 -12.44 25.13
C GLU B 669 -12.09 -12.97 24.18
N ARG B 670 -11.92 -12.34 23.03
CA ARG B 670 -10.99 -12.83 22.01
C ARG B 670 -9.57 -12.38 22.38
N GLN B 671 -8.85 -13.25 23.10
CA GLN B 671 -7.58 -12.93 23.73
C GLN B 671 -6.44 -13.62 23.07
N GLU B 672 -6.69 -14.19 21.90
CA GLU B 672 -5.74 -15.11 21.31
C GLU B 672 -4.43 -14.40 20.92
N GLU B 673 -4.57 -13.33 20.14
CA GLU B 673 -3.43 -12.54 19.71
C GLU B 673 -2.66 -11.99 20.90
N ARG B 674 -3.39 -11.41 21.85
CA ARG B 674 -2.76 -10.86 23.04
C ARG B 674 -1.88 -11.92 23.71
N LEU B 675 -2.28 -13.19 23.60
CA LEU B 675 -1.54 -14.29 24.21
C LEU B 675 -0.29 -14.72 23.44
N LYS B 676 -0.36 -14.76 22.11
CA LYS B 676 0.83 -14.98 21.29
C LYS B 676 1.89 -13.90 21.56
N ARG B 677 1.46 -12.64 21.45
CA ARG B 677 2.31 -11.52 21.76
C ARG B 677 2.93 -11.65 23.16
N ARG B 678 2.19 -12.19 24.13
CA ARG B 678 2.76 -12.36 25.48
C ARG B 678 3.86 -13.43 25.51
N GLU B 679 3.66 -14.53 24.78
CA GLU B 679 4.61 -15.64 24.78
C GLU B 679 5.95 -15.27 24.12
N GLU B 680 5.87 -14.46 23.05
CA GLU B 680 7.07 -14.04 22.32
C GLU B 680 7.87 -12.99 23.09
N ARG B 681 7.15 -12.16 23.85
CA ARG B 681 7.79 -11.17 24.73
C ARG B 681 8.57 -11.82 25.87
N ARG B 682 8.03 -12.90 26.43
CA ARG B 682 8.74 -13.70 27.42
C ARG B 682 9.91 -14.45 26.76
N TRP B 683 9.70 -14.92 25.52
CA TRP B 683 10.75 -15.59 24.78
C TRP B 683 11.90 -14.61 24.52
N ILE B 684 11.55 -13.42 24.02
CA ILE B 684 12.52 -12.35 23.80
C ILE B 684 13.27 -12.03 25.11
N ARG B 685 12.60 -12.26 26.23
CA ARG B 685 13.15 -11.94 27.55
C ARG B 685 14.24 -12.94 27.95
N GLU B 686 13.91 -14.22 27.84
CA GLU B 686 14.80 -15.31 28.26
C GLU B 686 16.13 -15.30 27.52
N ARG B 687 16.11 -14.96 26.24
CA ARG B 687 17.32 -14.86 25.44
C ARG B 687 18.02 -13.53 25.75
C1 BDP C . 29.77 -5.12 -64.30
C2 BDP C . 29.81 -6.40 -63.48
C3 BDP C . 29.19 -6.22 -62.10
C4 BDP C . 29.65 -4.93 -61.43
C5 BDP C . 29.56 -3.77 -62.40
C6 BDP C . 30.10 -2.47 -61.82
O2 BDP C . 29.10 -7.39 -64.18
O3 BDP C . 29.55 -7.33 -61.31
O4 BDP C . 28.85 -4.67 -60.30
O5 BDP C . 30.33 -4.06 -63.56
O6A BDP C . 31.32 -2.40 -61.59
O6B BDP C . 29.30 -1.53 -61.61
C1 GNS C . 29.65 -4.45 -59.14
C2 GNS C . 29.16 -5.31 -57.98
N2 GNS C . 29.34 -6.73 -58.32
S1 GNS C . 30.68 -7.47 -57.83
O1S GNS C . 30.71 -7.46 -56.41
O2S GNS C . 30.66 -8.81 -58.29
O3S GNS C . 31.81 -6.77 -58.31
C3 GNS C . 27.70 -5.01 -57.71
O3 GNS C . 27.26 -5.73 -56.58
C4 GNS C . 27.50 -3.50 -57.51
C5 GNS C . 28.22 -2.69 -58.60
O5 GNS C . 29.56 -3.11 -58.73
C6 GNS C . 28.22 -1.20 -58.30
O6 GNS C . 28.85 -1.01 -57.06
O4 GNS C . 26.11 -3.22 -57.48
C1 IDS C . 25.76 -2.53 -56.25
C2 IDS C . 24.44 -1.79 -56.46
C3 IDS C . 23.24 -2.74 -56.48
C4 IDS C . 23.32 -3.76 -55.34
C5 IDS C . 24.71 -4.39 -55.29
C6 IDS C . 24.87 -5.39 -54.15
O2 IDS C . 24.27 -0.82 -55.37
O3 IDS C . 23.17 -3.41 -57.73
O4 IDS C . 23.08 -3.10 -54.10
O5 IDS C . 25.68 -3.38 -55.12
O6A IDS C . 25.72 -5.15 -53.24
O6B IDS C . 24.14 -6.42 -54.15
S IDS C . 24.67 0.62 -55.62
O1S IDS C . 23.77 1.17 -56.64
O2S IDS C . 26.06 0.69 -56.05
O3S IDS C . 24.52 1.37 -54.37
C1 GNS C . 21.70 -3.25 -53.71
C2 GNS C . 21.34 -2.15 -52.70
N2 GNS C . 21.69 -0.85 -53.30
S1 GNS C . 20.58 -0.12 -54.21
O1S GNS C . 19.37 0.01 -53.47
O2S GNS C . 20.30 -0.91 -55.35
O3S GNS C . 21.08 1.17 -54.54
C3 GNS C . 22.12 -2.31 -51.40
O3 GNS C . 21.66 -1.35 -50.47
C4 GNS C . 21.95 -3.73 -50.84
C5 GNS C . 22.22 -4.76 -51.95
O5 GNS C . 21.44 -4.50 -53.11
C6 GNS C . 21.94 -6.20 -51.52
O6 GNS C . 20.57 -6.30 -51.18
O4 GNS C . 22.84 -3.88 -49.73
C1 BDP C . 22.22 -4.57 -48.61
C2 BDP C . 23.33 -5.21 -47.77
C3 BDP C . 22.74 -6.07 -46.66
C4 BDP C . 21.65 -5.33 -45.89
C5 BDP C . 20.71 -4.59 -46.84
C6 BDP C . 19.70 -3.66 -46.17
O2 BDP C . 24.13 -6.04 -48.60
O3 BDP C . 23.79 -6.51 -45.84
O4 BDP C . 20.88 -6.28 -45.17
O5 BDP C . 21.43 -3.79 -47.76
O6A BDP C . 20.02 -2.49 -45.87
O6B BDP C . 18.55 -4.12 -45.98
C1 GNS C . 21.32 -6.51 -43.84
C2 GNS C . 20.81 -7.88 -43.41
N2 GNS C . 21.28 -8.93 -44.35
S1 GNS C . 22.70 -9.63 -44.07
O1S GNS C . 22.68 -10.24 -42.79
O2S GNS C . 22.94 -10.64 -45.04
O3S GNS C . 23.67 -8.61 -44.17
C3 GNS C . 19.28 -7.87 -43.43
O3 GNS C . 18.79 -9.12 -43.02
C4 GNS C . 18.80 -6.76 -42.49
C5 GNS C . 19.40 -5.42 -42.87
O5 GNS C . 20.82 -5.53 -42.92
C6 GNS C . 19.03 -4.35 -41.84
O6 GNS C . 19.56 -4.74 -40.59
O4 GNS C . 17.40 -6.70 -42.57
C1 GLC D . 29.18 -11.00 7.23
C2 GLC D . 27.66 -11.11 7.37
C3 GLC D . 26.95 -10.45 6.20
C4 GLC D . 27.51 -9.05 5.89
C5 GLC D . 29.04 -9.11 5.80
C6 GLC D . 29.61 -7.71 5.60
O1 GLC D . 29.61 -11.84 6.21
O2 GLC D . 27.29 -12.47 7.38
O3 GLC D . 25.57 -10.38 6.50
O4 GLC D . 26.97 -8.61 4.66
O5 GLC D . 29.59 -9.67 6.97
O6 GLC D . 30.97 -7.78 5.22
C1 GLC D . 25.89 -7.71 4.81
C2 GLC D . 24.79 -8.09 3.83
C3 GLC D . 25.39 -8.03 2.43
C4 GLC D . 25.96 -6.65 2.13
C5 GLC D . 26.90 -6.20 3.26
C6 GLC D . 27.35 -4.74 3.11
O2 GLC D . 24.35 -9.40 4.10
O3 GLC D . 24.45 -8.44 1.46
O4 GLC D . 26.69 -6.70 0.91
O5 GLC D . 26.31 -6.38 4.54
O6 GLC D . 28.48 -4.41 3.91
C1 GLC D . 26.15 -5.89 -0.14
C2 GLC D . 26.09 -6.67 -1.44
C3 GLC D . 27.50 -7.13 -1.81
C4 GLC D . 28.46 -5.93 -1.87
C5 GLC D . 28.31 -5.06 -0.63
C6 GLC D . 29.06 -3.75 -0.85
O2 GLC D . 25.23 -7.77 -1.28
O3 GLC D . 27.45 -7.81 -3.04
O4 GLC D . 29.83 -6.31 -1.89
O5 GLC D . 26.96 -4.75 -0.37
O6 GLC D . 29.27 -3.13 0.39
C1 GLC D . 30.35 -6.44 -3.22
C2 GLC D . 31.55 -7.39 -3.26
C3 GLC D . 32.77 -6.68 -2.68
C4 GLC D . 33.04 -5.44 -3.52
C5 GLC D . 31.84 -4.50 -3.44
C6 GLC D . 32.03 -3.25 -4.30
O2 GLC D . 31.31 -8.55 -2.50
O3 GLC D . 33.87 -7.56 -2.70
O4 GLC D . 34.20 -4.80 -3.03
O5 GLC D . 30.66 -5.18 -3.84
O6 GLC D . 32.03 -3.57 -5.68
C1 BDP E . -58.21 -19.17 46.23
C2 BDP E . -58.60 -17.69 46.16
C3 BDP E . -58.94 -17.23 44.75
C4 BDP E . -57.88 -17.70 43.75
C5 BDP E . -57.68 -19.20 43.95
C6 BDP E . -56.72 -19.79 42.92
O2 BDP E . -59.71 -17.51 47.01
O3 BDP E . -59.03 -15.82 44.74
O4 BDP E . -58.23 -17.48 42.40
O5 BDP E . -57.20 -19.43 45.27
O6A BDP E . -55.50 -19.59 43.05
O6B BDP E . -57.24 -20.42 41.99
C1 GNS E . -57.68 -16.19 41.85
C2 GNS E . -58.29 -15.90 40.49
N2 GNS E . -59.74 -16.04 40.64
S1 GNS E . -60.63 -14.74 40.91
O1S GNS E . -61.94 -15.15 41.32
O2S GNS E . -60.70 -13.96 39.72
O3S GNS E . -60.04 -13.96 41.95
C3 GNS E . -57.81 -16.91 39.44
O3 GNS E . -58.30 -16.54 38.18
C4 GNS E . -56.28 -17.01 39.43
C5 GNS E . -55.76 -17.18 40.86
O5 GNS E . -56.27 -16.17 41.71
C6 GNS E . -54.23 -17.19 40.96
O6 GNS E . -53.73 -15.96 40.47
O4 GNS E . -55.93 -18.12 38.60
C1 IDS E . -54.91 -17.79 37.63
C2 IDS E . -54.20 -19.07 37.19
C3 IDS E . -55.01 -19.87 36.15
C4 IDS E . -55.60 -18.97 35.07
C5 IDS E . -56.30 -17.77 35.72
C6 IDS E . -56.83 -16.88 34.60
O2 IDS E . -52.87 -18.79 36.63
O3 IDS E . -56.04 -20.55 36.82
O4 IDS E . -54.64 -18.47 34.17
O5 IDS E . -55.40 -17.04 36.52
O6A IDS E . -56.39 -15.71 34.52
O6B IDS E . -57.67 -17.37 33.79
S IDS E . -51.71 -18.87 37.60
O1S IDS E . -50.50 -18.49 36.85
O2S IDS E . -51.57 -20.23 38.11
O3S IDS E . -51.92 -17.94 38.72
C1 GNS E . -54.39 -19.38 33.09
C1 GNS E . -54.41 -19.50 32.91
C2 GNS E . -52.95 -19.22 32.62
C2 GNS E . -53.48 -19.75 31.72
N2 GNS E . -52.11 -19.52 33.79
N2 GNS E . -52.37 -20.61 32.14
S1 GNS E . -50.68 -20.20 33.56
S1 GNS E . -52.03 -21.98 31.38
O1S GNS E . -50.41 -21.09 34.65
O1S GNS E . -53.07 -22.92 31.60
O2S GNS E . -50.70 -20.93 32.34
O2S GNS E . -51.92 -21.71 29.98
O3S GNS E . -49.68 -19.19 33.52
O3S GNS E . -50.81 -22.52 31.86
C3 GNS E . -52.74 -17.78 32.19
C3 GNS E . -52.93 -18.42 31.19
O3 GNS E . -51.38 -17.45 31.89
O3 GNS E . -52.23 -18.65 29.98
C4 GNS E . -53.70 -17.43 31.06
C4 GNS E . -54.05 -17.40 30.98
C5 GNS E . -55.10 -17.70 31.63
C5 GNS E . -54.99 -17.35 32.18
O5 GNS E . -55.21 -19.05 31.97
O5 GNS E . -55.44 -18.64 32.50
C6 GNS E . -56.23 -17.38 30.67
C6 GNS E . -56.20 -16.47 31.87
O6 GNS E . -56.15 -18.29 29.61
O6 GNS E . -56.99 -17.12 30.89
O4 GNS E . -53.54 -16.06 30.76
O4 GNS E . -53.49 -16.12 30.75
C1 BDP E . -53.53 -15.78 29.34
C2 BDP E . -54.07 -14.36 29.19
C3 BDP E . -54.06 -13.85 27.76
C4 BDP E . -52.71 -14.13 27.12
C5 BDP E . -52.28 -15.57 27.38
C6 BDP E . -50.89 -15.85 26.85
O2 BDP E . -55.40 -14.29 29.65
O3 BDP E . -54.37 -12.47 27.82
O4 BDP E . -52.78 -13.96 25.72
O5 BDP E . -52.25 -15.84 28.77
O6A BDP E . -50.79 -16.35 25.70
O6B BDP E . -49.91 -15.60 27.59
C1 GNS E . -52.52 -12.57 25.27
C2 GNS E . -53.17 -12.39 23.91
N2 GNS E . -54.59 -12.72 24.03
S1 GNS E . -55.61 -11.55 24.38
O1S GNS E . -56.94 -12.03 24.36
O2S GNS E . -55.45 -10.46 23.49
O3S GNS E . -55.31 -11.07 25.70
C3 GNS E . -52.55 -13.34 22.90
O3 GNS E . -53.06 -13.16 21.60
C4 GNS E . -51.05 -13.06 22.87
C5 GNS E . -50.42 -13.18 24.26
O5 GNS E . -51.13 -12.34 25.17
C6 GNS E . -48.94 -12.77 24.26
O6 GNS E . -48.86 -11.41 23.85
O4 GNS E . -50.49 -13.97 21.96
C1 GLC F . -7.57 10.24 -3.50
C2 GLC F . -8.54 11.41 -3.31
C3 GLC F . -9.33 11.27 -2.00
C4 GLC F . -9.88 9.86 -1.79
C5 GLC F . -8.83 8.79 -2.09
C6 GLC F . -9.43 7.39 -2.01
O1 GLC F . -6.53 10.36 -2.55
O2 GLC F . -7.80 12.61 -3.30
O3 GLC F . -10.39 12.21 -1.97
O4 GLC F . -10.33 9.68 -0.46
O5 GLC F . -8.23 8.99 -3.36
O6 GLC F . -8.38 6.44 -1.86
C1 GLC F . -11.78 9.81 -0.35
C2 GLC F . -12.09 10.68 0.86
C3 GLC F . -11.50 9.99 2.09
C4 GLC F . -12.06 8.57 2.21
C5 GLC F . -11.92 7.80 0.89
C6 GLC F . -12.63 6.43 0.95
O2 GLC F . -11.51 11.96 0.71
O3 GLC F . -11.69 10.74 3.28
O4 GLC F . -11.34 7.86 3.19
O5 GLC F . -12.42 8.55 -0.22
O6 GLC F . -12.35 5.64 -0.19
C1 GLC F . -12.13 7.54 4.35
C2 GLC F . -11.38 7.91 5.62
C3 GLC F . -10.06 7.16 5.67
C4 GLC F . -10.27 5.65 5.50
C5 GLC F . -11.22 5.36 4.33
C6 GLC F . -11.60 3.89 4.29
O2 GLC F . -11.21 9.31 5.66
O3 GLC F . -9.44 7.40 6.91
O4 GLC F . -9.06 4.94 5.24
O5 GLC F . -12.39 6.16 4.40
O6 GLC F . -12.13 3.51 3.04
C1 GLC F . -8.33 4.47 6.45
C2 GLC F . -6.84 4.33 6.14
C3 GLC F . -6.54 3.08 5.33
C4 GLC F . -7.14 1.87 6.02
C5 GLC F . -8.65 2.10 6.21
C6 GLC F . -9.26 0.88 6.89
O2 GLC F . -6.40 5.43 5.38
O3 GLC F . -5.14 2.91 5.18
O4 GLC F . -6.92 0.70 5.26
O5 GLC F . -8.87 3.26 6.98
O6 GLC F . -10.67 0.91 6.79
P1 A3P G . 10.86 -7.83 -33.76
O1P A3P G . 11.90 -8.56 -34.56
O2P A3P G . 9.48 -7.97 -34.40
O3P A3P G . 10.85 -8.33 -32.35
P2 A3P G . 15.13 -3.03 -37.31
O4P A3P G . 15.69 -4.34 -37.77
O5P A3P G . 16.17 -2.09 -36.71
O6P A3P G . 14.41 -2.26 -38.38
O5' A3P G . 14.14 -3.34 -36.09
C5' A3P G . 13.04 -4.25 -36.27
C4' A3P G . 12.35 -4.47 -34.94
O4' A3P G . 11.71 -3.24 -34.52
C3' A3P G . 11.24 -5.52 -34.99
O3' A3P G . 11.17 -6.24 -33.76
C2' A3P G . 9.98 -4.67 -35.13
O2' A3P G . 8.83 -5.35 -34.71
C1' A3P G . 10.35 -3.48 -34.24
N9 A3P G . 9.56 -2.30 -34.60
C8 A3P G . 9.57 -1.63 -35.79
N7 A3P G . 8.70 -0.65 -35.85
C5 A3P G . 8.07 -0.69 -34.63
C6 A3P G . 7.03 0.09 -34.07
N6 A3P G . 6.44 1.10 -34.71
N1 A3P G . 6.65 -0.20 -32.80
C2 A3P G . 7.23 -1.21 -32.17
N3 A3P G . 8.21 -2.03 -32.59
C4 A3P G . 8.59 -1.71 -33.84
C1 NPO H . 30.31 -2.52 -68.56
C2 NPO H . 29.41 -2.42 -67.51
C3 NPO H . 29.48 -3.36 -66.47
C4 NPO H . 30.43 -4.39 -66.52
C5 NPO H . 31.31 -4.47 -67.60
C6 NPO H . 31.25 -3.53 -68.62
OH NPO H . 30.52 -5.35 -65.50
N1 NPO H . 30.27 -1.56 -69.67
O2 NPO H . 31.10 -1.72 -70.55
O3 NPO H . 29.40 -0.69 -69.65
C1 EDO I . 34.80 -30.28 1.03
O1 EDO I . 33.40 -30.35 0.73
C2 EDO I . 35.55 -30.46 -0.28
O2 EDO I . 35.27 -29.30 -1.09
C1 EDO J . 40.39 15.57 -5.08
O1 EDO J . 39.88 14.90 -3.92
C2 EDO J . 39.25 16.01 -5.97
O2 EDO J . 38.59 14.85 -6.50
C1 EDO K . 12.41 2.51 -48.12
O1 EDO K . 12.75 1.90 -49.38
C2 EDO K . 12.41 4.02 -48.26
O2 EDO K . 11.49 4.44 -49.25
C1 EDO L . 8.47 -4.69 -28.14
O1 EDO L . 9.16 -5.89 -28.53
C2 EDO L . 9.19 -3.44 -28.63
O2 EDO L . 10.51 -3.45 -28.03
C1 EDO M . 34.30 -4.47 -28.73
O1 EDO M . 33.51 -5.59 -28.34
C2 EDO M . 34.52 -3.68 -27.44
O2 EDO M . 35.09 -4.54 -26.43
C1 EDO N . 38.14 -21.24 7.91
O1 EDO N . 38.74 -20.44 8.92
C2 EDO N . 37.00 -22.06 8.53
O2 EDO N . 37.59 -23.03 9.40
C1 EDO O . 11.27 -9.19 4.02
O1 EDO O . 11.78 -7.93 3.55
C2 EDO O . 12.35 -9.85 4.85
O2 EDO O . 12.69 -9.02 5.96
C1 EDO P . 8.74 -7.45 -38.27
O1 EDO P . 9.22 -8.21 -37.13
C2 EDO P . 9.47 -6.13 -38.53
O2 EDO P . 10.91 -6.26 -38.72
C1 EDO Q . 29.82 -1.68 -15.56
O1 EDO Q . 28.74 -2.62 -15.46
C2 EDO Q . 29.57 -0.58 -14.60
O2 EDO Q . 30.58 0.39 -14.76
CL CL R . 4.81 7.10 -26.72
CL CL S . 24.08 0.55 -49.78
CL CL T . 8.77 22.85 -33.17
NA NA U . 25.76 -22.46 -40.00
NA NA V . 21.64 2.33 -56.51
NA NA W . 13.73 -7.19 -40.39
NA NA X . 17.50 -6.46 -46.91
NA NA Y . 6.43 -12.39 -24.61
O1 TLA Z . 13.56 -10.97 -42.39
O11 TLA Z . 13.28 -9.09 -41.28
C1 TLA Z . 13.48 -9.73 -42.34
C2 TLA Z . 13.67 -8.93 -43.62
O2 TLA Z . 13.53 -9.78 -44.76
C3 TLA Z . 15.08 -8.36 -43.59
O3 TLA Z . 16.04 -9.43 -43.58
C4 TLA Z . 15.33 -7.45 -44.81
O4 TLA Z . 16.17 -7.81 -45.65
O41 TLA Z . 14.67 -6.40 -44.91
O1 TLA AA . 16.13 -34.04 -7.79
O11 TLA AA . 14.22 -33.19 -7.15
C1 TLA AA . 15.04 -33.48 -8.03
C2 TLA AA . 14.72 -33.12 -9.49
O2 TLA AA . 15.68 -33.71 -10.37
C3 TLA AA . 14.77 -31.60 -9.60
O3 TLA AA . 16.08 -31.16 -9.23
C4 TLA AA . 14.51 -31.18 -11.04
O4 TLA AA . 15.41 -30.58 -11.67
O41 TLA AA . 13.38 -31.43 -11.52
P1 A3P BA . -44.47 -10.61 13.23
O1P A3P BA . -44.29 -11.91 12.50
O2P A3P BA . -44.09 -9.45 12.36
O3P A3P BA . -45.86 -10.44 13.79
P2 A3P BA . -44.22 -11.64 20.42
O4P A3P BA . -43.86 -13.08 20.74
O5P A3P BA . -45.72 -11.49 20.23
O6P A3P BA . -43.70 -10.74 21.53
O5' A3P BA . -43.46 -11.19 19.09
C5' A3P BA . -43.73 -11.87 17.85
C4' A3P BA . -42.99 -11.18 16.72
O4' A3P BA . -41.56 -11.43 16.84
C3' A3P BA . -43.39 -11.70 15.34
O3' A3P BA . -43.40 -10.63 14.41
C2' A3P BA . -42.26 -12.67 15.01
O2' A3P BA . -42.12 -12.99 13.64
C1' A3P BA . -41.08 -11.95 15.63
N9 A3P BA . -39.99 -12.90 15.92
C8 A3P BA . -40.02 -13.95 16.81
N7 A3P BA . -38.92 -14.67 16.80
C5 A3P BA . -38.13 -14.08 15.83
C6 A3P BA . -36.85 -14.37 15.33
N6 A3P BA . -36.12 -15.41 15.76
N1 A3P BA . -36.35 -13.58 14.36
C2 A3P BA . -37.11 -12.56 13.91
N3 A3P BA . -38.31 -12.18 14.30
C4 A3P BA . -38.78 -12.98 15.28
C1 NPO CA . -57.14 -23.52 48.44
C2 NPO CA . -57.54 -23.15 47.16
C3 NPO CA . -57.76 -21.81 46.87
C4 NPO CA . -57.58 -20.85 47.85
C5 NPO CA . -57.17 -21.24 49.13
C6 NPO CA . -56.95 -22.58 49.43
OH NPO CA . -57.79 -19.49 47.57
N1 NPO CA . -56.91 -24.94 48.72
C1 EDO DA . -38.27 -8.39 11.42
O1 EDO DA . -39.63 -7.93 11.21
C2 EDO DA . -37.80 -8.41 12.89
O2 EDO DA . -38.01 -7.10 13.49
C1 EDO EA . -20.56 21.01 3.77
O1 EDO EA . -20.95 19.68 4.17
C2 EDO EA . -19.63 20.93 2.57
O2 EDO EA . -20.26 20.10 1.56
C1 EDO FA . -47.96 7.84 29.76
O1 EDO FA . -48.41 9.05 29.17
C2 EDO FA . -49.15 6.88 29.73
O2 EDO FA . -49.53 6.71 28.37
C1 EDO GA . -27.42 7.57 28.76
O1 EDO GA . -26.83 7.72 30.07
C2 EDO GA . -28.89 8.00 28.88
O2 EDO GA . -29.47 7.40 30.08
C1 EDO HA . -15.32 29.28 -14.25
O1 EDO HA . -14.87 29.45 -15.61
C2 EDO HA . -16.09 27.97 -14.12
O2 EDO HA . -16.02 27.49 -12.76
C1 EDO IA . -38.99 13.96 23.62
O1 EDO IA . -38.19 14.82 24.39
C2 EDO IA . -38.32 13.74 22.30
O2 EDO IA . -39.31 13.72 21.28
CL CL JA . -50.24 19.06 25.81
NA NA KA . -65.04 -4.56 17.22
NA NA LA . -23.92 17.72 -8.86
O1 TLA MA . -50.29 -17.50 20.99
O11 TLA MA . -52.24 -16.74 21.66
C1 TLA MA . -51.29 -16.75 20.85
C2 TLA MA . -51.34 -15.82 19.64
O2 TLA MA . -52.53 -15.05 19.74
C3 TLA MA . -51.40 -16.64 18.36
O3 TLA MA . -52.68 -17.29 18.27
C4 TLA MA . -51.27 -15.69 17.17
O4 TLA MA . -50.15 -15.19 16.94
O41 TLA MA . -52.30 -15.46 16.49
O1 TLA NA . -42.28 -17.73 19.09
O11 TLA NA . -43.97 -19.04 18.56
C1 TLA NA . -43.27 -18.01 18.38
C2 TLA NA . -43.63 -17.04 17.26
O2 TLA NA . -42.71 -15.95 17.25
C3 TLA NA . -45.03 -16.47 17.40
O3 TLA NA . -45.14 -15.73 18.63
C4 TLA NA . -45.26 -15.50 16.23
O4 TLA NA . -44.98 -15.88 15.08
O41 TLA NA . -45.71 -14.37 16.48
#